data_4WOE
#
_entry.id   4WOE
#
_cell.length_a   107.695
_cell.length_b   122.220
_cell.length_c   63.060
_cell.angle_alpha   90.00
_cell.angle_beta   108.06
_cell.angle_gamma   90.00
#
_symmetry.space_group_name_H-M   'P 1 21 1'
#
loop_
_entity.id
_entity.type
_entity.pdbx_description
1 polymer 'Taurocyamine kinase'
2 non-polymer "ADENOSINE-5'-DIPHOSPHATE"
3 non-polymer Taurocyamine
4 non-polymer 'MAGNESIUM ION'
5 non-polymer 'NITRATE ION'
6 water water
#
_entity_poly.entity_id   1
_entity_poly.type   'polypeptide(L)'
_entity_poly.pdbx_seq_one_letter_code
;MQVESLQNLQVKIRNDERNHSLTKKYLTDDIVKKYQATKTSLGGTLAQCVNTNAYNPGALLPRSCDLNAYETFRDFFDAV
IADYHKVPDGKIQHPKSNFGDLKSLSFTDLNTYGNLVVSTRVRLGRTVEGFGFGPTLTKETRIELENKISTALHNLSGEY
EGTYYPLTGMSEEDRIKLVNDHFLFRNDDNVLRDAGGYIDWPTGRGIFINKQKNFLVWINEEDHIRVISMQKGGGLTAVY
KRLADAIQELSKSLKFAFNDRLGFITFCPSNLGTTLRASVHAKIPMLASLPNFKEICEKHGIQPRGTHGEHTESVGGIYD
LSNKRRLGLTELDAVTEMHSGVRALLELEVMLQEYNKGAPEGVMPVEPLTYLAKLLEGASIEKCYTRKYLTPEIIKKYDG
KRTTHGATLAHMIRNGAYNNRSICPRTGEAECYSTFIDYLDPLICDYHGVKDSAFKHPAPTFGDLSKLPFGDLDPTGKFI
VSTRVRVGRSVEGFLFPTIMSKTDRIKLEQVISGALKGLTGEHAGTYYPLTDMKEEDRKQLVEDHFLFKNDDPVLRDAGG
YRDWPVGRGIFHNNSKTFLVWVCEEDHMRIISMQQGGNLAAVYKRLIEGINAIGKSMKFAHSDKYGYITCCPSNLGTSMR
ASVLLKIPKLSSQPKKLDEICAKYMLQARGLYGEHTESPDGTYDISNKRRLGLTELQAAHEMAEGVAKMIEIEKGL
;
_entity_poly.pdbx_strand_id   A,B
#
# COMPACT_ATOMS: atom_id res chain seq x y z
N MET A 1 -36.38 -4.64 -47.15
CA MET A 1 -35.13 -5.38 -47.10
C MET A 1 -35.33 -6.73 -46.42
N GLN A 2 -35.02 -7.81 -47.15
CA GLN A 2 -35.22 -9.18 -46.67
C GLN A 2 -33.99 -9.73 -45.98
N VAL A 3 -34.09 -9.99 -44.68
CA VAL A 3 -32.94 -10.58 -43.99
C VAL A 3 -33.35 -11.85 -43.26
N GLU A 4 -32.36 -12.58 -42.76
CA GLU A 4 -32.64 -13.79 -41.98
C GLU A 4 -33.38 -13.45 -40.69
N SER A 5 -34.02 -14.46 -40.12
CA SER A 5 -34.64 -14.35 -38.80
C SER A 5 -33.66 -13.78 -37.76
N LEU A 6 -34.19 -13.02 -36.81
CA LEU A 6 -33.36 -12.44 -35.76
C LEU A 6 -32.58 -13.53 -34.99
N GLN A 7 -33.22 -14.68 -34.78
CA GLN A 7 -32.54 -15.76 -34.04
C GLN A 7 -31.38 -16.37 -34.87
N ASN A 8 -31.52 -16.46 -36.19
CA ASN A 8 -30.39 -16.92 -37.00
C ASN A 8 -29.23 -15.95 -36.84
N LEU A 9 -29.56 -14.66 -36.98
CA LEU A 9 -28.59 -13.59 -36.90
C LEU A 9 -27.83 -13.58 -35.57
N GLN A 10 -28.51 -13.95 -34.48
CA GLN A 10 -27.87 -13.99 -33.16
C GLN A 10 -26.89 -15.17 -33.04
N VAL A 11 -27.29 -16.34 -33.57
CA VAL A 11 -26.41 -17.49 -33.60
C VAL A 11 -25.12 -17.17 -34.36
N LYS A 12 -25.26 -16.67 -35.60
CA LYS A 12 -24.08 -16.34 -36.42
C LYS A 12 -23.14 -15.39 -35.70
N ILE A 13 -23.70 -14.32 -35.13
CA ILE A 13 -22.90 -13.35 -34.42
C ILE A 13 -22.19 -13.98 -33.23
N ARG A 14 -22.91 -14.81 -32.49
CA ARG A 14 -22.36 -15.36 -31.25
C ARG A 14 -21.30 -16.43 -31.47
N ASN A 15 -21.47 -17.23 -32.51
CA ASN A 15 -20.53 -18.31 -32.78
C ASN A 15 -19.31 -17.81 -33.55
N ASP A 16 -19.31 -16.54 -33.92
CA ASP A 16 -18.17 -15.98 -34.63
C ASP A 16 -17.13 -15.51 -33.64
N GLU A 17 -16.05 -16.28 -33.56
CA GLU A 17 -14.99 -16.03 -32.60
C GLU A 17 -14.37 -14.63 -32.80
N ARG A 18 -14.40 -14.14 -34.04
CA ARG A 18 -13.81 -12.84 -34.38
C ARG A 18 -14.68 -11.63 -34.01
N ASN A 19 -15.97 -11.86 -33.78
CA ASN A 19 -16.89 -10.75 -33.48
C ASN A 19 -16.77 -10.30 -32.04
N HIS A 20 -16.49 -9.02 -31.82
CA HIS A 20 -16.45 -8.48 -30.47
C HIS A 20 -17.34 -7.23 -30.31
N SER A 21 -18.40 -7.18 -31.11
CA SER A 21 -19.29 -6.03 -31.17
C SER A 21 -20.11 -5.80 -29.90
N LEU A 22 -20.51 -4.55 -29.68
CA LEU A 22 -21.51 -4.24 -28.68
C LEU A 22 -22.86 -4.89 -29.01
N THR A 23 -23.09 -5.19 -30.29
CA THR A 23 -24.28 -5.90 -30.67
C THR A 23 -24.28 -7.28 -30.06
N LYS A 24 -23.17 -7.99 -30.27
CA LYS A 24 -23.00 -9.32 -29.70
C LYS A 24 -23.18 -9.27 -28.19
N LYS A 25 -22.66 -8.21 -27.59
CA LYS A 25 -22.69 -8.07 -26.14
C LYS A 25 -24.12 -7.95 -25.60
N TYR A 26 -25.01 -7.28 -26.32
CA TYR A 26 -26.30 -6.93 -25.73
C TYR A 26 -27.50 -7.58 -26.43
N LEU A 27 -27.23 -8.26 -27.54
CA LEU A 27 -28.29 -8.98 -28.23
C LEU A 27 -28.51 -10.31 -27.51
N THR A 28 -29.20 -10.25 -26.36
CA THR A 28 -29.36 -11.41 -25.49
C THR A 28 -30.61 -12.21 -25.85
N ASP A 29 -30.67 -13.44 -25.34
CA ASP A 29 -31.82 -14.31 -25.52
C ASP A 29 -33.11 -13.62 -25.11
N ASP A 30 -33.07 -12.91 -23.99
CA ASP A 30 -34.23 -12.15 -23.56
C ASP A 30 -34.60 -11.13 -24.63
N ILE A 31 -33.59 -10.42 -25.10
CA ILE A 31 -33.78 -9.38 -26.12
C ILE A 31 -34.39 -9.98 -27.38
N VAL A 32 -33.87 -11.13 -27.81
CA VAL A 32 -34.38 -11.76 -29.03
C VAL A 32 -35.82 -12.24 -28.85
N LYS A 33 -36.11 -12.82 -27.69
CA LYS A 33 -37.47 -13.25 -27.38
C LYS A 33 -38.45 -12.07 -27.34
N LYS A 34 -38.02 -10.95 -26.79
CA LYS A 34 -38.93 -9.83 -26.62
C LYS A 34 -39.23 -9.12 -27.96
N TYR A 35 -38.28 -9.08 -28.88
CA TYR A 35 -38.43 -8.22 -30.06
C TYR A 35 -38.62 -8.95 -31.39
N GLN A 36 -38.59 -10.27 -31.39
CA GLN A 36 -38.48 -10.99 -32.66
C GLN A 36 -39.66 -10.80 -33.61
N ALA A 37 -40.82 -10.40 -33.10
CA ALA A 37 -41.98 -10.15 -33.96
C ALA A 37 -42.33 -8.67 -34.04
N THR A 38 -41.59 -7.82 -33.31
CA THR A 38 -41.95 -6.42 -33.22
C THR A 38 -41.58 -5.62 -34.48
N LYS A 39 -42.49 -4.74 -34.90
CA LYS A 39 -42.26 -3.82 -36.02
C LYS A 39 -42.26 -2.36 -35.55
N THR A 40 -41.38 -1.53 -36.11
CA THR A 40 -41.44 -0.08 -35.87
C THR A 40 -42.66 0.50 -36.60
N SER A 41 -42.91 1.79 -36.40
CA SER A 41 -44.09 2.40 -37.03
C SER A 41 -43.86 2.50 -38.54
N LEU A 42 -42.59 2.44 -38.94
CA LEU A 42 -42.26 2.43 -40.36
C LEU A 42 -42.01 1.02 -40.90
N GLY A 43 -42.43 0.00 -40.15
CA GLY A 43 -42.32 -1.37 -40.63
C GLY A 43 -41.00 -2.11 -40.44
N GLY A 44 -40.06 -1.53 -39.70
CA GLY A 44 -38.74 -2.14 -39.54
C GLY A 44 -38.61 -3.17 -38.43
N THR A 45 -37.57 -4.00 -38.50
CA THR A 45 -37.32 -5.05 -37.50
C THR A 45 -35.93 -4.97 -36.87
N LEU A 46 -35.78 -5.57 -35.69
CA LEU A 46 -34.49 -5.60 -35.02
C LEU A 46 -33.45 -6.38 -35.87
N ALA A 47 -33.91 -7.40 -36.58
CA ALA A 47 -33.07 -8.13 -37.53
C ALA A 47 -32.42 -7.20 -38.57
N GLN A 48 -33.21 -6.32 -39.18
CA GLN A 48 -32.67 -5.35 -40.14
C GLN A 48 -31.62 -4.45 -39.51
N CYS A 49 -31.73 -4.22 -38.19
CA CYS A 49 -30.80 -3.37 -37.45
C CYS A 49 -29.44 -4.03 -37.26
N VAL A 50 -29.45 -5.32 -36.91
CA VAL A 50 -28.22 -6.00 -36.55
C VAL A 50 -27.64 -6.85 -37.69
N ASN A 51 -28.30 -6.84 -38.86
CA ASN A 51 -27.90 -7.69 -39.97
C ASN A 51 -26.42 -7.57 -40.32
N THR A 52 -25.96 -6.34 -40.40
CA THR A 52 -24.58 -6.06 -40.79
C THR A 52 -23.56 -6.66 -39.82
N ASN A 53 -23.93 -6.82 -38.55
CA ASN A 53 -22.97 -7.33 -37.58
C ASN A 53 -22.70 -8.81 -37.86
N ALA A 54 -23.63 -9.47 -38.53
CA ALA A 54 -23.49 -10.90 -38.74
C ALA A 54 -22.52 -11.17 -39.86
N TYR A 55 -22.36 -10.21 -40.76
CA TYR A 55 -21.53 -10.42 -41.95
C TYR A 55 -20.25 -9.58 -41.91
N ASN A 56 -20.10 -8.80 -40.85
CA ASN A 56 -18.90 -8.00 -40.67
C ASN A 56 -18.44 -7.95 -39.20
N PRO A 57 -17.71 -8.99 -38.76
CA PRO A 57 -17.26 -9.18 -37.38
C PRO A 57 -16.52 -7.97 -36.83
N GLY A 58 -15.92 -7.19 -37.71
CA GLY A 58 -15.14 -6.03 -37.29
C GLY A 58 -15.97 -4.84 -36.87
N ALA A 59 -17.22 -4.76 -37.30
CA ALA A 59 -18.04 -3.59 -36.97
C ALA A 59 -18.43 -3.65 -35.49
N LEU A 60 -18.37 -2.50 -34.81
CA LEU A 60 -18.60 -2.45 -33.36
C LEU A 60 -20.07 -2.28 -33.02
N LEU A 61 -20.78 -1.57 -33.88
CA LEU A 61 -22.17 -1.17 -33.62
C LEU A 61 -23.18 -1.76 -34.60
N PRO A 62 -24.47 -1.78 -34.21
CA PRO A 62 -25.56 -2.05 -35.14
C PRO A 62 -25.89 -0.81 -35.95
N ARG A 63 -26.88 -0.92 -36.82
CA ARG A 63 -27.47 0.25 -37.42
C ARG A 63 -28.96 0.30 -37.05
N SER A 64 -29.72 1.18 -37.68
CA SER A 64 -31.13 1.29 -37.36
C SER A 64 -31.99 1.14 -38.61
N CYS A 65 -33.04 0.33 -38.51
CA CYS A 65 -33.90 0.12 -39.68
C CYS A 65 -34.60 1.41 -40.09
N ASP A 66 -34.82 2.28 -39.10
CA ASP A 66 -35.38 3.62 -39.30
C ASP A 66 -35.26 4.40 -37.99
N LEU A 67 -35.61 5.69 -38.00
CA LEU A 67 -35.47 6.56 -36.82
C LEU A 67 -36.22 6.07 -35.56
N ASN A 68 -37.29 5.29 -35.74
CA ASN A 68 -38.03 4.78 -34.58
C ASN A 68 -37.43 3.52 -33.93
N ALA A 69 -36.34 3.01 -34.49
CA ALA A 69 -35.70 1.80 -33.94
C ALA A 69 -35.17 2.02 -32.52
N TYR A 70 -34.71 3.23 -32.24
CA TYR A 70 -34.14 3.53 -30.92
C TYR A 70 -35.19 3.41 -29.84
N GLU A 71 -36.41 3.84 -30.14
CA GLU A 71 -37.50 3.77 -29.18
C GLU A 71 -38.11 2.35 -29.16
N THR A 72 -38.37 1.78 -30.33
CA THR A 72 -39.05 0.49 -30.43
C THR A 72 -38.23 -0.67 -29.82
N PHE A 73 -36.91 -0.63 -30.01
CA PHE A 73 -36.04 -1.66 -29.46
C PHE A 73 -35.15 -1.03 -28.41
N ARG A 74 -35.76 -0.23 -27.54
CA ARG A 74 -35.01 0.58 -26.60
C ARG A 74 -34.11 -0.23 -25.67
N ASP A 75 -34.61 -1.35 -25.16
CA ASP A 75 -33.80 -2.22 -24.28
C ASP A 75 -32.46 -2.60 -24.91
N PHE A 76 -32.47 -2.79 -26.24
CA PHE A 76 -31.23 -3.11 -26.94
C PHE A 76 -30.39 -1.86 -27.21
N PHE A 77 -30.98 -0.81 -27.76
CA PHE A 77 -30.19 0.35 -28.16
C PHE A 77 -29.65 1.16 -26.98
N ASP A 78 -30.46 1.33 -25.93
CA ASP A 78 -29.98 2.08 -24.76
C ASP A 78 -28.72 1.45 -24.18
N ALA A 79 -28.68 0.12 -24.14
CA ALA A 79 -27.52 -0.59 -23.61
C ALA A 79 -26.29 -0.34 -24.49
N VAL A 80 -26.49 -0.42 -25.80
CA VAL A 80 -25.42 -0.19 -26.78
C VAL A 80 -24.90 1.27 -26.75
N ILE A 81 -25.85 2.21 -26.68
CA ILE A 81 -25.54 3.64 -26.59
C ILE A 81 -24.84 4.02 -25.29
N ALA A 82 -25.35 3.54 -24.16
CA ALA A 82 -24.78 3.86 -22.84
C ALA A 82 -23.32 3.41 -22.76
N ASP A 83 -23.06 2.25 -23.33
CA ASP A 83 -21.73 1.68 -23.34
C ASP A 83 -20.82 2.49 -24.26
N TYR A 84 -21.19 2.56 -25.55
CA TYR A 84 -20.34 3.23 -26.55
C TYR A 84 -20.01 4.67 -26.17
N HIS A 85 -21.01 5.44 -25.75
CA HIS A 85 -20.77 6.83 -25.43
C HIS A 85 -20.40 7.00 -23.96
N LYS A 86 -20.18 5.88 -23.27
CA LYS A 86 -19.75 5.89 -21.88
C LYS A 86 -20.64 6.79 -21.03
N VAL A 87 -21.94 6.50 -21.04
CA VAL A 87 -22.89 7.29 -20.27
C VAL A 87 -22.93 6.78 -18.83
N PRO A 88 -22.68 7.68 -17.87
CA PRO A 88 -22.62 7.32 -16.45
C PRO A 88 -23.95 6.80 -15.90
N ASP A 89 -23.93 5.58 -15.39
CA ASP A 89 -25.11 4.90 -14.84
C ASP A 89 -26.27 4.84 -15.83
N GLY A 90 -25.97 4.91 -17.12
CA GLY A 90 -26.97 4.80 -18.17
C GLY A 90 -28.05 5.86 -18.13
N LYS A 91 -27.74 7.03 -17.56
CA LYS A 91 -28.67 8.16 -17.64
C LYS A 91 -28.40 8.94 -18.92
N ILE A 92 -28.84 8.38 -20.03
CA ILE A 92 -28.69 9.01 -21.32
C ILE A 92 -29.48 10.32 -21.40
N GLN A 93 -28.78 11.37 -21.84
CA GLN A 93 -29.27 12.73 -21.80
C GLN A 93 -28.64 13.54 -22.93
N HIS A 94 -29.40 14.47 -23.50
CA HIS A 94 -28.76 15.40 -24.43
C HIS A 94 -29.35 16.81 -24.34
N PRO A 95 -28.46 17.82 -24.15
CA PRO A 95 -28.87 19.23 -24.03
C PRO A 95 -29.43 19.79 -25.33
N LYS A 96 -30.30 20.81 -25.26
CA LYS A 96 -30.86 21.43 -26.46
C LYS A 96 -29.74 21.91 -27.38
N SER A 97 -30.00 21.86 -28.68
CA SER A 97 -29.06 22.33 -29.69
C SER A 97 -28.55 23.74 -29.39
N ASN A 98 -27.23 23.92 -29.48
CA ASN A 98 -26.63 25.22 -29.27
C ASN A 98 -25.28 25.40 -29.94
N PHE A 99 -25.25 26.20 -31.00
CA PHE A 99 -24.05 26.47 -31.76
C PHE A 99 -23.25 27.65 -31.22
N GLY A 100 -23.86 28.38 -30.28
CA GLY A 100 -23.25 29.56 -29.70
C GLY A 100 -23.65 30.85 -30.40
N ASP A 101 -23.20 31.97 -29.85
CA ASP A 101 -23.45 33.26 -30.47
C ASP A 101 -22.44 33.47 -31.58
N LEU A 102 -22.87 33.28 -32.81
CA LEU A 102 -21.95 33.22 -33.94
C LEU A 102 -21.17 34.52 -34.15
N LYS A 103 -21.81 35.66 -33.88
CA LYS A 103 -21.18 36.95 -34.17
C LYS A 103 -19.98 37.24 -33.28
N SER A 104 -19.94 36.64 -32.09
CA SER A 104 -18.84 36.89 -31.15
C SER A 104 -17.84 35.74 -31.06
N LEU A 105 -18.12 34.65 -31.75
CA LEU A 105 -17.32 33.42 -31.64
C LEU A 105 -16.02 33.53 -32.42
N SER A 106 -14.90 33.20 -31.80
CA SER A 106 -13.64 33.16 -32.52
C SER A 106 -12.66 32.16 -31.91
N PHE A 107 -12.12 31.29 -32.75
CA PHE A 107 -11.08 30.35 -32.35
C PHE A 107 -9.80 30.72 -33.10
N THR A 108 -8.66 30.60 -32.44
CA THR A 108 -7.41 30.81 -33.14
C THR A 108 -7.29 29.84 -34.31
N ASP A 109 -6.78 30.34 -35.42
CA ASP A 109 -6.37 29.53 -36.55
C ASP A 109 -5.40 28.46 -36.07
N LEU A 110 -5.65 27.21 -36.45
CA LEU A 110 -4.87 26.10 -35.92
C LEU A 110 -3.47 26.01 -36.54
N ASN A 111 -3.18 26.81 -37.57
CA ASN A 111 -1.84 26.79 -38.14
C ASN A 111 -0.89 27.74 -37.41
N THR A 112 -1.40 28.42 -36.38
CA THR A 112 -0.58 29.15 -35.45
C THR A 112 0.45 28.23 -34.79
N TYR A 113 0.08 26.96 -34.62
CA TYR A 113 0.91 26.03 -33.87
C TYR A 113 1.70 25.10 -34.79
N GLY A 114 2.69 25.70 -35.44
CA GLY A 114 3.67 24.97 -36.23
C GLY A 114 3.34 24.85 -37.70
N ASN A 115 2.17 25.39 -38.09
CA ASN A 115 1.72 25.36 -39.47
C ASN A 115 1.71 23.93 -40.05
N LEU A 116 0.93 23.07 -39.40
CA LEU A 116 0.87 21.65 -39.71
C LEU A 116 -0.45 21.19 -40.32
N VAL A 117 -1.42 22.10 -40.40
CA VAL A 117 -2.77 21.74 -40.80
C VAL A 117 -3.01 21.93 -42.29
N VAL A 118 -3.12 20.82 -43.03
CA VAL A 118 -3.47 20.90 -44.44
C VAL A 118 -4.88 21.49 -44.65
N SER A 119 -5.86 20.95 -43.90
CA SER A 119 -7.26 21.34 -44.12
C SER A 119 -8.13 21.13 -42.88
N THR A 120 -9.25 21.85 -42.82
CA THR A 120 -10.14 21.82 -41.68
C THR A 120 -11.58 21.58 -42.14
N ARG A 121 -12.29 20.70 -41.44
CA ARG A 121 -13.58 20.23 -41.88
C ARG A 121 -14.51 20.09 -40.68
N VAL A 122 -15.76 20.52 -40.80
CA VAL A 122 -16.75 20.20 -39.78
C VAL A 122 -17.99 19.61 -40.45
N ARG A 123 -18.53 18.51 -39.91
CA ARG A 123 -19.77 17.99 -40.47
C ARG A 123 -20.82 17.62 -39.44
N LEU A 124 -22.06 17.64 -39.90
CA LEU A 124 -23.25 17.27 -39.15
C LEU A 124 -23.98 16.19 -39.92
N GLY A 125 -24.89 15.48 -39.25
CA GLY A 125 -25.85 14.62 -39.91
C GLY A 125 -27.26 14.96 -39.46
N ARG A 126 -28.26 14.73 -40.32
CA ARG A 126 -29.66 14.92 -39.91
C ARG A 126 -30.56 13.85 -40.50
N THR A 127 -31.59 13.47 -39.74
CA THR A 127 -32.67 12.61 -40.22
C THR A 127 -33.89 13.47 -40.46
N VAL A 128 -34.57 13.25 -41.58
CA VAL A 128 -35.80 13.97 -41.88
C VAL A 128 -36.98 13.12 -41.42
N GLU A 129 -37.89 13.71 -40.65
CA GLU A 129 -39.04 12.99 -40.08
C GLU A 129 -39.98 12.43 -41.15
N GLY A 130 -40.47 11.23 -40.91
CA GLY A 130 -41.46 10.60 -41.77
C GLY A 130 -40.88 9.72 -42.86
N PHE A 131 -39.55 9.52 -42.82
CA PHE A 131 -38.86 8.65 -43.78
C PHE A 131 -37.97 7.64 -43.08
N GLY A 132 -37.89 6.44 -43.65
CA GLY A 132 -37.06 5.41 -43.09
C GLY A 132 -35.62 5.53 -43.56
N PHE A 133 -34.80 4.57 -43.13
CA PHE A 133 -33.44 4.42 -43.64
C PHE A 133 -33.48 3.28 -44.63
N GLY A 134 -32.30 2.90 -45.13
CA GLY A 134 -32.15 1.84 -46.12
C GLY A 134 -33.03 0.60 -46.02
N PRO A 135 -33.02 -0.08 -44.87
CA PRO A 135 -33.89 -1.25 -44.73
C PRO A 135 -35.38 -0.99 -44.95
N THR A 136 -35.87 0.25 -44.80
CA THR A 136 -37.31 0.43 -44.83
C THR A 136 -37.80 1.43 -45.85
N LEU A 137 -36.89 2.05 -46.58
CA LEU A 137 -37.32 2.93 -47.65
C LEU A 137 -37.80 2.10 -48.84
N THR A 138 -38.65 2.68 -49.70
CA THR A 138 -38.85 2.16 -51.05
C THR A 138 -38.12 3.09 -52.02
N LYS A 139 -37.86 2.58 -53.22
CA LYS A 139 -37.22 3.36 -54.29
C LYS A 139 -37.90 4.69 -54.52
N GLU A 140 -39.22 4.69 -54.54
CA GLU A 140 -39.97 5.92 -54.77
C GLU A 140 -39.94 6.86 -53.55
N THR A 141 -39.98 6.32 -52.34
CA THR A 141 -39.95 7.22 -51.18
C THR A 141 -38.56 7.83 -50.99
N ARG A 142 -37.49 7.10 -51.34
CA ARG A 142 -36.13 7.64 -51.23
C ARG A 142 -35.96 8.83 -52.18
N ILE A 143 -36.51 8.70 -53.39
CA ILE A 143 -36.50 9.78 -54.38
C ILE A 143 -37.30 11.00 -53.88
N GLU A 144 -38.43 10.76 -53.22
CA GLU A 144 -39.22 11.86 -52.67
C GLU A 144 -38.43 12.58 -51.57
N LEU A 145 -37.75 11.81 -50.72
CA LEU A 145 -36.87 12.40 -49.71
C LEU A 145 -35.76 13.25 -50.36
N GLU A 146 -35.11 12.69 -51.37
CA GLU A 146 -34.09 13.39 -52.14
C GLU A 146 -34.59 14.73 -52.72
N ASN A 147 -35.79 14.72 -53.30
CA ASN A 147 -36.38 15.92 -53.88
C ASN A 147 -36.71 16.96 -52.82
N LYS A 148 -37.19 16.49 -51.67
CA LYS A 148 -37.53 17.40 -50.57
C LYS A 148 -36.27 18.09 -50.02
N ILE A 149 -35.17 17.33 -49.96
CA ILE A 149 -33.90 17.88 -49.48
C ILE A 149 -33.26 18.83 -50.50
N SER A 150 -33.22 18.41 -51.77
CA SER A 150 -32.57 19.25 -52.77
C SER A 150 -33.35 20.56 -52.96
N THR A 151 -34.67 20.50 -52.83
CA THR A 151 -35.51 21.69 -52.90
C THR A 151 -35.11 22.70 -51.82
N ALA A 152 -34.98 22.24 -50.57
CA ALA A 152 -34.56 23.11 -49.47
C ALA A 152 -33.12 23.63 -49.64
N LEU A 153 -32.28 22.85 -50.34
CA LEU A 153 -30.90 23.25 -50.56
C LEU A 153 -30.82 24.37 -51.59
N HIS A 154 -31.68 24.32 -52.61
CA HIS A 154 -31.74 25.37 -53.63
C HIS A 154 -32.22 26.72 -53.10
N ASN A 155 -33.04 26.68 -52.05
CA ASN A 155 -33.52 27.91 -51.44
C ASN A 155 -32.56 28.48 -50.41
N LEU A 156 -31.37 27.90 -50.28
CA LEU A 156 -30.36 28.47 -49.37
C LEU A 156 -29.89 29.81 -49.91
N SER A 157 -29.57 30.73 -48.99
CA SER A 157 -29.06 32.07 -49.30
C SER A 157 -27.76 32.11 -50.14
N GLY A 158 -27.22 33.32 -50.29
CA GLY A 158 -26.12 33.60 -51.19
C GLY A 158 -24.82 32.81 -51.13
N GLU A 159 -24.19 32.71 -49.96
CA GLU A 159 -22.92 31.98 -49.84
C GLU A 159 -23.08 30.51 -50.21
N TYR A 160 -24.30 29.99 -50.10
CA TYR A 160 -24.60 28.57 -50.27
C TYR A 160 -25.17 28.21 -51.63
N GLU A 161 -25.22 29.18 -52.53
CA GLU A 161 -25.65 28.93 -53.90
C GLU A 161 -24.72 27.94 -54.59
N GLY A 162 -25.29 27.01 -55.36
CA GLY A 162 -24.45 26.07 -56.08
C GLY A 162 -25.23 25.13 -56.98
N THR A 163 -24.67 23.96 -57.19
CA THR A 163 -25.24 22.97 -58.09
C THR A 163 -25.48 21.63 -57.36
N TYR A 164 -26.64 21.02 -57.59
CA TYR A 164 -26.89 19.65 -57.14
C TYR A 164 -26.50 18.67 -58.23
N TYR A 165 -25.61 17.72 -57.90
CA TYR A 165 -25.22 16.67 -58.83
C TYR A 165 -25.74 15.30 -58.39
N PRO A 166 -26.85 14.85 -59.00
CA PRO A 166 -27.33 13.51 -58.65
C PRO A 166 -26.29 12.45 -59.01
N LEU A 167 -26.29 11.35 -58.27
CA LEU A 167 -25.30 10.30 -58.46
C LEU A 167 -25.60 9.52 -59.73
N THR A 168 -26.86 9.54 -60.16
CA THR A 168 -27.30 8.84 -61.35
C THR A 168 -26.89 9.58 -62.63
N GLY A 169 -26.12 8.92 -63.50
CA GLY A 169 -25.58 9.56 -64.68
C GLY A 169 -24.41 10.51 -64.46
N MET A 170 -23.82 10.48 -63.26
CA MET A 170 -22.53 11.14 -63.03
C MET A 170 -21.40 10.22 -63.52
N SER A 171 -20.51 10.76 -64.34
CA SER A 171 -19.42 9.98 -64.91
C SER A 171 -18.51 9.39 -63.82
N GLU A 172 -17.97 8.20 -64.09
CA GLU A 172 -17.05 7.54 -63.16
C GLU A 172 -15.74 8.31 -62.95
N GLU A 173 -15.41 9.23 -63.85
CA GLU A 173 -14.19 10.05 -63.71
C GLU A 173 -14.46 11.27 -62.83
N ASP A 174 -15.68 11.82 -62.90
CA ASP A 174 -16.07 12.93 -62.02
C ASP A 174 -16.14 12.45 -60.58
N ARG A 175 -16.76 11.29 -60.39
CA ARG A 175 -16.95 10.70 -59.08
C ARG A 175 -15.61 10.39 -58.40
N ILE A 176 -14.68 9.85 -59.18
CA ILE A 176 -13.39 9.43 -58.63
C ILE A 176 -12.49 10.65 -58.35
N LYS A 177 -12.66 11.72 -59.12
CA LYS A 177 -12.00 13.00 -58.82
C LYS A 177 -12.54 13.59 -57.50
N LEU A 178 -13.87 13.58 -57.35
CA LEU A 178 -14.52 14.12 -56.16
C LEU A 178 -14.11 13.40 -54.88
N VAL A 179 -13.93 12.08 -54.96
CA VAL A 179 -13.55 11.28 -53.80
C VAL A 179 -12.11 11.58 -53.36
N ASN A 180 -11.20 11.67 -54.32
CA ASN A 180 -9.79 11.97 -54.03
C ASN A 180 -9.61 13.41 -53.54
N ASP A 181 -10.47 14.32 -54.03
CA ASP A 181 -10.48 15.71 -53.56
C ASP A 181 -11.10 15.88 -52.17
N HIS A 182 -11.50 14.77 -51.56
CA HIS A 182 -12.11 14.71 -50.23
C HIS A 182 -13.50 15.36 -50.20
N PHE A 183 -14.18 15.36 -51.34
CA PHE A 183 -15.52 15.95 -51.45
C PHE A 183 -16.62 14.89 -51.35
N LEU A 184 -16.33 13.68 -51.80
CA LEU A 184 -17.38 12.66 -51.92
C LEU A 184 -17.08 11.38 -51.13
N PHE A 185 -18.13 10.76 -50.59
CA PHE A 185 -18.05 9.42 -50.01
C PHE A 185 -17.53 8.38 -51.01
N ARG A 186 -17.04 7.24 -50.51
CA ARG A 186 -16.57 6.16 -51.35
C ARG A 186 -17.71 5.18 -51.73
N ASN A 187 -17.38 4.10 -52.46
CA ASN A 187 -18.37 3.10 -52.91
C ASN A 187 -18.39 1.79 -52.15
N ASP A 188 -17.39 1.60 -51.30
CA ASP A 188 -16.99 0.25 -50.94
C ASP A 188 -17.09 -0.01 -49.45
N ASP A 189 -18.15 0.49 -48.83
CA ASP A 189 -18.30 0.33 -47.41
C ASP A 189 -19.15 -0.89 -47.16
N ASN A 190 -18.51 -1.98 -46.75
CA ASN A 190 -19.22 -3.24 -46.57
C ASN A 190 -20.17 -3.21 -45.36
N VAL A 191 -19.79 -2.49 -44.32
CA VAL A 191 -20.68 -2.39 -43.17
C VAL A 191 -21.99 -1.71 -43.62
N LEU A 192 -21.87 -0.62 -44.38
CA LEU A 192 -23.03 0.13 -44.86
C LEU A 192 -23.90 -0.72 -45.76
N ARG A 193 -23.23 -1.47 -46.65
CA ARG A 193 -23.93 -2.31 -47.62
C ARG A 193 -24.77 -3.38 -46.94
N ASP A 194 -24.22 -4.03 -45.93
CA ASP A 194 -24.93 -5.13 -45.32
C ASP A 194 -25.96 -4.61 -44.31
N ALA A 195 -25.96 -3.28 -44.10
CA ALA A 195 -26.97 -2.60 -43.29
C ALA A 195 -28.08 -2.07 -44.19
N GLY A 196 -27.93 -2.27 -45.50
CA GLY A 196 -28.92 -1.83 -46.45
C GLY A 196 -28.68 -0.43 -47.03
N GLY A 197 -27.47 0.09 -46.87
CA GLY A 197 -27.21 1.46 -47.31
C GLY A 197 -27.15 1.71 -48.81
N TYR A 198 -27.02 0.64 -49.60
CA TYR A 198 -26.86 0.77 -51.04
C TYR A 198 -28.04 0.21 -51.84
N ILE A 199 -29.20 0.09 -51.21
CA ILE A 199 -30.35 -0.43 -51.93
C ILE A 199 -30.84 0.58 -52.98
N ASP A 200 -31.07 0.09 -54.20
CA ASP A 200 -31.55 0.90 -55.34
C ASP A 200 -30.49 1.90 -55.79
N TRP A 201 -29.24 1.61 -55.47
CA TRP A 201 -28.13 2.49 -55.83
C TRP A 201 -28.04 2.61 -57.34
N PRO A 202 -27.86 3.84 -57.86
CA PRO A 202 -27.58 5.10 -57.17
C PRO A 202 -28.76 6.09 -57.06
N THR A 203 -29.98 5.66 -57.37
CA THR A 203 -31.15 6.53 -57.33
C THR A 203 -31.43 7.15 -55.94
N GLY A 204 -31.95 8.37 -55.94
CA GLY A 204 -32.19 9.09 -54.71
C GLY A 204 -30.95 9.61 -53.99
N ARG A 205 -29.79 9.43 -54.64
CA ARG A 205 -28.52 9.90 -54.08
C ARG A 205 -27.91 11.02 -54.92
N GLY A 206 -27.09 11.85 -54.29
CA GLY A 206 -26.42 12.92 -54.98
C GLY A 206 -25.55 13.74 -54.05
N ILE A 207 -24.85 14.72 -54.62
CA ILE A 207 -24.06 15.65 -53.84
C ILE A 207 -24.35 17.09 -54.24
N PHE A 208 -24.65 17.92 -53.26
CA PHE A 208 -24.72 19.35 -53.47
C PHE A 208 -23.38 20.00 -53.16
N ILE A 209 -22.94 20.94 -54.00
CA ILE A 209 -21.69 21.69 -53.79
C ILE A 209 -21.93 23.15 -54.09
N ASN A 210 -21.52 24.06 -53.21
CA ASN A 210 -21.70 25.47 -53.51
C ASN A 210 -20.60 25.95 -54.49
N LYS A 211 -20.79 27.11 -55.11
CA LYS A 211 -19.85 27.64 -56.09
C LYS A 211 -18.44 27.77 -55.54
N GLN A 212 -18.32 28.30 -54.32
CA GLN A 212 -17.03 28.47 -53.66
C GLN A 212 -16.33 27.14 -53.37
N LYS A 213 -17.10 26.05 -53.43
CA LYS A 213 -16.64 24.70 -53.13
C LYS A 213 -16.05 24.55 -51.72
N ASN A 214 -16.73 25.09 -50.71
CA ASN A 214 -16.30 24.93 -49.32
C ASN A 214 -17.48 24.56 -48.42
N PHE A 215 -18.57 24.11 -49.06
CA PHE A 215 -19.79 23.67 -48.39
C PHE A 215 -20.42 22.63 -49.26
N LEU A 216 -20.77 21.49 -48.69
CA LEU A 216 -21.36 20.47 -49.52
C LEU A 216 -22.28 19.53 -48.73
N VAL A 217 -23.22 18.91 -49.44
CA VAL A 217 -24.21 18.06 -48.81
C VAL A 217 -24.29 16.71 -49.48
N TRP A 218 -24.18 15.64 -48.71
CA TRP A 218 -24.43 14.30 -49.22
C TRP A 218 -25.86 13.89 -48.89
N ILE A 219 -26.60 13.46 -49.91
CA ILE A 219 -27.98 13.04 -49.75
C ILE A 219 -28.10 11.53 -49.80
N ASN A 220 -28.68 10.95 -48.74
CA ASN A 220 -28.99 9.51 -48.67
C ASN A 220 -27.81 8.55 -48.82
N GLU A 221 -26.64 8.97 -48.39
CA GLU A 221 -25.57 8.02 -48.23
C GLU A 221 -25.71 7.40 -46.84
N GLU A 222 -24.83 7.77 -45.90
CA GLU A 222 -24.86 7.21 -44.55
C GLU A 222 -25.98 7.76 -43.63
N ASP A 223 -26.51 8.93 -43.99
CA ASP A 223 -27.64 9.52 -43.30
C ASP A 223 -28.48 10.19 -44.37
N HIS A 224 -29.65 10.71 -44.01
CA HIS A 224 -30.48 11.47 -44.95
C HIS A 224 -29.68 12.63 -45.54
N ILE A 225 -29.16 13.51 -44.68
CA ILE A 225 -28.14 14.44 -45.12
C ILE A 225 -26.87 14.36 -44.30
N ARG A 226 -25.74 14.49 -44.97
CA ARG A 226 -24.50 14.85 -44.29
C ARG A 226 -24.13 16.23 -44.79
N VAL A 227 -23.99 17.16 -43.85
CA VAL A 227 -23.73 18.54 -44.18
C VAL A 227 -22.26 18.82 -43.82
N ILE A 228 -21.48 19.26 -44.81
CA ILE A 228 -20.02 19.40 -44.67
C ILE A 228 -19.50 20.80 -45.01
N SER A 229 -18.73 21.38 -44.10
CA SER A 229 -18.01 22.63 -44.33
C SER A 229 -16.50 22.37 -44.30
N MET A 230 -15.76 22.79 -45.32
CA MET A 230 -14.32 22.55 -45.32
C MET A 230 -13.52 23.48 -46.22
N GLN A 231 -12.28 23.75 -45.81
CA GLN A 231 -11.35 24.53 -46.61
C GLN A 231 -9.89 24.18 -46.26
N LYS A 232 -8.97 24.62 -47.11
CA LYS A 232 -7.54 24.55 -46.86
C LYS A 232 -7.15 25.37 -45.63
N GLY A 233 -6.12 24.91 -44.93
CA GLY A 233 -5.62 25.63 -43.77
C GLY A 233 -6.36 25.29 -42.49
N GLY A 234 -6.19 26.15 -41.50
CA GLY A 234 -6.69 25.89 -40.16
C GLY A 234 -7.73 26.87 -39.65
N GLY A 235 -8.44 27.51 -40.57
CA GLY A 235 -9.45 28.50 -40.20
C GLY A 235 -10.74 27.88 -39.71
N LEU A 236 -10.70 27.28 -38.53
CA LEU A 236 -11.85 26.58 -37.96
C LEU A 236 -13.04 27.53 -37.69
N THR A 237 -12.76 28.77 -37.31
CA THR A 237 -13.84 29.70 -36.98
C THR A 237 -14.78 29.89 -38.19
N ALA A 238 -14.17 30.10 -39.35
CA ALA A 238 -14.91 30.32 -40.58
C ALA A 238 -15.65 29.08 -41.02
N VAL A 239 -15.01 27.93 -40.86
CA VAL A 239 -15.59 26.66 -41.26
C VAL A 239 -16.83 26.33 -40.41
N TYR A 240 -16.70 26.53 -39.11
CA TYR A 240 -17.78 26.30 -38.16
C TYR A 240 -18.99 27.21 -38.44
N LYS A 241 -18.75 28.52 -38.51
CA LYS A 241 -19.84 29.48 -38.76
C LYS A 241 -20.60 29.22 -40.06
N ARG A 242 -19.88 28.89 -41.13
CA ARG A 242 -20.50 28.53 -42.41
C ARG A 242 -21.46 27.34 -42.21
N LEU A 243 -20.98 26.29 -41.54
CA LEU A 243 -21.82 25.14 -41.23
C LEU A 243 -23.07 25.55 -40.44
N ALA A 244 -22.86 26.26 -39.33
CA ALA A 244 -23.94 26.56 -38.40
C ALA A 244 -25.08 27.37 -39.06
N ASP A 245 -24.72 28.35 -39.87
CA ASP A 245 -25.70 29.16 -40.60
C ASP A 245 -26.51 28.34 -41.59
N ALA A 246 -25.83 27.49 -42.35
CA ALA A 246 -26.50 26.63 -43.31
C ALA A 246 -27.55 25.73 -42.65
N ILE A 247 -27.15 25.04 -41.58
CA ILE A 247 -28.04 24.09 -40.92
C ILE A 247 -29.19 24.81 -40.21
N GLN A 248 -28.95 26.03 -39.75
CA GLN A 248 -30.04 26.79 -39.14
C GLN A 248 -31.02 27.21 -40.22
N GLU A 249 -30.54 27.61 -41.39
CA GLU A 249 -31.45 27.92 -42.49
C GLU A 249 -32.24 26.68 -42.94
N LEU A 250 -31.56 25.54 -43.05
CA LEU A 250 -32.22 24.30 -43.47
C LEU A 250 -33.28 23.87 -42.48
N SER A 251 -33.05 24.17 -41.20
CA SER A 251 -33.96 23.77 -40.13
C SER A 251 -35.37 24.34 -40.29
N LYS A 252 -35.49 25.41 -41.07
CA LYS A 252 -36.78 26.05 -41.27
C LYS A 252 -37.57 25.41 -42.40
N SER A 253 -36.89 24.68 -43.29
CA SER A 253 -37.52 24.04 -44.43
C SER A 253 -37.74 22.55 -44.23
N LEU A 254 -37.02 21.96 -43.29
CA LEU A 254 -37.10 20.51 -43.06
C LEU A 254 -37.30 20.19 -41.58
N LYS A 255 -38.17 19.23 -41.27
CA LYS A 255 -38.31 18.78 -39.89
C LYS A 255 -37.32 17.63 -39.61
N PHE A 256 -36.33 17.93 -38.78
CA PHE A 256 -35.29 16.99 -38.43
C PHE A 256 -35.69 16.18 -37.20
N ALA A 257 -35.47 14.86 -37.24
CA ALA A 257 -35.84 14.01 -36.10
C ALA A 257 -34.93 14.30 -34.90
N PHE A 258 -35.55 14.59 -33.76
CA PHE A 258 -34.81 14.95 -32.56
C PHE A 258 -35.42 14.25 -31.35
N ASN A 259 -34.55 13.81 -30.44
CA ASN A 259 -34.98 13.01 -29.29
C ASN A 259 -34.40 13.63 -28.02
N ASP A 260 -35.19 13.72 -26.95
CA ASP A 260 -34.76 14.43 -25.73
C ASP A 260 -33.62 13.71 -25.02
N ARG A 261 -33.61 12.39 -25.17
CA ARG A 261 -32.53 11.57 -24.64
C ARG A 261 -31.33 11.55 -25.59
N LEU A 262 -31.58 11.35 -26.88
CA LEU A 262 -30.52 11.00 -27.81
C LEU A 262 -30.07 12.15 -28.71
N GLY A 263 -30.77 13.28 -28.62
CA GLY A 263 -30.45 14.41 -29.47
C GLY A 263 -30.94 14.13 -30.88
N PHE A 264 -30.19 14.58 -31.89
CA PHE A 264 -30.56 14.29 -33.29
C PHE A 264 -30.36 12.81 -33.62
N ILE A 265 -31.40 12.21 -34.17
CA ILE A 265 -31.38 10.81 -34.55
C ILE A 265 -30.51 10.62 -35.78
N THR A 266 -29.65 9.60 -35.75
CA THR A 266 -28.83 9.23 -36.90
C THR A 266 -28.90 7.75 -37.19
N PHE A 267 -28.40 7.36 -38.36
CA PHE A 267 -28.40 5.96 -38.80
C PHE A 267 -27.53 5.09 -37.91
N CYS A 268 -26.32 5.56 -37.64
CA CYS A 268 -25.42 4.83 -36.76
C CYS A 268 -25.46 5.46 -35.39
N PRO A 269 -25.61 4.62 -34.34
CA PRO A 269 -25.66 5.10 -32.95
C PRO A 269 -24.44 5.92 -32.57
N SER A 270 -23.35 5.77 -33.33
CA SER A 270 -22.11 6.48 -33.00
C SER A 270 -22.27 7.97 -33.17
N ASN A 271 -23.21 8.39 -34.03
CA ASN A 271 -23.39 9.80 -34.35
C ASN A 271 -24.59 10.51 -33.69
N LEU A 272 -25.16 9.95 -32.64
CA LEU A 272 -26.29 10.59 -31.96
C LEU A 272 -25.87 11.87 -31.20
N GLY A 273 -26.84 12.72 -30.88
CA GLY A 273 -26.59 13.94 -30.11
C GLY A 273 -26.32 15.17 -30.98
N THR A 274 -25.09 15.66 -30.95
CA THR A 274 -24.68 16.74 -31.84
C THR A 274 -24.49 16.26 -33.27
N THR A 275 -24.13 14.98 -33.43
CA THR A 275 -23.71 14.39 -34.72
C THR A 275 -22.47 15.10 -35.31
N LEU A 276 -21.86 15.99 -34.51
CA LEU A 276 -20.83 16.91 -35.00
C LEU A 276 -19.41 16.31 -34.92
N ARG A 277 -18.71 16.35 -36.05
CA ARG A 277 -17.31 15.94 -36.08
C ARG A 277 -16.50 17.04 -36.72
N ALA A 278 -15.75 17.77 -35.91
CA ALA A 278 -14.83 18.80 -36.39
C ALA A 278 -13.41 18.23 -36.51
N SER A 279 -12.82 18.34 -37.69
CA SER A 279 -11.53 17.69 -37.92
C SER A 279 -10.51 18.55 -38.65
N VAL A 280 -9.25 18.24 -38.40
CA VAL A 280 -8.14 18.70 -39.23
C VAL A 280 -7.44 17.50 -39.84
N HIS A 281 -6.79 17.73 -40.98
CA HIS A 281 -5.73 16.84 -41.43
C HIS A 281 -4.39 17.50 -41.09
N ALA A 282 -3.64 16.89 -40.18
CA ALA A 282 -2.41 17.51 -39.70
C ALA A 282 -1.17 16.59 -39.86
N LYS A 283 0.00 17.23 -40.05
CA LYS A 283 1.29 16.52 -40.09
C LYS A 283 1.84 16.36 -38.69
N ILE A 284 1.68 15.17 -38.12
CA ILE A 284 2.17 14.94 -36.77
C ILE A 284 2.99 13.64 -36.62
N PRO A 285 3.99 13.43 -37.49
CA PRO A 285 4.73 12.15 -37.44
C PRO A 285 5.38 11.83 -36.08
N MET A 286 5.94 12.80 -35.37
CA MET A 286 6.56 12.46 -34.08
C MET A 286 5.53 12.12 -33.00
N LEU A 287 4.51 12.97 -32.83
CA LEU A 287 3.45 12.62 -31.86
C LEU A 287 2.87 11.25 -32.22
N ALA A 288 2.66 11.01 -33.51
CA ALA A 288 2.11 9.72 -33.96
C ALA A 288 3.02 8.51 -33.66
N SER A 289 4.31 8.76 -33.46
CA SER A 289 5.26 7.67 -33.23
C SER A 289 5.35 7.25 -31.75
N LEU A 290 4.80 8.05 -30.85
CA LEU A 290 4.84 7.76 -29.42
C LEU A 290 4.04 6.51 -29.06
N PRO A 291 4.53 5.72 -28.08
CA PRO A 291 3.86 4.49 -27.67
C PRO A 291 2.39 4.71 -27.26
N ASN A 292 2.13 5.73 -26.44
CA ASN A 292 0.76 5.99 -25.99
C ASN A 292 0.08 7.11 -26.75
N PHE A 293 0.36 7.18 -28.05
CA PHE A 293 -0.23 8.20 -28.91
C PHE A 293 -1.77 8.26 -28.83
N LYS A 294 -2.43 7.11 -28.92
CA LYS A 294 -3.89 7.08 -28.91
C LYS A 294 -4.44 7.59 -27.58
N GLU A 295 -3.79 7.22 -26.48
CA GLU A 295 -4.31 7.59 -25.17
C GLU A 295 -4.08 9.07 -24.88
N ILE A 296 -3.00 9.61 -25.44
CA ILE A 296 -2.72 11.02 -25.33
C ILE A 296 -3.79 11.78 -26.09
N CYS A 297 -4.18 11.27 -27.25
CA CYS A 297 -5.28 11.88 -27.97
C CYS A 297 -6.57 11.80 -27.14
N GLU A 298 -6.92 10.59 -26.71
CA GLU A 298 -8.12 10.36 -25.91
C GLU A 298 -8.20 11.30 -24.71
N LYS A 299 -7.08 11.42 -23.99
CA LYS A 299 -7.03 12.24 -22.79
C LYS A 299 -7.30 13.74 -23.10
N HIS A 300 -6.95 14.21 -24.30
CA HIS A 300 -7.25 15.59 -24.69
C HIS A 300 -8.62 15.70 -25.37
N GLY A 301 -9.41 14.64 -25.31
CA GLY A 301 -10.75 14.62 -25.89
C GLY A 301 -10.75 14.42 -27.39
N ILE A 302 -9.72 13.75 -27.89
CA ILE A 302 -9.50 13.70 -29.34
C ILE A 302 -9.37 12.28 -29.86
N GLN A 303 -10.06 11.99 -30.96
CA GLN A 303 -9.89 10.72 -31.68
C GLN A 303 -8.97 10.90 -32.91
N PRO A 304 -7.93 10.07 -33.03
CA PRO A 304 -7.06 10.05 -34.22
C PRO A 304 -7.56 9.08 -35.29
N ARG A 305 -7.45 9.46 -36.56
CA ARG A 305 -7.72 8.52 -37.66
C ARG A 305 -6.58 8.57 -38.67
N GLY A 306 -6.22 7.41 -39.20
CA GLY A 306 -5.21 7.32 -40.21
C GLY A 306 -5.69 7.92 -41.52
N THR A 307 -4.76 8.22 -42.41
CA THR A 307 -5.12 8.71 -43.74
C THR A 307 -4.40 7.86 -44.77
N HIS A 308 -3.97 6.67 -44.36
CA HIS A 308 -3.25 5.79 -45.28
C HIS A 308 -4.09 5.45 -46.51
N GLY A 309 -3.50 5.64 -47.67
CA GLY A 309 -4.19 5.38 -48.92
C GLY A 309 -4.65 6.65 -49.60
N GLU A 310 -4.54 7.78 -48.91
CA GLU A 310 -5.00 9.04 -49.48
C GLU A 310 -3.87 9.82 -50.16
N HIS A 311 -2.66 9.26 -50.14
CA HIS A 311 -1.50 9.94 -50.73
C HIS A 311 -0.59 9.00 -51.55
N THR A 312 0.45 9.60 -52.11
CA THR A 312 1.54 8.87 -52.75
C THR A 312 2.34 8.06 -51.70
N GLU A 313 3.19 7.15 -52.18
CA GLU A 313 3.89 6.18 -51.33
C GLU A 313 4.75 6.79 -50.20
N SER A 314 5.47 7.87 -50.49
CA SER A 314 6.41 8.43 -49.53
C SER A 314 5.83 9.54 -48.65
N VAL A 315 4.53 9.78 -48.73
CA VAL A 315 3.89 10.76 -47.83
C VAL A 315 3.44 10.09 -46.52
N GLY A 316 3.99 10.54 -45.40
CA GLY A 316 3.64 9.97 -44.12
C GLY A 316 3.36 11.01 -43.06
N GLY A 317 2.79 10.57 -41.95
CA GLY A 317 2.65 11.39 -40.77
C GLY A 317 1.42 12.27 -40.72
N ILE A 318 0.56 12.13 -41.73
CA ILE A 318 -0.68 12.90 -41.81
C ILE A 318 -1.89 12.21 -41.15
N TYR A 319 -2.49 12.84 -40.14
CA TYR A 319 -3.60 12.24 -39.42
C TYR A 319 -4.82 13.16 -39.31
N ASP A 320 -5.98 12.51 -39.30
CA ASP A 320 -7.28 13.12 -39.04
C ASP A 320 -7.43 13.20 -37.53
N LEU A 321 -7.60 14.42 -37.03
CA LEU A 321 -7.81 14.70 -35.61
C LEU A 321 -9.16 15.37 -35.36
N SER A 322 -9.96 14.81 -34.44
CA SER A 322 -11.31 15.32 -34.22
C SER A 322 -11.81 15.13 -32.78
N ASN A 323 -12.81 15.90 -32.39
CA ASN A 323 -13.46 15.67 -31.10
C ASN A 323 -14.01 14.23 -31.05
N LYS A 324 -13.74 13.51 -29.97
CA LYS A 324 -14.28 12.16 -29.85
C LYS A 324 -15.76 12.19 -29.45
N ARG A 325 -16.18 13.19 -28.68
CA ARG A 325 -17.52 13.18 -28.12
C ARG A 325 -18.62 13.66 -29.11
N ARG A 326 -19.82 13.11 -28.94
CA ARG A 326 -20.99 13.41 -29.77
C ARG A 326 -22.21 13.73 -28.92
N LEU A 327 -22.39 12.90 -27.90
CA LEU A 327 -23.61 12.83 -27.12
C LEU A 327 -23.47 13.45 -25.73
N GLY A 328 -24.45 14.27 -25.35
CA GLY A 328 -24.48 14.87 -24.03
C GLY A 328 -23.69 16.17 -23.86
N LEU A 329 -23.47 16.89 -24.95
CA LEU A 329 -22.88 18.22 -24.88
C LEU A 329 -23.37 19.01 -26.09
N THR A 330 -23.24 20.33 -26.05
CA THR A 330 -23.73 21.14 -27.16
C THR A 330 -22.75 21.12 -28.32
N GLU A 331 -23.23 21.64 -29.45
CA GLU A 331 -22.38 21.77 -30.63
C GLU A 331 -21.19 22.67 -30.31
N LEU A 332 -21.44 23.70 -29.51
CA LEU A 332 -20.40 24.62 -29.12
C LEU A 332 -19.40 23.92 -28.19
N ASP A 333 -19.89 23.08 -27.29
CA ASP A 333 -19.01 22.28 -26.45
C ASP A 333 -18.11 21.41 -27.31
N ALA A 334 -18.69 20.78 -28.34
CA ALA A 334 -17.98 19.82 -29.17
C ALA A 334 -16.82 20.48 -29.94
N VAL A 335 -17.10 21.62 -30.58
CA VAL A 335 -16.09 22.22 -31.43
C VAL A 335 -15.05 22.93 -30.56
N THR A 336 -15.45 23.34 -29.36
CA THR A 336 -14.53 23.90 -28.39
C THR A 336 -13.53 22.85 -27.89
N GLU A 337 -14.03 21.64 -27.60
CA GLU A 337 -13.16 20.55 -27.19
C GLU A 337 -12.22 20.14 -28.32
N MET A 338 -12.77 20.04 -29.53
CA MET A 338 -11.95 19.80 -30.70
C MET A 338 -10.83 20.83 -30.77
N HIS A 339 -11.18 22.11 -30.63
CA HIS A 339 -10.19 23.16 -30.80
C HIS A 339 -9.14 23.15 -29.69
N SER A 340 -9.54 22.96 -28.45
CA SER A 340 -8.57 22.90 -27.36
C SER A 340 -7.67 21.66 -27.47
N GLY A 341 -8.27 20.54 -27.84
CA GLY A 341 -7.55 19.28 -27.88
C GLY A 341 -6.53 19.26 -29.01
N VAL A 342 -6.97 19.71 -30.19
CA VAL A 342 -6.11 19.74 -31.35
C VAL A 342 -4.98 20.76 -31.18
N ARG A 343 -5.30 21.92 -30.63
CA ARG A 343 -4.26 22.90 -30.33
C ARG A 343 -3.17 22.29 -29.44
N ALA A 344 -3.61 21.63 -28.37
CA ALA A 344 -2.67 20.98 -27.44
C ALA A 344 -1.84 19.91 -28.12
N LEU A 345 -2.45 19.13 -29.01
CA LEU A 345 -1.71 18.08 -29.71
C LEU A 345 -0.71 18.68 -30.70
N LEU A 346 -1.14 19.73 -31.40
CA LEU A 346 -0.29 20.39 -32.40
C LEU A 346 0.90 21.06 -31.72
N GLU A 347 0.64 21.73 -30.61
CA GLU A 347 1.70 22.34 -29.80
C GLU A 347 2.69 21.28 -29.30
N LEU A 348 2.17 20.11 -28.93
CA LEU A 348 3.02 19.03 -28.47
C LEU A 348 3.92 18.52 -29.61
N GLU A 349 3.39 18.51 -30.84
CA GLU A 349 4.20 18.14 -31.99
C GLU A 349 5.31 19.15 -32.27
N VAL A 350 5.03 20.45 -32.14
CA VAL A 350 6.09 21.45 -32.24
C VAL A 350 7.17 21.23 -31.14
N MET A 351 6.75 20.97 -29.91
CA MET A 351 7.73 20.73 -28.84
C MET A 351 8.60 19.49 -29.12
N LEU A 352 7.99 18.41 -29.60
CA LEU A 352 8.76 17.21 -29.94
C LEU A 352 9.75 17.49 -31.07
N GLN A 353 9.33 18.23 -32.08
CA GLN A 353 10.21 18.53 -33.22
C GLN A 353 11.41 19.37 -32.79
N GLU A 354 11.19 20.30 -31.87
CA GLU A 354 12.26 21.16 -31.37
C GLU A 354 13.22 20.41 -30.44
N TYR A 355 12.64 19.70 -29.47
CA TYR A 355 13.39 19.00 -28.45
C TYR A 355 14.22 17.82 -28.98
N ASN A 356 13.90 17.32 -30.18
CA ASN A 356 14.57 16.15 -30.73
C ASN A 356 15.28 16.43 -32.05
N LYS A 357 15.41 17.72 -32.35
CA LYS A 357 16.24 18.19 -33.46
C LYS A 357 17.61 17.50 -33.36
N GLY A 358 18.00 16.73 -34.39
CA GLY A 358 19.33 16.15 -34.42
C GLY A 358 19.55 14.80 -33.73
N ALA A 359 18.48 14.18 -33.23
CA ALA A 359 18.58 12.90 -32.54
C ALA A 359 18.73 11.75 -33.54
N PRO A 360 19.41 10.65 -33.15
CA PRO A 360 19.57 9.48 -34.03
C PRO A 360 18.23 8.91 -34.53
N GLU A 361 18.24 8.41 -35.77
CA GLU A 361 17.03 7.89 -36.40
C GLU A 361 16.66 6.54 -35.81
N GLY A 362 15.37 6.28 -35.69
CA GLY A 362 14.91 5.04 -35.09
C GLY A 362 14.97 5.07 -33.57
N VAL A 363 15.60 6.10 -33.03
CA VAL A 363 15.64 6.32 -31.59
C VAL A 363 14.40 7.08 -31.17
N MET A 364 13.71 6.56 -30.15
CA MET A 364 12.44 7.13 -29.69
C MET A 364 12.54 8.63 -29.40
N PRO A 365 11.66 9.42 -30.02
CA PRO A 365 11.62 10.85 -29.69
C PRO A 365 10.91 11.05 -28.35
N VAL A 366 11.23 12.11 -27.62
CA VAL A 366 10.64 12.29 -26.29
C VAL A 366 10.15 13.70 -26.08
N GLU A 367 9.08 13.84 -25.31
CA GLU A 367 8.59 15.13 -24.85
C GLU A 367 9.66 15.86 -24.04
N PRO A 368 9.55 17.21 -23.97
CA PRO A 368 10.49 17.97 -23.15
C PRO A 368 10.46 17.56 -21.68
N LEU A 369 11.59 17.67 -21.01
CA LEU A 369 11.67 17.33 -19.59
C LEU A 369 10.65 18.09 -18.73
N THR A 370 10.45 19.38 -18.95
CA THR A 370 9.56 20.14 -18.05
C THR A 370 8.11 19.75 -18.32
N TYR A 371 7.78 19.36 -19.54
CA TYR A 371 6.46 18.82 -19.81
C TYR A 371 6.21 17.52 -19.01
N LEU A 372 7.13 16.56 -19.08
CA LEU A 372 6.96 15.28 -18.38
C LEU A 372 7.07 15.45 -16.86
N ALA A 373 7.86 16.43 -16.43
CA ALA A 373 8.02 16.71 -15.01
C ALA A 373 6.68 17.10 -14.40
N LYS A 374 5.90 17.86 -15.15
CA LYS A 374 4.58 18.31 -14.68
C LYS A 374 3.60 17.13 -14.58
N LEU A 375 3.64 16.21 -15.54
CA LEU A 375 2.80 15.01 -15.46
C LEU A 375 3.23 14.12 -14.30
N LEU A 376 4.53 14.09 -14.03
CA LEU A 376 5.04 13.31 -12.92
C LEU A 376 4.55 13.85 -11.55
N GLU A 377 4.02 15.07 -11.55
CA GLU A 377 3.57 15.70 -10.30
C GLU A 377 2.41 14.94 -9.64
N GLY A 378 1.70 14.12 -10.42
CA GLY A 378 0.62 13.34 -9.86
C GLY A 378 1.12 12.11 -9.12
N ALA A 379 2.44 11.96 -9.05
CA ALA A 379 3.07 10.87 -8.31
C ALA A 379 3.52 11.34 -6.95
N SER A 380 3.60 10.43 -5.99
CA SER A 380 3.95 10.79 -4.61
C SER A 380 5.45 10.88 -4.40
N ILE A 381 5.91 11.97 -3.80
CA ILE A 381 7.34 12.17 -3.56
C ILE A 381 7.86 11.32 -2.42
N GLU A 382 7.01 10.50 -1.82
CA GLU A 382 7.46 9.64 -0.73
C GLU A 382 7.57 8.17 -1.17
N LYS A 383 6.82 7.79 -2.20
CA LYS A 383 6.86 6.42 -2.72
C LYS A 383 7.67 6.31 -4.02
N CYS A 384 7.67 7.38 -4.79
CA CYS A 384 8.22 7.38 -6.15
C CYS A 384 9.64 7.93 -6.22
N TYR A 385 10.63 7.04 -6.28
CA TYR A 385 12.03 7.45 -6.40
C TYR A 385 12.26 8.40 -7.60
N THR A 386 11.58 8.13 -8.71
CA THR A 386 11.68 8.92 -9.92
C THR A 386 11.42 10.41 -9.69
N ARG A 387 10.40 10.71 -8.87
CA ARG A 387 10.03 12.09 -8.60
C ARG A 387 10.83 12.69 -7.44
N LYS A 388 11.09 11.88 -6.42
CA LYS A 388 11.76 12.36 -5.22
C LYS A 388 13.13 13.00 -5.52
N TYR A 389 13.81 12.53 -6.56
CA TYR A 389 15.15 13.02 -6.87
C TYR A 389 15.18 13.90 -8.13
N LEU A 390 14.02 14.11 -8.75
CA LEU A 390 13.93 15.06 -9.85
C LEU A 390 13.65 16.46 -9.30
N THR A 391 14.65 17.01 -8.61
CA THR A 391 14.60 18.37 -8.03
C THR A 391 14.75 19.46 -9.11
N PRO A 392 14.39 20.71 -8.76
CA PRO A 392 14.65 21.84 -9.67
C PRO A 392 16.12 22.01 -10.08
N GLU A 393 17.07 21.71 -9.18
CA GLU A 393 18.49 21.74 -9.52
C GLU A 393 18.82 20.73 -10.63
N ILE A 394 18.21 19.55 -10.56
CA ILE A 394 18.47 18.46 -11.50
C ILE A 394 17.93 18.82 -12.89
N ILE A 395 16.69 19.28 -12.95
CA ILE A 395 16.08 19.68 -14.21
C ILE A 395 16.91 20.78 -14.89
N LYS A 396 17.28 21.80 -14.13
CA LYS A 396 18.14 22.85 -14.63
C LYS A 396 19.47 22.35 -15.19
N LYS A 397 20.14 21.48 -14.44
CA LYS A 397 21.44 20.98 -14.85
C LYS A 397 21.37 20.09 -16.09
N TYR A 398 20.37 19.23 -16.13
CA TYR A 398 20.35 18.16 -17.12
C TYR A 398 19.36 18.35 -18.31
N ASP A 399 18.51 19.37 -18.26
CA ASP A 399 17.59 19.58 -19.40
C ASP A 399 18.40 20.05 -20.60
N GLY A 400 18.31 19.35 -21.72
CA GLY A 400 19.09 19.72 -22.89
C GLY A 400 20.27 18.80 -23.16
N LYS A 401 20.61 17.97 -22.18
CA LYS A 401 21.75 17.07 -22.32
C LYS A 401 21.35 15.76 -22.97
N ARG A 402 22.30 15.20 -23.70
CA ARG A 402 22.20 13.90 -24.34
C ARG A 402 23.45 13.09 -24.05
N THR A 403 23.29 11.79 -23.78
CA THR A 403 24.41 10.86 -23.79
C THR A 403 25.02 10.83 -25.19
N THR A 404 26.10 10.08 -25.35
CA THR A 404 26.83 10.07 -26.63
C THR A 404 25.95 9.54 -27.73
N HIS A 405 25.04 8.64 -27.36
CA HIS A 405 24.21 7.97 -28.35
C HIS A 405 22.73 8.37 -28.19
N GLY A 406 22.49 9.49 -27.52
CA GLY A 406 21.18 10.13 -27.60
C GLY A 406 20.15 9.96 -26.50
N ALA A 407 20.53 9.43 -25.34
CA ALA A 407 19.56 9.29 -24.26
C ALA A 407 19.44 10.58 -23.42
N THR A 408 18.22 10.91 -22.98
CA THR A 408 17.99 12.09 -22.15
C THR A 408 17.38 11.73 -20.81
N LEU A 409 17.36 12.69 -19.90
CA LEU A 409 16.68 12.53 -18.62
C LEU A 409 15.17 12.42 -18.83
N ALA A 410 14.65 13.11 -19.84
CA ALA A 410 13.23 13.09 -20.15
C ALA A 410 12.78 11.69 -20.52
N HIS A 411 13.57 11.04 -21.37
CA HIS A 411 13.42 9.61 -21.68
C HIS A 411 13.22 8.72 -20.45
N MET A 412 14.03 8.88 -19.42
CA MET A 412 14.00 7.88 -18.35
C MET A 412 12.90 8.16 -17.34
N ILE A 413 12.32 9.36 -17.32
CA ILE A 413 11.24 9.60 -16.38
C ILE A 413 9.88 9.45 -17.05
N ARG A 414 9.89 9.21 -18.36
CA ARG A 414 8.63 9.22 -19.12
C ARG A 414 7.62 8.16 -18.63
N ASN A 415 8.10 6.97 -18.26
CA ASN A 415 7.21 5.92 -17.73
C ASN A 415 6.54 6.35 -16.43
N GLY A 416 7.30 7.08 -15.60
CA GLY A 416 6.76 7.64 -14.38
C GLY A 416 5.77 8.77 -14.63
N ALA A 417 6.03 9.60 -15.63
CA ALA A 417 5.15 10.73 -15.89
C ALA A 417 3.77 10.26 -16.32
N TYR A 418 3.72 9.15 -17.05
CA TYR A 418 2.45 8.65 -17.56
C TYR A 418 1.87 7.52 -16.70
N ASN A 419 2.69 6.98 -15.80
CA ASN A 419 2.22 5.96 -14.85
C ASN A 419 2.69 6.30 -13.45
N ASN A 420 1.98 7.23 -12.80
CA ASN A 420 2.41 7.83 -11.54
C ASN A 420 2.54 6.85 -10.36
N ARG A 421 2.00 5.65 -10.50
CA ARG A 421 2.16 4.64 -9.44
C ARG A 421 3.51 3.91 -9.55
N SER A 422 4.08 3.88 -10.75
CA SER A 422 5.46 3.42 -10.99
C SER A 422 6.48 4.26 -10.22
N ILE A 423 7.52 3.62 -9.71
CA ILE A 423 8.37 4.30 -8.74
C ILE A 423 9.83 4.47 -9.16
N CYS A 424 10.23 3.80 -10.25
CA CYS A 424 11.61 3.91 -10.76
C CYS A 424 11.61 4.34 -12.23
N PRO A 425 12.68 5.03 -12.64
CA PRO A 425 12.88 5.38 -14.06
C PRO A 425 13.33 4.18 -14.93
N ARG A 426 13.42 4.40 -16.23
CA ARG A 426 14.00 3.42 -17.15
C ARG A 426 15.01 4.08 -18.08
N THR A 427 16.29 3.76 -17.91
CA THR A 427 17.34 4.48 -18.61
C THR A 427 17.43 4.06 -20.08
N GLY A 428 18.14 4.86 -20.90
CA GLY A 428 18.27 4.59 -22.32
C GLY A 428 19.55 3.88 -22.77
N GLU A 429 20.61 4.02 -21.97
CA GLU A 429 21.86 3.32 -22.24
C GLU A 429 22.78 3.38 -21.01
N ALA A 430 23.83 2.56 -21.04
CA ALA A 430 24.70 2.38 -19.86
C ALA A 430 25.33 3.71 -19.47
N GLU A 431 25.61 4.55 -20.47
CA GLU A 431 26.24 5.86 -20.24
C GLU A 431 25.34 6.83 -19.43
N CYS A 432 24.05 6.49 -19.30
CA CYS A 432 23.17 7.31 -18.47
C CYS A 432 23.68 7.45 -17.04
N TYR A 433 24.23 6.37 -16.52
CA TYR A 433 24.63 6.29 -15.12
C TYR A 433 25.84 7.17 -14.82
N SER A 434 26.59 7.60 -15.84
CA SER A 434 27.57 8.64 -15.60
C SER A 434 27.04 10.02 -15.99
N THR A 435 26.53 10.16 -17.22
CA THR A 435 25.99 11.43 -17.72
C THR A 435 24.98 12.09 -16.76
N PHE A 436 24.07 11.30 -16.19
CA PHE A 436 23.04 11.84 -15.29
C PHE A 436 23.23 11.38 -13.84
N ILE A 437 24.48 11.29 -13.42
CA ILE A 437 24.82 10.71 -12.11
C ILE A 437 24.22 11.46 -10.91
N ASP A 438 24.04 12.77 -10.98
CA ASP A 438 23.49 13.52 -9.83
C ASP A 438 22.05 13.12 -9.52
N TYR A 439 21.35 12.64 -10.53
CA TYR A 439 19.97 12.22 -10.33
C TYR A 439 19.96 10.75 -9.94
N LEU A 440 20.67 9.93 -10.74
CA LEU A 440 20.59 8.49 -10.59
C LEU A 440 21.33 7.97 -9.33
N ASP A 441 22.52 8.51 -9.03
CA ASP A 441 23.30 7.96 -7.91
C ASP A 441 22.67 8.09 -6.51
N PRO A 442 22.01 9.22 -6.20
CA PRO A 442 21.38 9.19 -4.86
C PRO A 442 20.10 8.34 -4.85
N LEU A 443 19.42 8.25 -6.00
CA LEU A 443 18.26 7.35 -6.15
C LEU A 443 18.65 5.87 -5.93
N ILE A 444 19.72 5.47 -6.63
CA ILE A 444 20.34 4.16 -6.51
C ILE A 444 20.73 3.79 -5.06
N CYS A 445 21.31 4.75 -4.34
CA CYS A 445 21.72 4.54 -2.94
C CYS A 445 20.51 4.34 -2.04
N ASP A 446 19.46 5.10 -2.32
CA ASP A 446 18.24 5.06 -1.55
C ASP A 446 17.51 3.75 -1.77
N TYR A 447 17.33 3.37 -3.03
CA TYR A 447 16.59 2.16 -3.36
C TYR A 447 17.27 0.90 -2.82
N HIS A 448 18.57 0.77 -3.07
CA HIS A 448 19.30 -0.41 -2.66
C HIS A 448 19.78 -0.37 -1.21
N GLY A 449 19.54 0.74 -0.54
CA GLY A 449 19.93 0.90 0.86
C GLY A 449 21.43 0.79 1.06
N VAL A 450 22.21 1.49 0.23
CA VAL A 450 23.66 1.50 0.43
C VAL A 450 23.94 2.25 1.73
N LYS A 451 24.80 1.66 2.56
CA LYS A 451 25.14 2.28 3.84
C LYS A 451 26.53 2.93 3.80
N ASP A 452 27.51 2.23 3.24
CA ASP A 452 28.81 2.87 3.02
C ASP A 452 29.09 2.94 1.53
N SER A 453 28.88 4.12 0.97
CA SER A 453 29.07 4.31 -0.44
C SER A 453 30.54 4.50 -0.82
N ALA A 454 31.46 4.30 0.11
CA ALA A 454 32.89 4.45 -0.19
C ALA A 454 33.43 3.27 -0.98
N PHE A 455 32.70 2.17 -0.96
CA PHE A 455 33.19 0.92 -1.52
C PHE A 455 32.53 0.52 -2.85
N LYS A 456 33.33 -0.05 -3.74
CA LYS A 456 32.86 -0.73 -4.95
C LYS A 456 31.75 -1.72 -4.68
N HIS A 457 30.83 -1.89 -5.64
CA HIS A 457 30.02 -3.10 -5.64
C HIS A 457 31.01 -4.27 -5.83
N PRO A 458 30.87 -5.33 -5.04
CA PRO A 458 31.77 -6.49 -5.12
C PRO A 458 31.91 -7.05 -6.53
N ALA A 459 33.09 -7.58 -6.87
CA ALA A 459 33.28 -8.32 -8.12
C ALA A 459 32.27 -9.47 -8.19
N PRO A 460 32.04 -10.01 -9.40
CA PRO A 460 31.12 -11.15 -9.49
C PRO A 460 31.56 -12.27 -8.55
N THR A 461 30.69 -12.70 -7.65
CA THR A 461 31.05 -13.69 -6.63
C THR A 461 29.91 -14.70 -6.48
N PHE A 462 29.97 -15.77 -7.27
CA PHE A 462 28.86 -16.73 -7.37
C PHE A 462 29.02 -17.83 -6.32
N GLY A 463 30.24 -17.99 -5.82
CA GLY A 463 30.53 -19.01 -4.83
C GLY A 463 30.94 -20.33 -5.44
N ASP A 464 31.10 -21.32 -4.58
CA ASP A 464 31.43 -22.68 -5.01
C ASP A 464 30.15 -23.46 -5.30
N LEU A 465 29.87 -23.69 -6.57
CA LEU A 465 28.60 -24.30 -6.97
C LEU A 465 28.39 -25.71 -6.40
N SER A 466 29.45 -26.30 -5.85
CA SER A 466 29.35 -27.64 -5.24
C SER A 466 28.98 -27.59 -3.76
N LYS A 467 29.43 -26.58 -3.03
CA LYS A 467 29.06 -26.45 -1.62
C LYS A 467 28.43 -25.10 -1.32
N LEU A 468 27.11 -25.07 -1.28
CA LEU A 468 26.36 -23.82 -1.19
C LEU A 468 25.74 -23.59 0.19
N PRO A 469 25.67 -22.32 0.63
CA PRO A 469 25.09 -21.94 1.94
C PRO A 469 23.57 -22.10 2.02
N PHE A 470 23.00 -22.72 0.99
CA PHE A 470 21.62 -23.20 1.03
C PHE A 470 21.61 -24.48 0.23
N GLY A 471 20.56 -25.27 0.38
CA GLY A 471 20.46 -26.51 -0.36
C GLY A 471 19.03 -26.64 -0.84
N ASP A 472 18.53 -27.85 -0.90
CA ASP A 472 17.09 -28.02 -1.05
C ASP A 472 16.47 -27.57 0.26
N LEU A 473 15.64 -26.53 0.20
CA LEU A 473 14.86 -26.15 1.36
C LEU A 473 13.99 -27.35 1.69
N ASP A 474 13.66 -28.09 0.64
CA ASP A 474 12.85 -29.31 0.67
C ASP A 474 11.55 -29.15 1.44
N PRO A 475 10.58 -28.43 0.86
CA PRO A 475 9.28 -28.50 1.51
C PRO A 475 8.44 -29.63 0.94
N THR A 476 7.39 -29.90 1.69
CA THR A 476 6.09 -30.29 1.20
C THR A 476 5.68 -29.66 -0.15
N GLY A 477 4.52 -29.02 -0.15
CA GLY A 477 4.11 -28.16 -1.26
C GLY A 477 3.17 -27.14 -0.66
N LYS A 478 3.36 -26.90 0.65
CA LYS A 478 2.43 -26.15 1.49
C LYS A 478 2.61 -24.64 1.36
N PHE A 479 3.84 -24.21 1.10
CA PHE A 479 4.11 -22.77 1.03
C PHE A 479 4.75 -22.38 -0.28
N ILE A 480 5.77 -23.13 -0.72
CA ILE A 480 6.45 -22.82 -1.97
C ILE A 480 5.98 -23.68 -3.15
N VAL A 481 5.41 -22.99 -4.15
CA VAL A 481 5.06 -23.59 -5.43
C VAL A 481 6.33 -23.91 -6.22
N SER A 482 7.07 -22.85 -6.53
CA SER A 482 8.16 -22.91 -7.50
C SER A 482 9.30 -21.95 -7.16
N THR A 483 10.53 -22.46 -7.14
CA THR A 483 11.70 -21.62 -6.90
C THR A 483 12.28 -21.11 -8.21
N ARG A 484 12.69 -19.85 -8.21
CA ARG A 484 13.16 -19.17 -9.39
C ARG A 484 14.29 -18.20 -9.04
N VAL A 485 15.30 -18.10 -9.89
CA VAL A 485 16.31 -17.05 -9.76
C VAL A 485 16.66 -16.48 -11.15
N ARG A 486 16.66 -15.16 -11.28
CA ARG A 486 16.95 -14.50 -12.54
C ARG A 486 17.98 -13.40 -12.39
N VAL A 487 18.62 -13.03 -13.51
CA VAL A 487 19.46 -11.86 -13.57
C VAL A 487 19.23 -11.15 -14.89
N GLY A 488 19.44 -9.84 -14.88
CA GLY A 488 19.43 -9.06 -16.11
C GLY A 488 20.85 -8.87 -16.58
N ARG A 489 21.04 -8.69 -17.88
CA ARG A 489 22.33 -8.32 -18.41
C ARG A 489 22.13 -7.36 -19.58
N SER A 490 23.14 -6.53 -19.83
CA SER A 490 23.15 -5.68 -21.01
C SER A 490 24.39 -6.03 -21.81
N VAL A 491 24.29 -5.91 -23.14
CA VAL A 491 25.43 -6.15 -24.00
C VAL A 491 26.10 -4.82 -24.29
N GLU A 492 27.41 -4.77 -24.15
CA GLU A 492 28.16 -3.57 -24.48
C GLU A 492 27.93 -3.12 -25.91
N GLY A 493 27.76 -1.82 -26.10
CA GLY A 493 27.71 -1.25 -27.43
C GLY A 493 26.30 -1.08 -27.98
N PHE A 494 25.29 -1.40 -27.16
CA PHE A 494 23.89 -1.33 -27.58
C PHE A 494 23.08 -0.45 -26.66
N LEU A 495 22.25 0.42 -27.24
CA LEU A 495 21.20 1.11 -26.49
C LEU A 495 20.26 0.09 -25.86
N PHE A 496 19.59 0.49 -24.79
CA PHE A 496 18.64 -0.37 -24.08
C PHE A 496 17.29 -0.47 -24.80
N PRO A 497 16.46 -1.48 -24.44
CA PRO A 497 15.20 -1.71 -25.16
C PRO A 497 14.24 -0.54 -25.14
N THR A 498 14.49 0.43 -24.25
CA THR A 498 13.67 1.63 -24.16
C THR A 498 13.71 2.45 -25.45
N ILE A 499 14.92 2.81 -25.88
CA ILE A 499 15.06 3.76 -26.97
C ILE A 499 15.84 3.25 -28.18
N MET A 500 16.38 2.04 -28.08
CA MET A 500 17.11 1.43 -29.20
C MET A 500 16.23 1.34 -30.47
N SER A 501 16.87 1.39 -31.63
CA SER A 501 16.17 1.28 -32.90
C SER A 501 15.87 -0.16 -33.31
N LYS A 502 14.94 -0.31 -34.23
CA LYS A 502 14.61 -1.60 -34.85
C LYS A 502 15.85 -2.35 -35.36
N THR A 503 16.67 -1.66 -36.15
CA THR A 503 17.92 -2.22 -36.66
C THR A 503 18.84 -2.66 -35.54
N ASP A 504 18.79 -1.95 -34.42
CA ASP A 504 19.57 -2.33 -33.24
C ASP A 504 19.07 -3.66 -32.71
N ARG A 505 17.75 -3.83 -32.69
CA ARG A 505 17.14 -5.04 -32.14
C ARG A 505 17.52 -6.25 -32.98
N ILE A 506 17.43 -6.10 -34.29
CA ILE A 506 17.81 -7.16 -35.20
C ILE A 506 19.25 -7.60 -34.98
N LYS A 507 20.17 -6.64 -34.81
CA LYS A 507 21.56 -6.99 -34.58
C LYS A 507 21.81 -7.60 -33.19
N LEU A 508 21.19 -7.03 -32.17
CA LEU A 508 21.28 -7.57 -30.82
C LEU A 508 20.77 -9.01 -30.77
N GLU A 509 19.60 -9.25 -31.36
CA GLU A 509 19.01 -10.59 -31.33
C GLU A 509 19.95 -11.58 -32.02
N GLN A 510 20.62 -11.14 -33.09
CA GLN A 510 21.55 -12.03 -33.78
C GLN A 510 22.70 -12.42 -32.86
N VAL A 511 23.31 -11.44 -32.17
CA VAL A 511 24.37 -11.73 -31.20
C VAL A 511 23.92 -12.77 -30.16
N ILE A 512 22.79 -12.50 -29.52
CA ILE A 512 22.35 -13.29 -28.40
C ILE A 512 21.80 -14.65 -28.80
N SER A 513 20.93 -14.68 -29.82
CA SER A 513 20.35 -15.96 -30.26
C SER A 513 21.45 -16.93 -30.70
N GLY A 514 22.46 -16.41 -31.40
CA GLY A 514 23.64 -17.20 -31.75
C GLY A 514 24.27 -17.95 -30.59
N ALA A 515 24.57 -17.24 -29.51
CA ALA A 515 25.11 -17.85 -28.30
C ALA A 515 24.12 -18.88 -27.73
N LEU A 516 22.84 -18.53 -27.72
CA LEU A 516 21.82 -19.39 -27.09
C LEU A 516 21.64 -20.68 -27.86
N LYS A 517 21.74 -20.60 -29.17
CA LYS A 517 21.59 -21.77 -30.01
C LYS A 517 22.71 -22.79 -29.79
N GLY A 518 23.83 -22.33 -29.24
CA GLY A 518 24.98 -23.18 -29.02
C GLY A 518 25.14 -23.75 -27.61
N LEU A 519 24.24 -23.40 -26.70
CA LEU A 519 24.25 -23.91 -25.32
C LEU A 519 24.13 -25.43 -25.31
N THR A 520 24.90 -26.08 -24.44
CA THR A 520 24.92 -27.55 -24.44
C THR A 520 24.42 -28.14 -23.13
N GLY A 521 24.18 -29.46 -23.15
CA GLY A 521 23.85 -30.19 -21.94
C GLY A 521 22.48 -29.89 -21.37
N GLU A 522 22.44 -29.60 -20.08
CA GLU A 522 21.19 -29.23 -19.41
C GLU A 522 20.66 -27.89 -19.95
N HIS A 523 21.54 -27.07 -20.54
CA HIS A 523 21.17 -25.75 -21.00
C HIS A 523 20.82 -25.71 -22.50
N ALA A 524 20.96 -26.84 -23.19
CA ALA A 524 20.57 -26.95 -24.60
C ALA A 524 19.07 -26.74 -24.76
N GLY A 525 18.67 -26.05 -25.82
CA GLY A 525 17.26 -25.74 -25.99
C GLY A 525 17.00 -25.10 -27.33
N THR A 526 15.84 -24.49 -27.45
CA THR A 526 15.40 -23.92 -28.71
C THR A 526 15.14 -22.42 -28.55
N TYR A 527 15.51 -21.62 -29.56
CA TYR A 527 15.17 -20.19 -29.57
C TYR A 527 13.88 -19.97 -30.35
N TYR A 528 12.94 -19.25 -29.74
CA TYR A 528 11.67 -18.92 -30.37
C TYR A 528 11.49 -17.41 -30.59
N PRO A 529 11.78 -16.92 -31.80
CA PRO A 529 11.51 -15.52 -32.12
C PRO A 529 10.03 -15.18 -31.95
N LEU A 530 9.71 -14.05 -31.36
CA LEU A 530 8.31 -13.68 -31.19
C LEU A 530 7.60 -13.44 -32.54
N THR A 531 8.37 -13.14 -33.59
CA THR A 531 7.78 -12.98 -34.91
C THR A 531 7.17 -14.27 -35.51
N ASP A 532 7.64 -15.44 -35.05
CA ASP A 532 7.15 -16.74 -35.57
C ASP A 532 6.28 -17.51 -34.59
N MET A 533 6.01 -16.91 -33.43
CA MET A 533 5.26 -17.61 -32.39
C MET A 533 3.75 -17.29 -32.45
N LYS A 534 2.93 -18.34 -32.39
CA LYS A 534 1.47 -18.20 -32.42
C LYS A 534 0.93 -17.61 -31.10
N GLU A 535 -0.23 -16.96 -31.19
CA GLU A 535 -0.80 -16.23 -30.05
C GLU A 535 -1.24 -17.13 -28.90
N GLU A 536 -1.64 -18.37 -29.18
CA GLU A 536 -1.99 -19.28 -28.08
C GLU A 536 -0.74 -19.97 -27.51
N ASP A 537 0.30 -20.14 -28.33
CA ASP A 537 1.60 -20.53 -27.81
C ASP A 537 2.04 -19.48 -26.78
N ARG A 538 2.18 -18.23 -27.24
CA ARG A 538 2.64 -17.11 -26.40
C ARG A 538 1.86 -16.92 -25.09
N LYS A 539 0.53 -17.00 -25.16
CA LYS A 539 -0.28 -16.78 -23.97
C LYS A 539 -0.15 -17.95 -22.99
N GLN A 540 0.09 -19.15 -23.51
CA GLN A 540 0.29 -20.31 -22.65
C GLN A 540 1.55 -20.14 -21.80
N LEU A 541 2.66 -19.82 -22.47
CA LEU A 541 3.95 -19.57 -21.80
C LEU A 541 3.92 -18.41 -20.79
N VAL A 542 3.14 -17.37 -21.09
CA VAL A 542 2.93 -16.24 -20.17
C VAL A 542 2.16 -16.66 -18.90
N GLU A 543 1.05 -17.38 -19.08
CA GLU A 543 0.26 -17.84 -17.95
C GLU A 543 1.00 -18.93 -17.16
N ASP A 544 1.94 -19.60 -17.84
CA ASP A 544 2.78 -20.58 -17.19
C ASP A 544 3.94 -19.90 -16.45
N HIS A 545 3.91 -18.56 -16.41
CA HIS A 545 4.94 -17.75 -15.75
C HIS A 545 6.32 -17.87 -16.41
N PHE A 546 6.35 -18.31 -17.67
CA PHE A 546 7.60 -18.52 -18.42
C PHE A 546 8.02 -17.32 -19.29
N LEU A 547 7.04 -16.73 -19.96
CA LEU A 547 7.29 -15.64 -20.89
C LEU A 547 6.87 -14.31 -20.27
N PHE A 548 7.65 -13.25 -20.55
CA PHE A 548 7.24 -11.88 -20.23
C PHE A 548 5.94 -11.47 -20.94
N LYS A 549 5.17 -10.59 -20.29
CA LYS A 549 3.93 -10.07 -20.87
C LYS A 549 4.17 -8.89 -21.82
N ASN A 550 3.20 -8.62 -22.71
CA ASN A 550 3.33 -7.63 -23.77
C ASN A 550 2.37 -6.43 -23.63
N ASP A 551 1.79 -6.28 -22.44
CA ASP A 551 0.79 -5.25 -22.21
C ASP A 551 1.06 -4.44 -20.96
N ASP A 552 2.31 -4.35 -20.55
CA ASP A 552 2.67 -3.55 -19.38
C ASP A 552 2.75 -2.08 -19.78
N PRO A 553 1.86 -1.24 -19.25
CA PRO A 553 1.83 0.17 -19.73
C PRO A 553 3.09 0.93 -19.32
N VAL A 554 3.64 0.60 -18.16
CA VAL A 554 4.84 1.24 -17.69
C VAL A 554 6.03 0.99 -18.62
N LEU A 555 6.23 -0.25 -19.04
CA LEU A 555 7.30 -0.54 -19.98
C LEU A 555 6.99 0.03 -21.37
N ARG A 556 5.71 0.02 -21.73
CA ARG A 556 5.25 0.57 -23.01
C ARG A 556 5.57 2.06 -23.12
N ASP A 557 5.25 2.81 -22.08
CA ASP A 557 5.48 4.25 -22.12
C ASP A 557 6.97 4.63 -21.94
N ALA A 558 7.79 3.64 -21.60
CA ALA A 558 9.25 3.85 -21.53
C ALA A 558 9.89 3.58 -22.87
N GLY A 559 9.11 3.06 -23.82
CA GLY A 559 9.60 2.80 -25.17
C GLY A 559 9.77 1.31 -25.49
N GLY A 560 9.55 0.46 -24.50
CA GLY A 560 9.91 -0.95 -24.63
C GLY A 560 9.10 -1.85 -25.56
N TYR A 561 8.00 -1.36 -26.11
CA TYR A 561 7.24 -2.13 -27.08
C TYR A 561 7.35 -1.63 -28.53
N ARG A 562 8.28 -0.72 -28.81
CA ARG A 562 8.39 -0.15 -30.16
C ARG A 562 8.89 -1.17 -31.19
N ASP A 563 8.38 -1.01 -32.40
CA ASP A 563 8.61 -1.93 -33.53
C ASP A 563 8.35 -3.37 -33.14
N TRP A 564 7.20 -3.59 -32.53
CA TRP A 564 6.81 -4.90 -32.01
C TRP A 564 6.52 -5.86 -33.16
N PRO A 565 7.04 -7.10 -33.07
CA PRO A 565 7.85 -7.67 -32.00
C PRO A 565 9.30 -7.94 -32.44
N VAL A 566 9.84 -7.08 -33.31
CA VAL A 566 11.16 -7.28 -33.89
C VAL A 566 12.29 -7.43 -32.87
N GLY A 567 12.96 -8.59 -32.92
CA GLY A 567 14.12 -8.84 -32.10
C GLY A 567 13.82 -9.30 -30.68
N ARG A 568 12.57 -9.63 -30.40
CA ARG A 568 12.20 -10.23 -29.11
C ARG A 568 12.07 -11.74 -29.25
N GLY A 569 12.45 -12.48 -28.20
CA GLY A 569 12.33 -13.92 -28.23
C GLY A 569 12.41 -14.58 -26.87
N ILE A 570 12.03 -15.85 -26.83
CA ILE A 570 12.18 -16.72 -25.68
C ILE A 570 13.03 -17.92 -26.07
N PHE A 571 14.04 -18.22 -25.25
CA PHE A 571 14.78 -19.47 -25.36
C PHE A 571 14.49 -20.29 -24.09
N HIS A 572 14.46 -21.61 -24.22
CA HIS A 572 14.36 -22.45 -23.03
C HIS A 572 14.84 -23.88 -23.32
N ASN A 573 15.34 -24.59 -22.31
CA ASN A 573 15.65 -26.00 -22.50
C ASN A 573 14.34 -26.79 -22.59
N ASN A 574 14.42 -28.08 -22.88
CA ASN A 574 13.20 -28.88 -23.04
C ASN A 574 12.36 -28.93 -21.76
N SER A 575 13.00 -29.11 -20.62
CA SER A 575 12.30 -29.16 -19.33
C SER A 575 11.68 -27.83 -18.88
N LYS A 576 12.03 -26.74 -19.57
CA LYS A 576 11.77 -25.38 -19.11
C LYS A 576 12.24 -25.14 -17.66
N THR A 577 13.45 -25.58 -17.36
CA THR A 577 14.08 -25.21 -16.09
C THR A 577 15.08 -24.06 -16.31
N PHE A 578 15.33 -23.69 -17.56
CA PHE A 578 16.28 -22.64 -17.90
C PHE A 578 15.79 -21.87 -19.13
N LEU A 579 15.69 -20.55 -18.99
CA LEU A 579 14.99 -19.74 -19.98
C LEU A 579 15.68 -18.39 -20.16
N VAL A 580 15.55 -17.81 -21.35
CA VAL A 580 16.10 -16.49 -21.61
C VAL A 580 15.13 -15.61 -22.41
N TRP A 581 14.69 -14.50 -21.82
CA TRP A 581 13.96 -13.50 -22.59
C TRP A 581 14.94 -12.64 -23.36
N VAL A 582 14.81 -12.59 -24.68
CA VAL A 582 15.68 -11.68 -25.44
C VAL A 582 14.95 -10.37 -25.68
N CYS A 583 15.58 -9.29 -25.22
CA CYS A 583 15.16 -7.90 -25.44
C CYS A 583 13.72 -7.56 -24.99
N GLU A 584 13.39 -7.88 -23.75
CA GLU A 584 12.20 -7.33 -23.12
C GLU A 584 12.55 -6.00 -22.45
N GLU A 585 12.58 -5.95 -21.11
CA GLU A 585 13.01 -4.73 -20.44
C GLU A 585 14.53 -4.52 -20.58
N ASP A 586 15.28 -5.59 -20.36
CA ASP A 586 16.72 -5.57 -20.61
C ASP A 586 17.07 -6.41 -21.83
N HIS A 587 18.31 -6.31 -22.27
CA HIS A 587 18.76 -7.05 -23.42
C HIS A 587 18.54 -8.53 -23.23
N MET A 588 18.71 -8.97 -21.99
CA MET A 588 18.65 -10.37 -21.59
C MET A 588 18.03 -10.48 -20.22
N ARG A 589 17.30 -11.55 -20.01
CA ARG A 589 16.95 -11.98 -18.66
C ARG A 589 17.19 -13.46 -18.61
N ILE A 590 18.16 -13.85 -17.80
CA ILE A 590 18.55 -15.24 -17.70
C ILE A 590 17.87 -15.84 -16.47
N ILE A 591 17.08 -16.89 -16.69
CA ILE A 591 16.18 -17.43 -15.67
C ILE A 591 16.41 -18.92 -15.39
N SER A 592 16.37 -19.28 -14.12
CA SER A 592 16.38 -20.67 -13.73
C SER A 592 15.19 -20.91 -12.79
N MET A 593 14.42 -21.96 -13.06
CA MET A 593 13.30 -22.29 -12.18
C MET A 593 12.98 -23.77 -12.26
N GLN A 594 12.21 -24.23 -11.28
CA GLN A 594 11.61 -25.56 -11.31
C GLN A 594 10.50 -25.61 -10.25
N GLN A 595 9.68 -26.65 -10.31
CA GLN A 595 8.69 -26.85 -9.25
C GLN A 595 9.41 -27.33 -8.01
N GLY A 596 8.94 -26.87 -6.84
CA GLY A 596 9.56 -27.20 -5.57
C GLY A 596 10.31 -26.04 -4.92
N GLY A 597 11.11 -26.36 -3.91
CA GLY A 597 11.85 -25.37 -3.15
C GLY A 597 13.36 -25.51 -3.17
N ASN A 598 13.89 -26.42 -3.99
CA ASN A 598 15.33 -26.65 -4.06
C ASN A 598 16.12 -25.49 -4.70
N LEU A 599 16.31 -24.42 -3.92
CA LEU A 599 17.03 -23.23 -4.36
C LEU A 599 18.43 -23.52 -4.89
N ALA A 600 19.10 -24.52 -4.32
CA ALA A 600 20.48 -24.78 -4.68
C ALA A 600 20.64 -25.32 -6.08
N ALA A 601 19.74 -26.20 -6.49
CA ALA A 601 19.76 -26.74 -7.85
C ALA A 601 19.45 -25.65 -8.87
N VAL A 602 18.47 -24.81 -8.53
CA VAL A 602 18.03 -23.70 -9.37
C VAL A 602 19.17 -22.70 -9.55
N TYR A 603 19.75 -22.30 -8.42
CA TYR A 603 20.86 -21.38 -8.40
C TYR A 603 22.05 -21.88 -9.24
N LYS A 604 22.42 -23.14 -9.06
CA LYS A 604 23.58 -23.71 -9.78
C LYS A 604 23.38 -23.69 -11.29
N ARG A 605 22.19 -24.10 -11.74
CA ARG A 605 21.83 -24.10 -13.15
C ARG A 605 21.93 -22.69 -13.75
N LEU A 606 21.47 -21.71 -12.97
CA LEU A 606 21.56 -20.31 -13.38
C LEU A 606 23.01 -19.88 -13.64
N ILE A 607 23.87 -20.03 -12.64
CA ILE A 607 25.24 -19.53 -12.75
C ILE A 607 25.95 -20.15 -13.95
N GLU A 608 25.77 -21.45 -14.14
CA GLU A 608 26.37 -22.15 -15.27
C GLU A 608 25.89 -21.59 -16.62
N GLY A 609 24.62 -21.19 -16.66
CA GLY A 609 24.05 -20.65 -17.88
C GLY A 609 24.58 -19.26 -18.21
N ILE A 610 24.68 -18.43 -17.19
CA ILE A 610 25.25 -17.09 -17.32
C ILE A 610 26.67 -17.11 -17.89
N ASN A 611 27.53 -17.95 -17.32
CA ASN A 611 28.92 -18.09 -17.78
C ASN A 611 29.00 -18.55 -19.23
N ALA A 612 28.14 -19.50 -19.61
CA ALA A 612 28.18 -20.02 -20.98
C ALA A 612 27.79 -18.94 -21.99
N ILE A 613 26.74 -18.19 -21.66
CA ILE A 613 26.30 -17.08 -22.50
C ILE A 613 27.38 -16.01 -22.61
N GLY A 614 28.05 -15.75 -21.49
CA GLY A 614 29.01 -14.67 -21.37
C GLY A 614 30.28 -14.88 -22.17
N LYS A 615 30.51 -16.11 -22.63
CA LYS A 615 31.64 -16.41 -23.50
C LYS A 615 31.55 -15.67 -24.84
N SER A 616 30.32 -15.41 -25.29
CA SER A 616 30.13 -14.89 -26.64
C SER A 616 29.90 -13.39 -26.70
N MET A 617 29.87 -12.73 -25.55
CA MET A 617 29.60 -11.30 -25.53
C MET A 617 30.03 -10.71 -24.21
N LYS A 618 30.32 -9.41 -24.24
CA LYS A 618 30.75 -8.71 -23.06
C LYS A 618 29.58 -7.97 -22.40
N PHE A 619 29.26 -8.37 -21.17
CA PHE A 619 28.26 -7.71 -20.35
C PHE A 619 28.72 -6.33 -19.88
N ALA A 620 27.82 -5.35 -19.95
CA ALA A 620 28.08 -4.01 -19.41
C ALA A 620 28.22 -4.06 -17.89
N HIS A 621 29.29 -3.46 -17.39
CA HIS A 621 29.63 -3.58 -15.98
C HIS A 621 30.48 -2.40 -15.51
N SER A 622 30.18 -1.84 -14.33
CA SER A 622 31.02 -0.80 -13.71
C SER A 622 31.44 -1.16 -12.28
N ASP A 623 32.50 -0.51 -11.81
CA ASP A 623 32.98 -0.73 -10.45
C ASP A 623 31.94 -0.26 -9.46
N LYS A 624 31.37 0.91 -9.72
CA LYS A 624 30.43 1.49 -8.78
C LYS A 624 29.11 0.73 -8.76
N TYR A 625 28.63 0.29 -9.91
CA TYR A 625 27.25 -0.17 -10.02
C TYR A 625 27.09 -1.65 -10.37
N GLY A 626 28.20 -2.36 -10.57
CA GLY A 626 28.16 -3.74 -11.03
C GLY A 626 27.58 -3.87 -12.44
N TYR A 627 26.76 -4.90 -12.63
CA TYR A 627 26.15 -5.15 -13.94
C TYR A 627 25.05 -4.10 -14.17
N ILE A 628 25.19 -3.38 -15.27
CA ILE A 628 24.31 -2.26 -15.57
C ILE A 628 23.06 -2.72 -16.33
N THR A 629 21.92 -2.16 -15.93
CA THR A 629 20.63 -2.53 -16.48
C THR A 629 19.77 -1.29 -16.80
N CYS A 630 18.63 -1.54 -17.44
CA CYS A 630 17.68 -0.49 -17.80
C CYS A 630 17.22 0.31 -16.58
N CYS A 631 16.59 -0.39 -15.64
CA CYS A 631 16.13 0.18 -14.38
C CYS A 631 17.24 0.13 -13.33
N PRO A 632 17.43 1.23 -12.57
CA PRO A 632 18.42 1.26 -11.47
C PRO A 632 18.16 0.21 -10.37
N SER A 633 16.90 -0.21 -10.21
CA SER A 633 16.58 -1.29 -9.25
C SER A 633 17.26 -2.65 -9.55
N ASN A 634 17.72 -2.84 -10.78
CA ASN A 634 18.33 -4.11 -11.22
C ASN A 634 19.85 -4.04 -11.42
N LEU A 635 20.50 -3.11 -10.74
CA LEU A 635 21.94 -2.99 -10.82
C LEU A 635 22.63 -4.01 -9.92
N GLY A 636 23.96 -4.06 -9.99
CA GLY A 636 24.74 -4.86 -9.08
C GLY A 636 24.88 -6.32 -9.49
N THR A 637 24.29 -7.20 -8.68
CA THR A 637 24.13 -8.61 -9.02
C THR A 637 23.05 -8.75 -10.10
N SER A 638 22.14 -7.78 -10.12
CA SER A 638 20.98 -7.82 -11.00
C SER A 638 20.17 -9.09 -10.72
N MET A 639 20.29 -9.59 -9.50
CA MET A 639 19.75 -10.89 -9.20
C MET A 639 18.48 -10.77 -8.38
N ARG A 640 17.46 -11.50 -8.80
CA ARG A 640 16.23 -11.61 -8.05
C ARG A 640 15.94 -13.08 -7.81
N ALA A 641 16.10 -13.51 -6.57
CA ALA A 641 15.72 -14.86 -6.14
C ALA A 641 14.33 -14.81 -5.53
N SER A 642 13.53 -15.82 -5.83
CA SER A 642 12.13 -15.76 -5.42
C SER A 642 11.53 -17.13 -5.43
N VAL A 643 10.46 -17.26 -4.65
CA VAL A 643 9.53 -18.36 -4.80
C VAL A 643 8.14 -17.72 -4.92
N LEU A 644 7.20 -18.43 -5.52
CA LEU A 644 5.80 -18.10 -5.31
C LEU A 644 5.38 -18.75 -3.99
N LEU A 645 5.03 -17.91 -3.04
CA LEU A 645 4.81 -18.32 -1.67
C LEU A 645 3.35 -18.21 -1.24
N LYS A 646 2.68 -19.37 -1.17
CA LYS A 646 1.35 -19.45 -0.59
C LYS A 646 1.42 -19.16 0.89
N ILE A 647 1.11 -17.93 1.28
CA ILE A 647 0.91 -17.65 2.69
C ILE A 647 -0.58 -17.41 3.01
N PRO A 648 -1.38 -18.50 3.12
CA PRO A 648 -2.66 -18.50 3.82
C PRO A 648 -2.52 -18.49 5.35
N LYS A 649 -2.74 -17.32 5.96
CA LYS A 649 -2.94 -16.10 5.23
C LYS A 649 -2.46 -14.98 6.11
N LEU A 650 -1.16 -14.69 6.03
CA LEU A 650 -0.57 -13.52 6.67
C LEU A 650 -0.96 -12.28 5.86
N SER A 651 -1.49 -12.52 4.65
CA SER A 651 -2.13 -11.50 3.84
C SER A 651 -3.14 -10.80 4.74
N SER A 652 -3.77 -11.56 5.64
CA SER A 652 -4.92 -11.10 6.42
C SER A 652 -4.59 -9.79 7.13
N GLN A 653 -3.31 -9.66 7.47
CA GLN A 653 -2.77 -8.48 8.10
C GLN A 653 -1.60 -7.98 7.24
N PRO A 654 -1.93 -7.29 6.14
CA PRO A 654 -0.94 -6.87 5.13
C PRO A 654 0.13 -5.94 5.69
N LYS A 655 0.01 -5.57 6.96
CA LYS A 655 1.03 -4.78 7.63
C LYS A 655 1.94 -5.69 8.45
N LYS A 656 1.42 -6.86 8.84
CA LYS A 656 2.27 -7.91 9.39
C LYS A 656 3.05 -8.54 8.24
N LEU A 657 2.59 -8.31 7.01
CA LEU A 657 3.30 -8.77 5.83
C LEU A 657 4.31 -7.73 5.34
N ASP A 658 3.93 -6.45 5.43
CA ASP A 658 4.80 -5.34 5.07
C ASP A 658 5.87 -5.10 6.12
N GLU A 659 5.58 -5.45 7.37
CA GLU A 659 6.62 -5.37 8.37
C GLU A 659 7.62 -6.51 8.17
N ILE A 660 7.11 -7.72 7.96
CA ILE A 660 7.99 -8.86 7.77
C ILE A 660 8.77 -8.73 6.44
N CYS A 661 8.45 -7.70 5.65
CA CYS A 661 9.13 -7.42 4.37
C CYS A 661 10.23 -6.36 4.46
N ALA A 662 9.87 -5.18 4.99
CA ALA A 662 10.82 -4.08 5.21
C ALA A 662 11.96 -4.57 6.11
N LYS A 663 11.62 -5.41 7.08
CA LYS A 663 12.63 -6.08 7.91
C LYS A 663 13.66 -7.04 7.24
N TYR A 664 13.43 -7.52 6.00
CA TYR A 664 14.56 -8.21 5.31
C TYR A 664 15.13 -7.63 4.06
N MET A 665 14.75 -6.41 3.69
CA MET A 665 15.13 -5.89 2.37
C MET A 665 14.58 -6.87 1.33
N LEU A 666 13.33 -7.26 1.50
CA LEU A 666 12.67 -8.09 0.52
C LEU A 666 11.38 -7.42 0.01
N GLN A 667 10.92 -7.85 -1.16
CA GLN A 667 9.83 -7.16 -1.84
C GLN A 667 8.68 -8.13 -2.16
N ALA A 668 7.46 -7.64 -2.03
CA ALA A 668 6.28 -8.44 -2.36
C ALA A 668 5.68 -8.02 -3.72
N ARG A 669 5.60 -8.99 -4.63
CA ARG A 669 4.89 -8.78 -5.90
C ARG A 669 3.69 -9.72 -5.97
N GLY A 670 2.84 -9.51 -6.97
CA GLY A 670 1.67 -10.33 -7.16
C GLY A 670 2.00 -11.70 -7.76
N LEU A 671 0.96 -12.53 -7.90
CA LEU A 671 1.10 -13.87 -8.46
C LEU A 671 1.76 -13.85 -9.84
N TYR A 672 1.42 -12.86 -10.67
CA TYR A 672 1.99 -12.77 -12.01
C TYR A 672 2.98 -11.61 -12.18
N GLY A 673 3.75 -11.36 -11.11
CA GLY A 673 4.81 -10.36 -11.13
C GLY A 673 4.41 -9.02 -10.52
N GLU A 674 5.29 -8.04 -10.68
CA GLU A 674 5.02 -6.67 -10.24
C GLU A 674 3.75 -6.13 -10.90
N HIS A 675 3.07 -5.22 -10.20
CA HIS A 675 1.86 -4.56 -10.70
C HIS A 675 0.71 -5.54 -10.97
N THR A 676 0.71 -6.66 -10.26
CA THR A 676 -0.42 -7.58 -10.28
C THR A 676 -0.87 -7.79 -8.84
N GLU A 677 -2.12 -8.19 -8.68
CA GLU A 677 -2.67 -8.58 -7.38
C GLU A 677 -2.39 -10.08 -7.16
N SER A 678 -2.66 -10.54 -5.94
CA SER A 678 -2.42 -11.94 -5.59
C SER A 678 -3.71 -12.64 -5.13
N PRO A 679 -4.30 -13.48 -5.99
CA PRO A 679 -5.36 -14.35 -5.46
C PRO A 679 -4.70 -15.38 -4.53
N ASP A 680 -5.48 -16.10 -3.73
CA ASP A 680 -4.98 -17.19 -2.87
C ASP A 680 -4.18 -16.71 -1.66
N GLY A 681 -3.73 -15.46 -1.70
CA GLY A 681 -2.72 -14.99 -0.77
C GLY A 681 -1.40 -15.64 -1.11
N THR A 682 -1.19 -15.86 -2.41
CA THR A 682 0.07 -16.36 -2.94
C THR A 682 0.94 -15.16 -3.28
N TYR A 683 2.17 -15.13 -2.77
CA TYR A 683 3.02 -13.97 -3.05
C TYR A 683 4.40 -14.31 -3.65
N ASP A 684 4.69 -13.60 -4.74
CA ASP A 684 6.04 -13.45 -5.30
C ASP A 684 6.93 -12.84 -4.22
N ILE A 685 7.79 -13.66 -3.62
CA ILE A 685 8.59 -13.17 -2.50
C ILE A 685 10.10 -13.15 -2.83
N SER A 686 10.63 -11.96 -3.08
CA SER A 686 12.02 -11.82 -3.52
C SER A 686 12.87 -10.93 -2.61
N ASN A 687 14.19 -11.10 -2.66
CA ASN A 687 15.13 -10.15 -2.06
C ASN A 687 15.05 -8.79 -2.74
N LYS A 688 14.97 -7.70 -1.98
CA LYS A 688 14.79 -6.41 -2.65
C LYS A 688 16.11 -5.85 -3.19
N ARG A 689 17.19 -5.97 -2.44
CA ARG A 689 18.43 -5.32 -2.87
C ARG A 689 19.30 -6.25 -3.72
N ARG A 690 19.99 -5.64 -4.67
CA ARG A 690 20.77 -6.37 -5.65
C ARG A 690 22.18 -5.81 -5.72
N LEU A 691 22.36 -4.59 -5.20
CA LEU A 691 23.64 -3.90 -5.26
C LEU A 691 24.24 -3.76 -3.85
N GLY A 692 25.56 -3.86 -3.75
CA GLY A 692 26.23 -3.70 -2.47
C GLY A 692 26.34 -5.01 -1.71
N LEU A 693 26.33 -6.12 -2.47
CA LEU A 693 26.38 -7.46 -1.92
C LEU A 693 26.61 -8.44 -3.08
N THR A 694 27.11 -9.63 -2.78
CA THR A 694 27.43 -10.63 -3.80
C THR A 694 26.22 -11.50 -4.14
N GLU A 695 26.38 -12.34 -5.15
CA GLU A 695 25.29 -13.18 -5.64
C GLU A 695 24.90 -14.23 -4.60
N LEU A 696 25.89 -14.80 -3.91
CA LEU A 696 25.61 -15.69 -2.78
C LEU A 696 24.78 -14.98 -1.71
N GLN A 697 25.23 -13.79 -1.29
CA GLN A 697 24.57 -13.04 -0.25
C GLN A 697 23.14 -12.68 -0.65
N ALA A 698 22.95 -12.25 -1.90
CA ALA A 698 21.64 -11.85 -2.37
C ALA A 698 20.64 -13.01 -2.26
N ALA A 699 21.13 -14.21 -2.54
CA ALA A 699 20.28 -15.38 -2.55
C ALA A 699 20.04 -15.89 -1.13
N HIS A 700 20.99 -15.58 -0.24
CA HIS A 700 20.89 -15.99 1.16
C HIS A 700 19.93 -15.08 1.93
N GLU A 701 20.02 -13.79 1.70
CA GLU A 701 19.05 -12.83 2.26
C GLU A 701 17.62 -13.19 1.86
N MET A 702 17.47 -13.82 0.70
CA MET A 702 16.18 -14.34 0.28
C MET A 702 15.86 -15.63 1.01
N ALA A 703 16.80 -16.56 1.04
CA ALA A 703 16.60 -17.84 1.70
C ALA A 703 16.17 -17.63 3.15
N GLU A 704 16.94 -16.83 3.88
CA GLU A 704 16.64 -16.50 5.27
C GLU A 704 15.29 -15.79 5.38
N GLY A 705 15.07 -14.86 4.45
CA GLY A 705 13.82 -14.11 4.37
C GLY A 705 12.60 -15.00 4.25
N VAL A 706 12.63 -15.95 3.32
CA VAL A 706 11.51 -16.86 3.14
C VAL A 706 11.44 -17.93 4.24
N ALA A 707 12.59 -18.50 4.62
CA ALA A 707 12.65 -19.51 5.69
C ALA A 707 11.90 -19.00 6.92
N LYS A 708 12.12 -17.72 7.20
CA LYS A 708 11.46 -17.03 8.31
C LYS A 708 10.00 -16.67 8.05
N MET A 709 9.70 -16.09 6.88
CA MET A 709 8.31 -15.78 6.52
C MET A 709 7.44 -17.03 6.51
N ILE A 710 8.01 -18.15 6.06
CA ILE A 710 7.34 -19.43 6.24
C ILE A 710 7.11 -19.61 7.74
N GLU A 711 8.17 -19.65 8.55
CA GLU A 711 8.04 -20.04 9.97
C GLU A 711 6.97 -19.32 10.82
N ILE A 712 6.38 -18.25 10.31
CA ILE A 712 5.29 -17.59 11.02
C ILE A 712 3.96 -18.16 10.46
N GLU A 713 3.92 -19.49 10.32
CA GLU A 713 2.93 -20.20 9.50
C GLU A 713 1.81 -20.83 10.31
N LYS A 714 2.12 -21.91 11.04
CA LYS A 714 1.24 -22.58 11.96
C LYS A 714 1.97 -22.49 13.29
N GLY A 715 2.29 -21.24 13.58
CA GLY A 715 2.34 -20.72 14.93
C GLY A 715 1.21 -19.69 14.89
N LEU A 716 0.63 -19.58 13.69
CA LEU A 716 -0.51 -18.71 13.37
C LEU A 716 -1.85 -19.44 13.55
N MET B 1 -30.39 -8.15 5.10
CA MET B 1 -29.13 -8.87 5.19
C MET B 1 -29.30 -10.23 5.86
N GLN B 2 -29.04 -11.30 5.09
CA GLN B 2 -29.21 -12.67 5.57
C GLN B 2 -27.94 -13.20 6.24
N VAL B 3 -27.98 -13.38 7.55
CA VAL B 3 -26.85 -13.98 8.26
C VAL B 3 -27.29 -15.24 8.98
N GLU B 4 -26.33 -16.00 9.51
CA GLU B 4 -26.60 -17.21 10.28
C GLU B 4 -27.31 -16.86 11.59
N SER B 5 -27.87 -17.86 12.26
CA SER B 5 -28.45 -17.65 13.59
C SER B 5 -27.40 -17.13 14.60
N LEU B 6 -27.86 -16.37 15.58
CA LEU B 6 -27.00 -15.85 16.64
C LEU B 6 -26.23 -16.98 17.32
N GLN B 7 -26.92 -18.10 17.51
CA GLN B 7 -26.37 -19.30 18.14
C GLN B 7 -25.19 -19.86 17.36
N ASN B 8 -25.33 -19.96 16.04
CA ASN B 8 -24.23 -20.46 15.20
C ASN B 8 -23.05 -19.50 15.26
N LEU B 9 -23.34 -18.20 15.26
CA LEU B 9 -22.29 -17.19 15.31
C LEU B 9 -21.59 -17.19 16.66
N GLN B 10 -22.30 -17.41 17.75
CA GLN B 10 -21.64 -17.48 19.04
C GLN B 10 -20.60 -18.61 19.04
N VAL B 11 -21.03 -19.77 18.59
CA VAL B 11 -20.19 -20.96 18.48
C VAL B 11 -18.94 -20.70 17.63
N LYS B 12 -19.12 -20.16 16.43
CA LYS B 12 -18.00 -19.86 15.54
C LYS B 12 -17.03 -18.87 16.15
N ILE B 13 -17.55 -17.91 16.90
CA ILE B 13 -16.68 -16.91 17.49
C ILE B 13 -15.86 -17.56 18.61
N ARG B 14 -16.49 -18.39 19.44
CA ARG B 14 -15.80 -19.10 20.51
C ARG B 14 -14.83 -20.17 20.01
N ASN B 15 -15.22 -20.93 18.99
CA ASN B 15 -14.38 -22.02 18.51
C ASN B 15 -13.14 -21.52 17.78
N ASP B 16 -13.15 -20.24 17.39
CA ASP B 16 -12.02 -19.65 16.70
C ASP B 16 -10.95 -19.17 17.69
N GLU B 17 -9.89 -19.96 17.85
CA GLU B 17 -8.85 -19.64 18.83
C GLU B 17 -8.06 -18.41 18.40
N ARG B 18 -8.22 -17.99 17.16
CA ARG B 18 -7.61 -16.73 16.75
C ARG B 18 -8.43 -15.51 17.21
N ASN B 19 -9.68 -15.74 17.62
CA ASN B 19 -10.55 -14.63 18.04
C ASN B 19 -10.40 -14.23 19.52
N HIS B 20 -10.05 -12.98 19.78
CA HIS B 20 -10.03 -12.42 21.14
C HIS B 20 -10.85 -11.13 21.24
N SER B 21 -11.93 -11.07 20.48
CA SER B 21 -12.76 -9.86 20.41
C SER B 21 -13.52 -9.60 21.70
N LEU B 22 -13.97 -8.36 21.89
CA LEU B 22 -14.79 -8.07 23.07
C LEU B 22 -16.16 -8.69 22.86
N THR B 23 -16.55 -8.85 21.60
CA THR B 23 -17.77 -9.59 21.26
C THR B 23 -17.71 -11.00 21.82
N LYS B 24 -16.58 -11.67 21.63
CA LYS B 24 -16.38 -13.03 22.15
C LYS B 24 -16.47 -13.05 23.68
N LYS B 25 -16.00 -11.99 24.29
CA LYS B 25 -15.99 -11.85 25.76
C LYS B 25 -17.39 -11.69 26.37
N TYR B 26 -18.28 -10.97 25.67
CA TYR B 26 -19.56 -10.60 26.27
C TYR B 26 -20.77 -11.28 25.62
N LEU B 27 -20.55 -11.99 24.51
CA LEU B 27 -21.65 -12.71 23.88
C LEU B 27 -21.81 -14.04 24.60
N THR B 28 -22.45 -13.97 25.76
CA THR B 28 -22.67 -15.10 26.64
C THR B 28 -23.93 -15.88 26.28
N ASP B 29 -24.08 -17.05 26.89
CA ASP B 29 -25.28 -17.86 26.73
C ASP B 29 -26.52 -17.09 27.17
N ASP B 30 -26.43 -16.35 28.27
CA ASP B 30 -27.58 -15.58 28.72
C ASP B 30 -27.97 -14.50 27.71
N ILE B 31 -26.96 -13.81 27.15
CA ILE B 31 -27.18 -12.81 26.11
C ILE B 31 -27.83 -13.43 24.86
N VAL B 32 -27.36 -14.60 24.45
CA VAL B 32 -27.91 -15.26 23.27
C VAL B 32 -29.36 -15.65 23.51
N LYS B 33 -29.61 -16.31 24.63
CA LYS B 33 -30.95 -16.68 25.03
C LYS B 33 -31.89 -15.46 25.11
N LYS B 34 -31.43 -14.38 25.71
CA LYS B 34 -32.30 -13.23 25.89
C LYS B 34 -32.69 -12.59 24.54
N TYR B 35 -31.73 -12.50 23.63
CA TYR B 35 -31.90 -11.68 22.43
C TYR B 35 -32.12 -12.40 21.08
N GLN B 36 -31.96 -13.72 21.04
CA GLN B 36 -31.99 -14.46 19.76
C GLN B 36 -33.23 -14.22 18.90
N ALA B 37 -34.34 -13.85 19.52
CA ALA B 37 -35.55 -13.57 18.75
C ALA B 37 -35.87 -12.07 18.60
N THR B 38 -35.10 -11.21 19.27
CA THR B 38 -35.44 -9.78 19.36
C THR B 38 -35.13 -8.99 18.08
N LYS B 39 -36.05 -8.11 17.66
CA LYS B 39 -35.81 -7.18 16.58
C LYS B 39 -35.76 -5.73 17.09
N THR B 40 -34.90 -4.89 16.51
CA THR B 40 -34.98 -3.44 16.68
C THR B 40 -36.19 -2.91 15.93
N SER B 41 -36.54 -1.65 16.16
CA SER B 41 -37.68 -1.04 15.47
C SER B 41 -37.45 -0.92 13.97
N LEU B 42 -36.21 -1.05 13.51
CA LEU B 42 -35.92 -1.04 12.08
C LEU B 42 -35.74 -2.47 11.54
N GLY B 43 -36.02 -3.47 12.37
CA GLY B 43 -36.00 -4.87 11.92
C GLY B 43 -34.65 -5.56 12.02
N GLY B 44 -33.72 -4.93 12.76
CA GLY B 44 -32.39 -5.48 12.97
C GLY B 44 -32.26 -6.56 14.05
N THR B 45 -31.22 -7.39 13.92
CA THR B 45 -30.95 -8.43 14.91
C THR B 45 -29.55 -8.30 15.53
N LEU B 46 -29.35 -8.98 16.65
CA LEU B 46 -28.02 -9.05 17.26
C LEU B 46 -27.05 -9.84 16.38
N ALA B 47 -27.53 -10.90 15.72
CA ALA B 47 -26.73 -11.65 14.74
C ALA B 47 -26.13 -10.76 13.64
N GLN B 48 -26.91 -9.83 13.13
CA GLN B 48 -26.42 -8.91 12.13
C GLN B 48 -25.34 -8.01 12.74
N CYS B 49 -25.40 -7.79 14.07
CA CYS B 49 -24.45 -6.92 14.74
C CYS B 49 -23.08 -7.57 14.86
N VAL B 50 -23.07 -8.85 15.21
CA VAL B 50 -21.82 -9.54 15.51
C VAL B 50 -21.31 -10.43 14.36
N ASN B 51 -22.02 -10.38 13.23
CA ASN B 51 -21.69 -11.24 12.09
C ASN B 51 -20.25 -11.08 11.63
N THR B 52 -19.76 -9.84 11.60
CA THR B 52 -18.40 -9.63 11.10
C THR B 52 -17.36 -10.29 12.04
N ASN B 53 -17.67 -10.38 13.34
CA ASN B 53 -16.78 -11.00 14.31
C ASN B 53 -16.56 -12.51 14.09
N ALA B 54 -17.48 -13.15 13.40
CA ALA B 54 -17.36 -14.58 13.19
C ALA B 54 -16.38 -14.87 12.06
N TYR B 55 -16.22 -13.94 11.13
CA TYR B 55 -15.42 -14.19 9.94
C TYR B 55 -14.15 -13.36 9.94
N ASN B 56 -14.02 -12.46 10.91
CA ASN B 56 -12.82 -11.65 11.03
C ASN B 56 -12.37 -11.69 12.49
N PRO B 57 -11.58 -12.71 12.84
CA PRO B 57 -11.08 -12.92 14.20
C PRO B 57 -10.24 -11.76 14.72
N GLY B 58 -9.65 -10.99 13.82
CA GLY B 58 -8.88 -9.82 14.20
C GLY B 58 -9.68 -8.63 14.75
N ALA B 59 -10.94 -8.50 14.35
CA ALA B 59 -11.77 -7.38 14.81
C ALA B 59 -12.05 -7.46 16.32
N LEU B 60 -11.83 -6.36 17.02
CA LEU B 60 -12.08 -6.28 18.46
C LEU B 60 -13.58 -6.14 18.79
N LEU B 61 -14.29 -5.38 17.96
CA LEU B 61 -15.63 -4.91 18.31
C LEU B 61 -16.71 -5.44 17.36
N PRO B 62 -17.98 -5.47 17.85
CA PRO B 62 -19.13 -5.70 16.97
C PRO B 62 -19.44 -4.46 16.12
N ARG B 63 -20.45 -4.56 15.26
CA ARG B 63 -21.01 -3.36 14.67
C ARG B 63 -22.46 -3.31 15.13
N SER B 64 -23.29 -2.53 14.46
CA SER B 64 -24.68 -2.39 14.85
C SER B 64 -25.59 -2.44 13.64
N CYS B 65 -26.65 -3.24 13.71
CA CYS B 65 -27.58 -3.38 12.58
C CYS B 65 -28.25 -2.05 12.22
N ASP B 66 -28.48 -1.22 13.23
CA ASP B 66 -29.01 0.12 13.05
C ASP B 66 -28.80 0.91 14.36
N LEU B 67 -29.16 2.19 14.36
CA LEU B 67 -28.91 3.07 15.50
C LEU B 67 -29.62 2.65 16.81
N ASN B 68 -30.65 1.80 16.71
CA ASN B 68 -31.39 1.37 17.91
C ASN B 68 -30.82 0.11 18.56
N ALA B 69 -29.81 -0.48 17.92
CA ALA B 69 -29.19 -1.71 18.44
C ALA B 69 -28.62 -1.48 19.85
N TYR B 70 -28.15 -0.27 20.11
CA TYR B 70 -27.54 0.05 21.41
C TYR B 70 -28.55 -0.04 22.56
N GLU B 71 -29.78 0.41 22.32
CA GLU B 71 -30.83 0.25 23.31
C GLU B 71 -31.46 -1.14 23.27
N THR B 72 -31.81 -1.61 22.07
CA THR B 72 -32.51 -2.88 21.94
C THR B 72 -31.68 -4.05 22.50
N PHE B 73 -30.36 -4.00 22.36
CA PHE B 73 -29.50 -5.06 22.90
C PHE B 73 -28.56 -4.51 23.94
N ARG B 74 -29.10 -3.69 24.83
CA ARG B 74 -28.27 -2.91 25.75
C ARG B 74 -27.38 -3.78 26.67
N ASP B 75 -27.84 -4.95 27.08
CA ASP B 75 -27.07 -5.79 27.99
C ASP B 75 -25.72 -6.15 27.39
N PHE B 76 -25.71 -6.40 26.09
CA PHE B 76 -24.48 -6.69 25.36
C PHE B 76 -23.68 -5.43 25.08
N PHE B 77 -24.29 -4.45 24.43
CA PHE B 77 -23.52 -3.29 24.00
C PHE B 77 -22.92 -2.48 25.17
N ASP B 78 -23.67 -2.34 26.27
CA ASP B 78 -23.13 -1.64 27.45
C ASP B 78 -21.86 -2.26 28.01
N ALA B 79 -21.82 -3.59 28.05
CA ALA B 79 -20.64 -4.27 28.56
C ALA B 79 -19.46 -4.03 27.62
N VAL B 80 -19.71 -4.14 26.32
CA VAL B 80 -18.69 -3.86 25.30
C VAL B 80 -18.17 -2.41 25.38
N ILE B 81 -19.11 -1.48 25.46
CA ILE B 81 -18.81 -0.06 25.54
C ILE B 81 -18.02 0.34 26.80
N ALA B 82 -18.48 -0.09 27.97
CA ALA B 82 -17.80 0.24 29.22
C ALA B 82 -16.39 -0.30 29.22
N ASP B 83 -16.21 -1.46 28.60
CA ASP B 83 -14.90 -2.10 28.51
C ASP B 83 -13.98 -1.28 27.59
N TYR B 84 -14.40 -1.13 26.35
CA TYR B 84 -13.55 -0.49 25.34
C TYR B 84 -13.18 0.97 25.72
N HIS B 85 -14.16 1.70 26.24
CA HIS B 85 -13.93 3.10 26.55
C HIS B 85 -13.46 3.28 27.99
N LYS B 86 -13.20 2.17 28.67
CA LYS B 86 -12.62 2.17 30.01
C LYS B 86 -13.41 3.07 30.91
N VAL B 87 -14.72 2.89 30.90
CA VAL B 87 -15.58 3.73 31.71
C VAL B 87 -15.44 3.27 33.16
N PRO B 88 -15.06 4.20 34.03
CA PRO B 88 -14.74 3.99 35.45
C PRO B 88 -15.63 2.98 36.17
N ASP B 89 -16.76 3.42 36.73
CA ASP B 89 -17.61 2.53 37.53
C ASP B 89 -18.53 1.77 36.59
N GLY B 90 -18.13 1.67 35.32
CA GLY B 90 -19.05 1.23 34.29
C GLY B 90 -20.27 2.14 34.26
N LYS B 91 -20.07 3.40 34.65
CA LYS B 91 -21.16 4.38 34.59
C LYS B 91 -21.05 5.14 33.28
N ILE B 92 -21.65 4.56 32.25
CA ILE B 92 -21.58 5.11 30.90
C ILE B 92 -22.36 6.41 30.84
N GLN B 93 -21.69 7.50 30.54
CA GLN B 93 -22.37 8.79 30.43
C GLN B 93 -21.71 9.67 29.36
N HIS B 94 -22.42 10.70 28.91
CA HIS B 94 -21.87 11.61 27.91
C HIS B 94 -22.54 12.96 28.07
N PRO B 95 -21.75 14.03 28.16
CA PRO B 95 -22.27 15.40 28.32
C PRO B 95 -22.87 15.93 27.01
N LYS B 96 -23.66 17.01 27.07
CA LYS B 96 -24.21 17.61 25.86
C LYS B 96 -23.10 18.14 24.94
N SER B 97 -23.40 18.23 23.65
CA SER B 97 -22.43 18.74 22.67
C SER B 97 -21.95 20.17 22.94
N ASN B 98 -20.65 20.39 22.78
CA ASN B 98 -20.05 21.70 22.96
C ASN B 98 -18.72 21.83 22.24
N PHE B 99 -18.71 22.50 21.10
CA PHE B 99 -17.48 22.72 20.35
C PHE B 99 -16.75 23.93 20.92
N GLY B 100 -17.50 24.73 21.68
CA GLY B 100 -16.92 25.87 22.36
C GLY B 100 -17.25 27.18 21.66
N ASP B 101 -16.74 28.26 22.23
CA ASP B 101 -16.92 29.59 21.66
C ASP B 101 -15.91 29.80 20.52
N LEU B 102 -16.34 29.52 19.28
CA LEU B 102 -15.43 29.42 18.13
C LEU B 102 -14.67 30.71 17.79
N LYS B 103 -15.23 31.86 18.15
CA LYS B 103 -14.61 33.16 17.84
C LYS B 103 -13.55 33.61 18.86
N SER B 104 -13.48 32.92 20.00
CA SER B 104 -12.47 33.24 20.99
C SER B 104 -11.53 32.04 21.22
N LEU B 105 -11.66 31.02 20.39
CA LEU B 105 -10.89 29.79 20.58
C LEU B 105 -9.53 29.89 19.88
N SER B 106 -8.49 29.52 20.60
CA SER B 106 -7.15 29.61 20.02
C SER B 106 -6.21 28.54 20.57
N PHE B 107 -5.59 27.78 19.66
CA PHE B 107 -4.56 26.82 20.02
C PHE B 107 -3.26 27.17 19.32
N THR B 108 -2.13 26.97 20.01
CA THR B 108 -0.83 27.21 19.39
C THR B 108 -0.68 26.29 18.19
N ASP B 109 -0.03 26.80 17.14
CA ASP B 109 0.34 26.02 15.97
C ASP B 109 1.27 24.93 16.45
N LEU B 110 1.00 23.68 16.05
CA LEU B 110 1.75 22.56 16.63
C LEU B 110 3.16 22.40 16.04
N ASN B 111 3.48 23.14 14.97
CA ASN B 111 4.83 23.11 14.43
C ASN B 111 5.80 24.03 15.20
N THR B 112 5.28 24.72 16.20
CA THR B 112 6.11 25.47 17.13
C THR B 112 7.10 24.54 17.82
N TYR B 113 6.71 23.26 17.96
CA TYR B 113 7.48 22.34 18.78
C TYR B 113 8.32 21.40 17.92
N GLY B 114 9.32 22.00 17.27
CA GLY B 114 10.27 21.27 16.47
C GLY B 114 9.96 21.17 14.99
N ASN B 115 8.86 21.78 14.55
CA ASN B 115 8.49 21.70 13.14
C ASN B 115 8.42 20.25 12.66
N LEU B 116 7.65 19.42 13.36
CA LEU B 116 7.60 17.98 13.09
C LEU B 116 6.30 17.53 12.41
N VAL B 117 5.33 18.43 12.31
CA VAL B 117 4.01 18.08 11.83
C VAL B 117 3.81 18.26 10.32
N VAL B 118 3.69 17.14 9.62
CA VAL B 118 3.39 17.19 8.20
C VAL B 118 1.98 17.74 7.95
N SER B 119 1.00 17.25 8.70
CA SER B 119 -0.40 17.63 8.48
C SER B 119 -1.29 17.46 9.71
N THR B 120 -2.38 18.21 9.74
CA THR B 120 -3.34 18.16 10.85
C THR B 120 -4.75 17.91 10.32
N ARG B 121 -5.50 17.09 11.03
CA ARG B 121 -6.79 16.60 10.56
C ARG B 121 -7.75 16.48 11.73
N VAL B 122 -9.02 16.83 11.53
CA VAL B 122 -10.03 16.51 12.53
C VAL B 122 -11.21 15.87 11.84
N ARG B 123 -11.62 14.73 12.37
CA ARG B 123 -12.72 13.97 11.79
C ARG B 123 -13.88 13.84 12.80
N LEU B 124 -15.11 13.86 12.29
CA LEU B 124 -16.23 13.37 13.08
C LEU B 124 -17.20 12.54 12.22
N GLY B 125 -18.23 12.00 12.88
CA GLY B 125 -19.25 11.23 12.20
C GLY B 125 -20.64 11.51 12.75
N ARG B 126 -21.66 11.23 11.94
CA ARG B 126 -23.05 11.36 12.37
C ARG B 126 -23.92 10.27 11.78
N THR B 127 -24.98 9.96 12.53
CA THR B 127 -26.08 9.15 12.06
C THR B 127 -27.33 10.01 11.83
N VAL B 128 -27.99 9.87 10.68
CA VAL B 128 -29.23 10.60 10.47
C VAL B 128 -30.40 9.75 11.02
N GLU B 129 -31.22 10.34 11.89
CA GLU B 129 -32.43 9.70 12.39
C GLU B 129 -33.35 9.22 11.27
N GLY B 130 -33.89 8.02 11.45
CA GLY B 130 -34.90 7.48 10.55
C GLY B 130 -34.36 6.45 9.58
N PHE B 131 -33.03 6.27 9.61
CA PHE B 131 -32.35 5.39 8.67
C PHE B 131 -31.50 4.35 9.38
N GLY B 132 -31.45 3.15 8.80
CA GLY B 132 -30.67 2.05 9.34
C GLY B 132 -29.26 2.04 8.80
N PHE B 133 -28.46 1.05 9.21
CA PHE B 133 -27.12 0.86 8.68
C PHE B 133 -27.17 -0.26 7.66
N GLY B 134 -26.01 -0.62 7.10
CA GLY B 134 -25.90 -1.69 6.11
C GLY B 134 -26.88 -2.85 6.20
N PRO B 135 -26.94 -3.52 7.37
CA PRO B 135 -27.88 -4.65 7.46
C PRO B 135 -29.35 -4.29 7.31
N THR B 136 -29.76 -3.05 7.56
CA THR B 136 -31.20 -2.77 7.55
C THR B 136 -31.64 -1.75 6.53
N LEU B 137 -30.72 -1.23 5.72
CA LEU B 137 -31.13 -0.31 4.66
C LEU B 137 -31.61 -1.10 3.43
N THR B 138 -32.60 -0.56 2.73
CA THR B 138 -32.97 -1.11 1.42
C THR B 138 -32.19 -0.33 0.38
N LYS B 139 -32.19 -0.81 -0.86
CA LYS B 139 -31.46 -0.11 -1.92
C LYS B 139 -31.96 1.33 -2.05
N GLU B 140 -33.27 1.49 -1.92
CA GLU B 140 -33.92 2.78 -2.14
C GLU B 140 -33.77 3.77 -0.97
N THR B 141 -33.79 3.26 0.26
CA THR B 141 -33.70 4.13 1.42
C THR B 141 -32.27 4.66 1.58
N ARG B 142 -31.27 3.83 1.27
CA ARG B 142 -29.89 4.31 1.24
C ARG B 142 -29.77 5.46 0.21
N ILE B 143 -30.38 5.28 -0.95
CA ILE B 143 -30.34 6.32 -1.98
C ILE B 143 -31.09 7.58 -1.54
N GLU B 144 -32.17 7.42 -0.78
CA GLU B 144 -32.89 8.59 -0.23
C GLU B 144 -32.02 9.33 0.79
N LEU B 145 -31.30 8.55 1.60
CA LEU B 145 -30.41 9.14 2.56
C LEU B 145 -29.33 9.95 1.81
N GLU B 146 -28.72 9.33 0.79
CA GLU B 146 -27.70 10.02 -0.02
C GLU B 146 -28.23 11.34 -0.56
N ASN B 147 -29.43 11.33 -1.13
CA ASN B 147 -30.05 12.54 -1.66
C ASN B 147 -30.26 13.62 -0.58
N LYS B 148 -30.74 13.20 0.59
CA LYS B 148 -30.93 14.07 1.75
C LYS B 148 -29.62 14.76 2.15
N ILE B 149 -28.54 13.99 2.27
CA ILE B 149 -27.26 14.53 2.71
C ILE B 149 -26.60 15.41 1.63
N SER B 150 -26.65 14.98 0.38
CA SER B 150 -25.99 15.73 -0.68
C SER B 150 -26.69 17.09 -0.85
N THR B 151 -28.01 17.08 -0.77
CA THR B 151 -28.79 18.31 -0.80
C THR B 151 -28.35 19.26 0.33
N ALA B 152 -28.28 18.75 1.55
CA ALA B 152 -27.78 19.53 2.67
C ALA B 152 -26.38 20.12 2.43
N LEU B 153 -25.51 19.35 1.79
CA LEU B 153 -24.15 19.81 1.50
C LEU B 153 -24.12 20.90 0.43
N HIS B 154 -24.96 20.77 -0.58
CA HIS B 154 -25.02 21.73 -1.69
C HIS B 154 -25.47 23.10 -1.18
N ASN B 155 -26.18 23.12 -0.06
CA ASN B 155 -26.62 24.37 0.53
C ASN B 155 -25.62 24.95 1.54
N LEU B 156 -24.45 24.34 1.69
CA LEU B 156 -23.45 24.86 2.64
C LEU B 156 -22.81 26.19 2.21
N SER B 157 -22.39 26.95 3.22
CA SER B 157 -21.69 28.23 3.10
C SER B 157 -20.60 28.32 2.03
N GLY B 158 -20.21 29.56 1.71
CA GLY B 158 -19.21 29.82 0.69
C GLY B 158 -17.85 29.18 0.89
N GLU B 159 -17.40 29.05 2.14
CA GLU B 159 -16.11 28.39 2.35
C GLU B 159 -16.20 26.90 1.94
N TYR B 160 -17.40 26.33 1.98
CA TYR B 160 -17.56 24.90 1.75
C TYR B 160 -18.13 24.58 0.39
N GLU B 161 -18.27 25.60 -0.44
CA GLU B 161 -18.79 25.37 -1.78
C GLU B 161 -17.88 24.38 -2.48
N GLY B 162 -18.45 23.47 -3.26
CA GLY B 162 -17.65 22.46 -3.93
C GLY B 162 -18.44 21.53 -4.82
N THR B 163 -17.92 20.31 -4.99
CA THR B 163 -18.51 19.37 -5.93
C THR B 163 -18.86 18.03 -5.26
N TYR B 164 -20.08 17.56 -5.49
CA TYR B 164 -20.47 16.23 -5.02
C TYR B 164 -20.17 15.19 -6.11
N TYR B 165 -19.47 14.12 -5.73
CA TYR B 165 -19.08 13.06 -6.65
C TYR B 165 -19.71 11.74 -6.29
N PRO B 166 -20.87 11.41 -6.88
CA PRO B 166 -21.46 10.12 -6.58
C PRO B 166 -20.56 9.00 -7.07
N LEU B 167 -20.58 7.87 -6.35
CA LEU B 167 -19.78 6.72 -6.75
C LEU B 167 -20.41 6.07 -7.97
N THR B 168 -21.74 6.06 -8.00
CA THR B 168 -22.52 5.49 -9.10
C THR B 168 -22.38 6.34 -10.35
N GLY B 169 -21.81 5.76 -11.40
CA GLY B 169 -21.62 6.47 -12.67
C GLY B 169 -20.46 7.45 -12.64
N MET B 170 -19.34 7.01 -12.07
CA MET B 170 -18.18 7.87 -11.93
C MET B 170 -17.21 7.66 -13.10
N SER B 171 -16.82 8.77 -13.74
CA SER B 171 -15.77 8.75 -14.76
C SER B 171 -14.48 8.19 -14.17
N GLU B 172 -13.69 7.48 -14.98
CA GLU B 172 -12.37 7.07 -14.50
C GLU B 172 -11.47 8.30 -14.51
N GLU B 173 -11.88 9.32 -15.25
CA GLU B 173 -11.25 10.63 -15.21
C GLU B 173 -11.30 11.22 -13.80
N ASP B 174 -12.51 11.31 -13.25
CA ASP B 174 -12.70 11.79 -11.89
C ASP B 174 -12.16 10.79 -10.86
N ARG B 175 -12.24 9.50 -11.18
CA ARG B 175 -11.85 8.44 -10.24
C ARG B 175 -10.35 8.35 -9.98
N ILE B 176 -9.54 8.53 -11.02
CA ILE B 176 -8.09 8.51 -10.83
C ILE B 176 -7.60 9.86 -10.30
N LYS B 177 -8.29 10.94 -10.62
CA LYS B 177 -7.96 12.25 -10.06
C LYS B 177 -8.46 12.37 -8.61
N LEU B 178 -9.35 11.48 -8.21
CA LEU B 178 -9.79 11.38 -6.81
C LEU B 178 -8.91 10.41 -6.01
N VAL B 179 -8.38 9.40 -6.66
CA VAL B 179 -7.49 8.44 -6.01
C VAL B 179 -6.12 9.08 -5.73
N ASN B 180 -5.70 10.01 -6.60
CA ASN B 180 -4.43 10.73 -6.43
C ASN B 180 -4.34 11.50 -5.12
N ASP B 181 -5.41 12.22 -4.80
CA ASP B 181 -5.41 13.05 -3.59
C ASP B 181 -5.84 12.26 -2.36
N HIS B 182 -5.96 10.95 -2.50
CA HIS B 182 -6.45 10.10 -1.40
C HIS B 182 -7.78 10.59 -0.86
N PHE B 183 -8.78 10.70 -1.73
CA PHE B 183 -10.11 11.19 -1.35
C PHE B 183 -11.20 10.15 -1.60
N LEU B 184 -10.84 9.05 -2.25
CA LEU B 184 -11.82 8.04 -2.64
C LEU B 184 -11.86 6.88 -1.65
N PHE B 185 -13.06 6.46 -1.27
CA PHE B 185 -13.17 5.22 -0.52
C PHE B 185 -13.61 4.09 -1.45
N ARG B 186 -13.18 2.88 -1.10
CA ARG B 186 -13.41 1.70 -1.92
C ARG B 186 -14.11 0.61 -1.12
N ASN B 187 -14.56 -0.43 -1.81
CA ASN B 187 -15.13 -1.58 -1.11
C ASN B 187 -14.06 -2.66 -0.83
N ASP B 188 -13.01 -2.29 -0.09
CA ASP B 188 -11.87 -3.20 0.11
C ASP B 188 -11.61 -3.64 1.57
N ASP B 189 -12.55 -3.39 2.46
CA ASP B 189 -12.36 -3.66 3.89
C ASP B 189 -13.25 -4.84 4.33
N ASN B 190 -12.62 -5.93 4.75
CA ASN B 190 -13.34 -7.16 5.05
C ASN B 190 -14.27 -7.09 6.26
N VAL B 191 -13.82 -6.41 7.30
CA VAL B 191 -14.63 -6.21 8.49
C VAL B 191 -15.92 -5.47 8.13
N LEU B 192 -15.77 -4.37 7.40
CA LEU B 192 -16.92 -3.59 6.94
C LEU B 192 -17.84 -4.40 6.03
N ARG B 193 -17.25 -5.11 5.06
CA ARG B 193 -18.02 -5.97 4.17
C ARG B 193 -18.89 -6.96 4.94
N ASP B 194 -18.29 -7.69 5.87
CA ASP B 194 -19.01 -8.70 6.64
C ASP B 194 -19.94 -8.11 7.71
N ALA B 195 -19.93 -6.79 7.85
CA ALA B 195 -20.88 -6.12 8.70
C ALA B 195 -21.99 -5.52 7.84
N GLY B 196 -21.96 -5.82 6.55
CA GLY B 196 -23.00 -5.38 5.63
C GLY B 196 -22.73 -3.99 5.05
N GLY B 197 -21.48 -3.53 5.12
CA GLY B 197 -21.16 -2.19 4.68
C GLY B 197 -21.19 -1.91 3.17
N TYR B 198 -21.15 -2.97 2.36
CA TYR B 198 -20.99 -2.79 0.92
C TYR B 198 -22.19 -3.31 0.12
N ILE B 199 -23.30 -3.53 0.81
CA ILE B 199 -24.54 -3.98 0.17
C ILE B 199 -25.11 -2.92 -0.80
N ASP B 200 -25.50 -3.39 -1.98
CA ASP B 200 -25.92 -2.56 -3.13
C ASP B 200 -24.82 -1.63 -3.63
N TRP B 201 -23.56 -2.04 -3.50
CA TRP B 201 -22.43 -1.27 -4.00
C TRP B 201 -22.59 -1.02 -5.51
N PRO B 202 -22.28 0.21 -5.98
CA PRO B 202 -21.80 1.38 -5.25
C PRO B 202 -22.89 2.43 -5.04
N THR B 203 -24.14 2.03 -5.15
CA THR B 203 -25.27 2.95 -5.09
C THR B 203 -25.42 3.63 -3.71
N GLY B 204 -25.94 4.85 -3.73
CA GLY B 204 -26.24 5.59 -2.52
C GLY B 204 -25.02 6.08 -1.75
N ARG B 205 -23.89 6.16 -2.44
CA ARG B 205 -22.61 6.48 -1.80
C ARG B 205 -21.84 7.53 -2.60
N GLY B 206 -21.01 8.32 -1.92
CA GLY B 206 -20.21 9.29 -2.64
C GLY B 206 -19.31 10.19 -1.81
N ILE B 207 -18.72 11.17 -2.49
CA ILE B 207 -17.71 12.01 -1.88
C ILE B 207 -17.96 13.49 -2.19
N PHE B 208 -17.91 14.33 -1.17
CA PHE B 208 -17.99 15.76 -1.36
C PHE B 208 -16.68 16.42 -0.95
N ILE B 209 -16.20 17.34 -1.78
CA ILE B 209 -14.99 18.13 -1.53
C ILE B 209 -15.31 19.61 -1.76
N ASN B 210 -14.78 20.51 -0.92
CA ASN B 210 -14.93 21.92 -1.23
C ASN B 210 -13.83 22.36 -2.21
N LYS B 211 -13.90 23.60 -2.68
CA LYS B 211 -12.96 24.09 -3.70
C LYS B 211 -11.53 24.06 -3.19
N GLN B 212 -11.35 24.41 -1.92
CA GLN B 212 -10.04 24.43 -1.31
C GLN B 212 -9.45 23.02 -1.12
N LYS B 213 -10.30 22.00 -1.17
CA LYS B 213 -9.88 20.65 -0.85
C LYS B 213 -9.31 20.53 0.58
N ASN B 214 -9.84 21.32 1.51
CA ASN B 214 -9.53 21.15 2.93
C ASN B 214 -10.76 20.70 3.75
N PHE B 215 -11.82 20.34 3.03
CA PHE B 215 -13.08 19.90 3.65
C PHE B 215 -13.64 18.74 2.83
N LEU B 216 -13.71 17.57 3.44
CA LEU B 216 -14.15 16.35 2.75
C LEU B 216 -15.29 15.69 3.51
N VAL B 217 -16.37 15.33 2.81
CA VAL B 217 -17.46 14.55 3.40
C VAL B 217 -17.66 13.21 2.66
N TRP B 218 -17.67 12.10 3.40
CA TRP B 218 -17.99 10.76 2.86
C TRP B 218 -19.42 10.32 3.21
N ILE B 219 -20.19 9.91 2.21
CA ILE B 219 -21.58 9.54 2.43
C ILE B 219 -21.73 8.04 2.35
N ASN B 220 -22.30 7.47 3.43
CA ASN B 220 -22.60 6.04 3.53
C ASN B 220 -21.41 5.12 3.26
N GLU B 221 -20.26 5.50 3.80
CA GLU B 221 -19.13 4.60 3.94
C GLU B 221 -19.21 3.90 5.31
N GLU B 222 -18.41 4.31 6.28
CA GLU B 222 -18.40 3.66 7.60
C GLU B 222 -19.46 4.24 8.55
N ASP B 223 -20.07 5.34 8.14
CA ASP B 223 -21.17 5.96 8.84
C ASP B 223 -22.04 6.65 7.79
N HIS B 224 -23.23 7.12 8.15
CA HIS B 224 -24.03 7.91 7.22
C HIS B 224 -23.15 9.04 6.70
N ILE B 225 -22.61 9.86 7.60
CA ILE B 225 -21.56 10.79 7.20
C ILE B 225 -20.29 10.75 8.07
N ARG B 226 -19.16 10.79 7.38
CA ARG B 226 -17.87 11.13 7.97
C ARG B 226 -17.46 12.51 7.41
N VAL B 227 -17.25 13.47 8.29
CA VAL B 227 -16.90 14.81 7.89
C VAL B 227 -15.45 15.06 8.31
N ILE B 228 -14.61 15.44 7.35
CA ILE B 228 -13.19 15.62 7.59
C ILE B 228 -12.67 17.02 7.22
N SER B 229 -11.99 17.67 8.16
CA SER B 229 -11.26 18.93 7.90
C SER B 229 -9.77 18.67 8.00
N MET B 230 -8.99 19.11 7.02
CA MET B 230 -7.56 18.79 6.99
C MET B 230 -6.72 19.80 6.21
N GLN B 231 -5.45 19.92 6.59
CA GLN B 231 -4.49 20.76 5.87
C GLN B 231 -3.03 20.48 6.28
N LYS B 232 -2.09 20.88 5.44
CA LYS B 232 -0.66 20.77 5.75
C LYS B 232 -0.29 21.63 6.94
N GLY B 233 0.73 21.21 7.68
CA GLY B 233 1.18 21.95 8.85
C GLY B 233 0.41 21.65 10.14
N GLY B 234 0.52 22.56 11.10
CA GLY B 234 0.03 22.33 12.44
C GLY B 234 -1.05 23.30 12.89
N GLY B 235 -1.77 23.88 11.93
CA GLY B 235 -2.83 24.83 12.22
C GLY B 235 -4.11 24.18 12.75
N LEU B 236 -4.02 23.61 13.94
CA LEU B 236 -5.16 22.93 14.53
C LEU B 236 -6.39 23.84 14.68
N THR B 237 -6.19 25.08 15.10
CA THR B 237 -7.32 25.99 15.30
C THR B 237 -8.20 26.12 14.06
N ALA B 238 -7.56 26.39 12.92
CA ALA B 238 -8.29 26.56 11.68
C ALA B 238 -8.97 25.27 11.23
N VAL B 239 -8.30 24.15 11.43
CA VAL B 239 -8.89 22.88 11.04
C VAL B 239 -10.13 22.62 11.90
N TYR B 240 -10.04 22.92 13.19
CA TYR B 240 -11.14 22.64 14.11
C TYR B 240 -12.34 23.53 13.82
N LYS B 241 -12.09 24.83 13.66
CA LYS B 241 -13.17 25.78 13.40
C LYS B 241 -13.89 25.42 12.12
N ARG B 242 -13.13 25.15 11.07
CA ARG B 242 -13.72 24.75 9.79
C ARG B 242 -14.65 23.52 9.93
N LEU B 243 -14.21 22.50 10.67
CA LEU B 243 -15.08 21.36 10.97
C LEU B 243 -16.35 21.78 11.76
N ALA B 244 -16.15 22.48 12.88
CA ALA B 244 -17.25 22.84 13.76
C ALA B 244 -18.31 23.70 13.07
N ASP B 245 -17.87 24.67 12.26
CA ASP B 245 -18.76 25.53 11.49
C ASP B 245 -19.65 24.72 10.55
N ALA B 246 -19.03 23.81 9.80
CA ALA B 246 -19.78 22.99 8.86
C ALA B 246 -20.86 22.12 9.54
N ILE B 247 -20.51 21.44 10.65
CA ILE B 247 -21.44 20.48 11.23
C ILE B 247 -22.59 21.18 11.94
N GLN B 248 -22.33 22.37 12.48
CA GLN B 248 -23.40 23.10 13.14
C GLN B 248 -24.40 23.60 12.10
N GLU B 249 -23.90 24.05 10.94
CA GLU B 249 -24.75 24.41 9.82
C GLU B 249 -25.57 23.21 9.36
N LEU B 250 -24.87 22.10 9.11
CA LEU B 250 -25.51 20.87 8.66
C LEU B 250 -26.56 20.38 9.64
N SER B 251 -26.37 20.69 10.92
CA SER B 251 -27.32 20.31 11.98
C SER B 251 -28.71 20.89 11.77
N LYS B 252 -28.76 21.98 11.01
CA LYS B 252 -29.99 22.75 10.88
C LYS B 252 -30.93 22.11 9.88
N SER B 253 -30.40 21.34 8.94
CA SER B 253 -31.24 20.66 7.97
C SER B 253 -31.22 19.14 8.09
N LEU B 254 -30.30 18.59 8.89
CA LEU B 254 -30.26 17.14 9.11
C LEU B 254 -30.41 16.85 10.59
N LYS B 255 -31.36 15.99 10.93
CA LYS B 255 -31.57 15.59 12.31
C LYS B 255 -30.65 14.41 12.67
N PHE B 256 -29.58 14.72 13.40
CA PHE B 256 -28.59 13.72 13.80
C PHE B 256 -29.00 12.97 15.08
N ALA B 257 -28.73 11.67 15.07
CA ALA B 257 -29.10 10.82 16.20
C ALA B 257 -28.15 11.01 17.38
N PHE B 258 -28.70 11.47 18.50
CA PHE B 258 -27.95 11.69 19.74
C PHE B 258 -28.64 10.96 20.92
N ASN B 259 -27.91 10.04 21.53
CA ASN B 259 -28.42 9.26 22.66
C ASN B 259 -27.90 9.90 23.95
N ASP B 260 -28.74 10.04 24.97
CA ASP B 260 -28.33 10.81 26.15
C ASP B 260 -27.31 10.06 27.07
N ARG B 261 -27.18 8.73 26.91
CA ARG B 261 -26.09 7.97 27.54
C ARG B 261 -24.83 7.95 26.66
N LEU B 262 -25.01 7.86 25.35
CA LEU B 262 -23.88 7.54 24.47
C LEU B 262 -23.46 8.70 23.53
N GLY B 263 -24.16 9.81 23.61
CA GLY B 263 -23.93 10.92 22.70
C GLY B 263 -24.29 10.52 21.28
N PHE B 264 -23.56 11.07 20.29
CA PHE B 264 -23.89 10.79 18.89
C PHE B 264 -23.69 9.30 18.54
N ILE B 265 -24.74 8.70 17.99
CA ILE B 265 -24.70 7.29 17.67
C ILE B 265 -23.88 7.06 16.41
N THR B 266 -22.99 6.08 16.45
CA THR B 266 -22.26 5.65 15.27
C THR B 266 -22.42 4.14 14.98
N PHE B 267 -22.03 3.74 13.77
CA PHE B 267 -22.06 2.33 13.33
C PHE B 267 -21.15 1.43 14.18
N CYS B 268 -19.95 1.92 14.47
CA CYS B 268 -19.00 1.20 15.30
C CYS B 268 -18.94 1.82 16.70
N PRO B 269 -18.98 0.97 17.73
CA PRO B 269 -19.00 1.48 19.11
C PRO B 269 -17.78 2.31 19.49
N SER B 270 -16.67 2.15 18.80
CA SER B 270 -15.48 2.95 19.14
C SER B 270 -15.66 4.45 18.89
N ASN B 271 -16.65 4.82 18.07
CA ASN B 271 -16.80 6.22 17.70
C ASN B 271 -17.95 6.95 18.39
N LEU B 272 -18.49 6.38 19.46
CA LEU B 272 -19.62 7.01 20.12
C LEU B 272 -19.17 8.32 20.81
N GLY B 273 -20.12 9.06 21.35
CA GLY B 273 -19.81 10.25 22.13
C GLY B 273 -19.60 11.50 21.28
N THR B 274 -18.36 11.99 21.26
CA THR B 274 -17.98 13.08 20.39
C THR B 274 -17.86 12.63 18.93
N THR B 275 -17.52 11.35 18.73
CA THR B 275 -17.09 10.81 17.43
C THR B 275 -15.80 11.45 16.93
N LEU B 276 -15.21 12.32 17.73
CA LEU B 276 -14.19 13.23 17.24
C LEU B 276 -12.77 12.68 17.36
N ARG B 277 -12.06 12.68 16.24
CA ARG B 277 -10.67 12.26 16.21
C ARG B 277 -9.84 13.38 15.58
N ALA B 278 -9.06 14.06 16.42
CA ALA B 278 -8.12 15.07 15.95
C ALA B 278 -6.72 14.49 15.90
N SER B 279 -6.04 14.60 14.76
CA SER B 279 -4.72 14.00 14.64
C SER B 279 -3.70 14.87 13.92
N VAL B 280 -2.43 14.56 14.18
CA VAL B 280 -1.33 15.04 13.36
C VAL B 280 -0.62 13.84 12.74
N HIS B 281 -0.03 14.05 11.59
CA HIS B 281 1.04 13.18 11.13
C HIS B 281 2.36 13.86 11.51
N ALA B 282 3.10 13.27 12.44
CA ALA B 282 4.30 13.90 12.99
C ALA B 282 5.55 12.98 12.95
N LYS B 283 6.70 13.59 12.69
CA LYS B 283 7.97 12.86 12.64
C LYS B 283 8.58 12.75 14.03
N ILE B 284 8.51 11.56 14.64
CA ILE B 284 8.97 11.41 16.02
C ILE B 284 9.75 10.10 16.24
N PRO B 285 10.78 9.86 15.41
CA PRO B 285 11.44 8.55 15.46
C PRO B 285 11.98 8.19 16.85
N MET B 286 12.45 9.18 17.60
CA MET B 286 13.17 8.89 18.84
C MET B 286 12.21 8.53 19.99
N LEU B 287 11.17 9.33 20.15
CA LEU B 287 10.08 9.01 21.08
C LEU B 287 9.47 7.64 20.75
N ALA B 288 9.36 7.35 19.45
CA ALA B 288 8.75 6.09 19.01
C ALA B 288 9.63 4.87 19.34
N SER B 289 10.91 5.12 19.62
CA SER B 289 11.84 4.04 19.92
C SER B 289 11.88 3.72 21.42
N LEU B 290 11.33 4.59 22.25
CA LEU B 290 11.36 4.36 23.69
C LEU B 290 10.54 3.11 24.03
N PRO B 291 11.04 2.30 24.98
CA PRO B 291 10.40 1.04 25.37
C PRO B 291 8.95 1.19 25.81
N ASN B 292 8.61 2.29 26.47
CA ASN B 292 7.23 2.48 26.88
C ASN B 292 6.57 3.62 26.11
N PHE B 293 6.88 3.70 24.82
CA PHE B 293 6.32 4.71 23.93
C PHE B 293 4.78 4.80 24.00
N LYS B 294 4.14 3.65 23.99
CA LYS B 294 2.69 3.60 23.96
C LYS B 294 2.09 4.07 25.26
N GLU B 295 2.71 3.68 26.37
CA GLU B 295 2.23 4.07 27.68
C GLU B 295 2.42 5.57 27.87
N ILE B 296 3.51 6.10 27.32
CA ILE B 296 3.77 7.53 27.47
C ILE B 296 2.70 8.32 26.73
N CYS B 297 2.33 7.85 25.53
CA CYS B 297 1.23 8.46 24.80
C CYS B 297 -0.10 8.37 25.57
N GLU B 298 -0.39 7.17 26.07
CA GLU B 298 -1.67 6.91 26.71
C GLU B 298 -1.82 7.78 27.96
N LYS B 299 -0.74 7.98 28.69
CA LYS B 299 -0.79 8.83 29.87
C LYS B 299 -0.90 10.31 29.54
N HIS B 300 -0.69 10.68 28.28
CA HIS B 300 -0.88 12.06 27.83
C HIS B 300 -2.20 12.20 27.05
N GLY B 301 -3.04 11.16 27.09
CA GLY B 301 -4.33 11.18 26.40
C GLY B 301 -4.27 10.94 24.90
N ILE B 302 -3.16 10.36 24.45
CA ILE B 302 -2.91 10.20 23.04
C ILE B 302 -2.87 8.73 22.64
N GLN B 303 -3.41 8.44 21.47
CA GLN B 303 -3.22 7.16 20.83
C GLN B 303 -2.28 7.30 19.64
N PRO B 304 -1.20 6.50 19.61
CA PRO B 304 -0.27 6.50 18.47
C PRO B 304 -0.64 5.44 17.45
N ARG B 305 -0.29 5.67 16.21
CA ARG B 305 -0.76 4.84 15.12
C ARG B 305 0.20 4.98 13.92
N GLY B 306 0.53 3.85 13.29
CA GLY B 306 1.51 3.84 12.22
C GLY B 306 1.01 4.49 10.95
N THR B 307 1.94 4.79 10.04
CA THR B 307 1.60 5.18 8.69
C THR B 307 2.21 4.18 7.69
N GLY B 316 8.79 6.38 7.73
CA GLY B 316 10.06 7.01 8.04
C GLY B 316 9.99 7.80 9.34
N GLY B 317 9.58 7.14 10.41
CA GLY B 317 9.45 7.77 11.71
C GLY B 317 8.23 8.66 11.84
N ILE B 318 7.35 8.60 10.85
CA ILE B 318 6.12 9.39 10.85
C ILE B 318 4.96 8.65 11.51
N TYR B 319 4.39 9.24 12.57
CA TYR B 319 3.25 8.61 13.25
C TYR B 319 1.98 9.49 13.26
N ASP B 320 0.83 8.81 13.35
CA ASP B 320 -0.44 9.48 13.57
C ASP B 320 -0.70 9.59 15.08
N LEU B 321 -0.89 10.81 15.56
CA LEU B 321 -1.14 11.05 16.98
C LEU B 321 -2.50 11.70 17.16
N SER B 322 -3.38 11.08 17.96
CA SER B 322 -4.74 11.58 18.11
C SER B 322 -5.24 11.46 19.55
N ASN B 323 -6.29 12.19 19.88
CA ASN B 323 -6.92 12.01 21.20
C ASN B 323 -7.45 10.57 21.31
N LYS B 324 -7.12 9.90 22.41
CA LYS B 324 -7.63 8.54 22.61
C LYS B 324 -9.12 8.53 23.00
N ARG B 325 -9.57 9.54 23.74
CA ARG B 325 -10.94 9.54 24.26
C ARG B 325 -11.98 10.06 23.26
N ARG B 326 -13.15 9.42 23.27
CA ARG B 326 -14.29 9.81 22.45
C ARG B 326 -15.49 10.11 23.31
N LEU B 327 -15.64 9.30 24.35
CA LEU B 327 -16.88 9.21 25.10
C LEU B 327 -16.73 9.79 26.51
N GLY B 328 -17.75 10.50 27.00
CA GLY B 328 -17.72 11.07 28.34
C GLY B 328 -17.05 12.44 28.50
N LEU B 329 -16.91 13.18 27.40
CA LEU B 329 -16.28 14.51 27.43
C LEU B 329 -16.80 15.30 26.23
N THR B 330 -16.66 16.61 26.23
CA THR B 330 -17.16 17.39 25.08
C THR B 330 -16.20 17.40 23.91
N GLU B 331 -16.66 17.93 22.78
CA GLU B 331 -15.80 18.13 21.64
C GLU B 331 -14.65 19.06 22.01
N LEU B 332 -14.94 20.09 22.79
CA LEU B 332 -13.90 21.04 23.22
C LEU B 332 -12.89 20.30 24.11
N ASP B 333 -13.39 19.46 25.02
CA ASP B 333 -12.55 18.63 25.87
C ASP B 333 -11.57 17.76 25.08
N ALA B 334 -12.11 17.10 24.06
CA ALA B 334 -11.37 16.14 23.27
C ALA B 334 -10.27 16.81 22.44
N VAL B 335 -10.60 17.91 21.76
CA VAL B 335 -9.61 18.56 20.91
C VAL B 335 -8.55 19.25 21.79
N THR B 336 -8.95 19.68 22.99
CA THR B 336 -8.00 20.26 23.94
C THR B 336 -7.04 19.21 24.49
N GLU B 337 -7.54 18.00 24.77
CA GLU B 337 -6.71 16.87 25.17
C GLU B 337 -5.75 16.48 24.05
N MET B 338 -6.23 16.54 22.81
CA MET B 338 -5.37 16.23 21.70
C MET B 338 -4.24 17.25 21.66
N HIS B 339 -4.59 18.52 21.72
CA HIS B 339 -3.60 19.56 21.52
C HIS B 339 -2.56 19.57 22.65
N SER B 340 -3.02 19.44 23.89
CA SER B 340 -2.13 19.39 25.04
C SER B 340 -1.20 18.19 25.04
N GLY B 341 -1.79 17.03 24.76
CA GLY B 341 -1.05 15.79 24.69
C GLY B 341 0.00 15.76 23.57
N VAL B 342 -0.43 16.10 22.37
CA VAL B 342 0.47 16.12 21.23
C VAL B 342 1.57 17.18 21.40
N ARG B 343 1.23 18.35 21.94
CA ARG B 343 2.26 19.33 22.25
C ARG B 343 3.34 18.72 23.17
N ALA B 344 2.87 18.07 24.23
CA ALA B 344 3.77 17.45 25.20
C ALA B 344 4.67 16.41 24.58
N LEU B 345 4.12 15.58 23.70
CA LEU B 345 4.93 14.55 23.04
C LEU B 345 5.95 15.15 22.06
N LEU B 346 5.57 16.19 21.34
CA LEU B 346 6.48 16.83 20.37
C LEU B 346 7.66 17.49 21.11
N GLU B 347 7.37 18.10 22.26
CA GLU B 347 8.39 18.78 23.06
C GLU B 347 9.35 17.73 23.58
N LEU B 348 8.80 16.55 23.87
CA LEU B 348 9.60 15.44 24.37
C LEU B 348 10.47 14.91 23.24
N GLU B 349 9.96 14.92 22.01
CA GLU B 349 10.79 14.53 20.87
C GLU B 349 11.93 15.53 20.68
N VAL B 350 11.62 16.83 20.81
CA VAL B 350 12.65 17.85 20.71
C VAL B 350 13.70 17.66 21.82
N MET B 351 13.24 17.39 23.05
CA MET B 351 14.17 17.21 24.17
C MET B 351 15.06 15.98 23.96
N LEU B 352 14.48 14.89 23.48
CA LEU B 352 15.23 13.67 23.22
C LEU B 352 16.32 13.91 22.18
N GLN B 353 15.98 14.66 21.13
CA GLN B 353 16.93 14.90 20.04
C GLN B 353 18.10 15.72 20.56
N GLU B 354 17.81 16.72 21.37
CA GLU B 354 18.84 17.56 21.97
C GLU B 354 19.72 16.77 22.95
N TYR B 355 19.08 16.04 23.86
CA TYR B 355 19.81 15.34 24.91
C TYR B 355 20.65 14.16 24.40
N ASN B 356 20.39 13.68 23.19
CA ASN B 356 21.12 12.53 22.67
C ASN B 356 21.90 12.78 21.37
N LYS B 357 22.17 14.04 21.07
CA LYS B 357 23.08 14.39 19.97
C LYS B 357 24.47 13.76 20.18
N GLY B 358 24.97 13.04 19.19
CA GLY B 358 26.30 12.48 19.30
C GLY B 358 26.37 11.14 20.03
N ALA B 359 25.23 10.63 20.52
CA ALA B 359 25.22 9.33 21.22
C ALA B 359 25.45 8.16 20.25
N PRO B 360 26.11 7.09 20.74
CA PRO B 360 26.38 5.93 19.87
C PRO B 360 25.11 5.39 19.24
N GLU B 361 25.21 4.91 18.00
CA GLU B 361 24.04 4.39 17.32
C GLU B 361 23.68 3.03 17.89
N GLY B 362 22.39 2.75 17.98
CA GLY B 362 21.90 1.50 18.52
C GLY B 362 21.74 1.57 20.02
N VAL B 363 22.34 2.59 20.63
CA VAL B 363 22.28 2.74 22.07
C VAL B 363 20.98 3.43 22.44
N MET B 364 20.39 2.99 23.54
CA MET B 364 19.12 3.55 23.99
C MET B 364 19.21 5.06 24.17
N PRO B 365 18.33 5.79 23.50
CA PRO B 365 18.21 7.23 23.77
C PRO B 365 17.47 7.44 25.08
N VAL B 366 17.75 8.55 25.77
CA VAL B 366 17.14 8.80 27.07
C VAL B 366 16.59 10.22 27.18
N GLU B 367 15.48 10.35 27.93
CA GLU B 367 14.93 11.66 28.33
C GLU B 367 15.99 12.44 29.12
N PRO B 368 15.95 13.77 29.04
CA PRO B 368 16.84 14.56 29.90
C PRO B 368 16.69 14.22 31.39
N LEU B 369 17.76 14.42 32.15
CA LEU B 369 17.79 14.07 33.54
C LEU B 369 16.76 14.80 34.42
N THR B 370 16.62 16.11 34.23
CA THR B 370 15.69 16.85 35.09
C THR B 370 14.24 16.45 34.80
N TYR B 371 13.99 16.04 33.56
CA TYR B 371 12.67 15.53 33.19
C TYR B 371 12.35 14.22 33.96
N LEU B 372 13.32 13.31 34.05
CA LEU B 372 13.08 12.06 34.76
C LEU B 372 13.01 12.27 36.27
N ALA B 373 13.74 13.26 36.78
CA ALA B 373 13.81 13.48 38.22
C ALA B 373 12.47 14.01 38.71
N LYS B 374 11.82 14.83 37.89
CA LYS B 374 10.47 15.31 38.16
C LYS B 374 9.49 14.13 38.28
N LEU B 375 9.55 13.19 37.34
CA LEU B 375 8.74 11.97 37.40
C LEU B 375 9.10 11.06 38.59
N LEU B 376 10.37 11.03 38.97
CA LEU B 376 10.81 10.21 40.10
C LEU B 376 10.23 10.71 41.44
N GLU B 377 9.68 11.92 41.43
CA GLU B 377 9.11 12.51 42.64
C GLU B 377 7.87 11.72 43.14
N GLY B 378 7.23 10.98 42.25
CA GLY B 378 6.15 10.10 42.64
C GLY B 378 6.59 8.87 43.43
N ALA B 379 7.90 8.63 43.51
CA ALA B 379 8.42 7.56 44.35
C ALA B 379 8.53 8.08 45.77
N SER B 380 8.60 7.17 46.74
CA SER B 380 8.75 7.53 48.14
C SER B 380 10.18 7.89 48.52
N ILE B 381 10.37 9.10 49.05
CA ILE B 381 11.69 9.59 49.41
C ILE B 381 12.29 8.83 50.60
N GLU B 382 11.45 8.05 51.27
CA GLU B 382 11.88 7.28 52.43
C GLU B 382 12.37 5.86 52.07
N LYS B 383 11.82 5.29 51.01
CA LYS B 383 12.10 3.89 50.66
C LYS B 383 12.77 3.72 49.30
N CYS B 384 12.69 4.72 48.43
CA CYS B 384 13.29 4.62 47.10
C CYS B 384 14.72 5.17 47.11
N TYR B 385 15.69 4.26 47.17
CA TYR B 385 17.09 4.59 47.10
C TYR B 385 17.41 5.48 45.89
N THR B 386 16.86 5.12 44.74
CA THR B 386 17.06 5.85 43.50
C THR B 386 16.77 7.35 43.64
N ARG B 387 15.64 7.68 44.26
CA ARG B 387 15.28 9.09 44.49
C ARG B 387 16.04 9.72 45.64
N LYS B 388 16.23 8.98 46.71
CA LYS B 388 16.87 9.49 47.92
C LYS B 388 18.25 10.07 47.66
N TYR B 389 19.01 9.48 46.74
CA TYR B 389 20.38 9.95 46.52
C TYR B 389 20.50 10.82 45.28
N LEU B 390 19.37 11.19 44.70
CA LEU B 390 19.37 12.04 43.52
C LEU B 390 19.09 13.46 43.95
N THR B 391 20.06 14.02 44.66
CA THR B 391 20.00 15.36 45.20
C THR B 391 20.30 16.40 44.13
N PRO B 392 19.84 17.65 44.35
CA PRO B 392 20.09 18.72 43.38
C PRO B 392 21.58 18.90 43.05
N GLU B 393 22.46 18.67 44.02
CA GLU B 393 23.90 18.77 43.76
C GLU B 393 24.38 17.68 42.80
N ILE B 394 23.84 16.48 42.96
CA ILE B 394 24.19 15.34 42.14
C ILE B 394 23.69 15.59 40.71
N ILE B 395 22.48 16.11 40.60
CA ILE B 395 21.91 16.42 39.31
C ILE B 395 22.77 17.47 38.64
N LYS B 396 23.17 18.49 39.40
CA LYS B 396 23.99 19.57 38.86
C LYS B 396 25.32 19.07 38.33
N LYS B 397 25.97 18.18 39.07
CA LYS B 397 27.31 17.72 38.69
C LYS B 397 27.30 16.77 37.48
N TYR B 398 26.26 15.93 37.37
CA TYR B 398 26.32 14.85 36.41
C TYR B 398 25.36 15.03 35.21
N ASP B 399 24.49 16.03 35.25
CA ASP B 399 23.67 16.33 34.08
C ASP B 399 24.55 16.62 32.85
N GLY B 400 24.33 15.89 31.78
CA GLY B 400 25.11 16.12 30.59
C GLY B 400 26.38 15.29 30.51
N LYS B 401 26.63 14.48 31.53
CA LYS B 401 27.80 13.61 31.57
C LYS B 401 27.52 12.24 30.92
N ARG B 402 28.53 11.66 30.29
CA ARG B 402 28.45 10.28 29.79
C ARG B 402 29.71 9.49 30.13
N THR B 403 29.53 8.21 30.47
CA THR B 403 30.68 7.29 30.52
C THR B 403 31.30 7.22 29.12
N THR B 404 32.49 6.62 29.04
CA THR B 404 33.23 6.53 27.77
C THR B 404 32.38 5.94 26.65
N HIS B 405 31.51 4.98 26.98
CA HIS B 405 30.72 4.32 25.94
C HIS B 405 29.24 4.74 25.94
N GLY B 406 28.88 5.83 26.62
CA GLY B 406 27.55 6.39 26.41
C GLY B 406 26.51 6.36 27.51
N ALA B 407 26.82 5.78 28.67
CA ALA B 407 25.85 5.69 29.75
C ALA B 407 25.72 7.01 30.52
N THR B 408 24.50 7.31 30.96
CA THR B 408 24.20 8.53 31.70
C THR B 408 23.53 8.29 33.03
N LEU B 409 23.44 9.32 33.86
CA LEU B 409 22.68 9.20 35.09
C LEU B 409 21.18 9.07 34.76
N ALA B 410 20.73 9.82 33.77
CA ALA B 410 19.35 9.72 33.29
C ALA B 410 18.96 8.28 32.92
N HIS B 411 19.83 7.59 32.18
CA HIS B 411 19.64 6.17 31.85
C HIS B 411 19.31 5.32 33.08
N MET B 412 20.09 5.50 34.15
CA MET B 412 19.98 4.55 35.25
C MET B 412 18.83 4.85 36.22
N ILE B 413 18.28 6.05 36.23
CA ILE B 413 17.09 6.26 37.07
C ILE B 413 15.75 6.08 36.32
N ARG B 414 15.81 5.84 35.01
CA ARG B 414 14.63 5.78 34.16
C ARG B 414 13.59 4.75 34.65
N ASN B 415 14.02 3.57 35.06
CA ASN B 415 13.11 2.55 35.59
C ASN B 415 12.30 3.03 36.80
N GLY B 416 12.93 3.77 37.70
CA GLY B 416 12.25 4.41 38.82
C GLY B 416 11.30 5.54 38.45
N ALA B 417 11.74 6.42 37.54
CA ALA B 417 10.90 7.51 37.06
C ALA B 417 9.57 7.03 36.50
N TYR B 418 9.60 5.92 35.77
CA TYR B 418 8.38 5.38 35.19
C TYR B 418 7.75 4.30 36.08
N ASN B 419 8.51 3.76 37.03
CA ASN B 419 7.97 2.76 37.94
C ASN B 419 8.34 3.15 39.36
N ASN B 420 7.49 4.00 39.95
CA ASN B 420 7.80 4.67 41.21
C ASN B 420 7.90 3.73 42.42
N ARG B 421 7.38 2.52 42.31
CA ARG B 421 7.53 1.55 43.40
C ARG B 421 8.87 0.81 43.35
N SER B 422 9.56 0.90 42.22
CA SER B 422 10.91 0.34 42.08
C SER B 422 11.87 1.10 42.99
N ILE B 423 12.72 0.40 43.73
CA ILE B 423 13.58 1.10 44.70
C ILE B 423 15.05 1.22 44.31
N CYS B 424 15.47 0.60 43.22
CA CYS B 424 16.89 0.67 42.82
C CYS B 424 17.06 1.09 41.36
N PRO B 425 18.18 1.76 41.05
CA PRO B 425 18.49 2.09 39.67
C PRO B 425 19.00 0.86 38.89
N ARG B 426 19.09 0.99 37.57
CA ARG B 426 19.73 -0.01 36.71
C ARG B 426 20.82 0.65 35.88
N THR B 427 22.07 0.29 36.11
CA THR B 427 23.20 0.96 35.44
C THR B 427 23.39 0.51 34.00
N GLY B 428 24.21 1.27 33.26
CA GLY B 428 24.41 1.08 31.83
C GLY B 428 25.68 0.34 31.45
N GLU B 429 26.71 0.41 32.30
CA GLU B 429 27.95 -0.31 32.09
C GLU B 429 28.83 -0.23 33.35
N ALA B 430 29.78 -1.16 33.49
CA ALA B 430 30.62 -1.24 34.69
C ALA B 430 31.23 0.12 35.09
N GLU B 431 31.60 0.92 34.07
CA GLU B 431 32.25 2.20 34.28
C GLU B 431 31.38 3.21 35.05
N CYS B 432 30.07 3.03 35.00
CA CYS B 432 29.11 3.83 35.75
C CYS B 432 29.48 3.96 37.22
N TYR B 433 30.01 2.86 37.78
CA TYR B 433 30.29 2.78 39.21
C TYR B 433 31.51 3.62 39.59
N SER B 434 32.34 4.00 38.62
CA SER B 434 33.36 5.01 38.88
C SER B 434 32.89 6.41 38.43
N THR B 435 32.34 6.50 37.23
CA THR B 435 31.93 7.80 36.67
C THR B 435 30.88 8.52 37.53
N PHE B 436 29.93 7.78 38.07
CA PHE B 436 28.87 8.39 38.84
C PHE B 436 28.95 8.00 40.32
N ILE B 437 30.18 7.85 40.81
CA ILE B 437 30.42 7.35 42.15
C ILE B 437 29.74 8.17 43.25
N ASP B 438 29.56 9.48 43.04
CA ASP B 438 28.96 10.31 44.11
C ASP B 438 27.49 9.97 44.30
N TYR B 439 26.86 9.44 43.25
CA TYR B 439 25.49 8.93 43.38
C TYR B 439 25.47 7.48 43.85
N LEU B 440 26.20 6.60 43.18
CA LEU B 440 26.06 5.16 43.40
C LEU B 440 26.64 4.66 44.74
N ASP B 441 27.80 5.20 45.15
CA ASP B 441 28.44 4.74 46.39
C ASP B 441 27.60 4.98 47.67
N PRO B 442 27.07 6.18 47.88
CA PRO B 442 26.25 6.22 49.11
C PRO B 442 24.98 5.36 49.02
N LEU B 443 24.43 5.17 47.81
CA LEU B 443 23.27 4.30 47.61
C LEU B 443 23.62 2.86 48.01
N ILE B 444 24.75 2.41 47.51
CA ILE B 444 25.27 1.09 47.77
C ILE B 444 25.50 0.86 49.27
N CYS B 445 26.21 1.78 49.92
CA CYS B 445 26.48 1.64 51.36
C CYS B 445 25.18 1.57 52.18
N ASP B 446 24.26 2.48 51.87
CA ASP B 446 22.93 2.47 52.47
C ASP B 446 22.19 1.14 52.25
N TYR B 447 21.99 0.75 50.99
CA TYR B 447 21.26 -0.47 50.68
C TYR B 447 21.87 -1.71 51.36
N HIS B 448 23.19 -1.76 51.44
CA HIS B 448 23.86 -2.97 51.87
C HIS B 448 24.30 -2.87 53.32
N GLY B 449 23.92 -1.79 53.97
CA GLY B 449 24.25 -1.60 55.38
C GLY B 449 25.73 -1.56 55.62
N VAL B 450 26.48 -0.94 54.71
CA VAL B 450 27.91 -0.78 54.92
C VAL B 450 28.18 0.38 55.89
N LYS B 451 28.88 0.07 56.98
CA LYS B 451 29.17 1.03 58.05
C LYS B 451 30.42 1.86 57.75
N ASP B 452 31.58 1.20 57.85
CA ASP B 452 32.88 1.88 57.81
C ASP B 452 33.23 2.45 56.42
N SER B 453 33.96 3.56 56.40
CA SER B 453 34.33 4.19 55.14
C SER B 453 35.39 3.37 54.40
N ALA B 454 36.27 2.72 55.17
CA ALA B 454 37.35 1.90 54.61
C ALA B 454 36.86 0.62 53.91
N PHE B 455 35.54 0.42 53.88
CA PHE B 455 34.97 -0.85 53.43
C PHE B 455 35.49 -1.33 52.05
N LYS B 456 35.96 -2.59 52.01
CA LYS B 456 36.20 -3.31 50.76
C LYS B 456 35.57 -4.70 50.82
N HIS B 457 34.81 -5.05 49.78
CA HIS B 457 34.37 -6.43 49.59
C HIS B 457 35.57 -7.36 49.36
N PRO B 458 35.58 -8.55 50.00
CA PRO B 458 36.74 -9.44 49.82
C PRO B 458 36.86 -10.05 48.40
N ALA B 459 38.03 -10.62 48.10
CA ALA B 459 38.29 -11.35 46.86
C ALA B 459 37.39 -12.59 46.71
N PRO B 460 37.31 -13.19 45.51
CA PRO B 460 36.46 -14.37 45.35
C PRO B 460 36.93 -15.51 46.22
N THR B 461 36.02 -16.10 46.99
CA THR B 461 36.41 -17.11 47.95
C THR B 461 35.31 -18.16 48.07
N PHE B 462 35.37 -19.13 47.16
CA PHE B 462 34.33 -20.14 47.02
C PHE B 462 34.47 -21.24 48.06
N GLY B 463 35.71 -21.50 48.46
CA GLY B 463 35.99 -22.51 49.46
C GLY B 463 36.62 -23.72 48.81
N ASP B 464 36.91 -24.72 49.63
CA ASP B 464 37.31 -26.04 49.14
C ASP B 464 36.04 -26.81 48.82
N LEU B 465 35.76 -27.01 47.53
CA LEU B 465 34.49 -27.60 47.13
C LEU B 465 34.40 -29.06 47.58
N SER B 466 35.54 -29.64 47.91
CA SER B 466 35.61 -31.00 48.43
C SER B 466 35.44 -31.10 49.95
N LYS B 467 35.65 -29.99 50.65
CA LYS B 467 35.52 -30.00 52.10
C LYS B 467 34.71 -28.79 52.56
N LEU B 468 33.39 -28.88 52.42
CA LEU B 468 32.51 -27.74 52.65
C LEU B 468 31.86 -27.74 54.04
N PRO B 469 31.67 -26.55 54.62
CA PRO B 469 31.05 -26.35 55.95
C PRO B 469 29.56 -26.64 55.99
N PHE B 470 29.05 -27.32 54.97
CA PHE B 470 27.65 -27.77 54.98
C PHE B 470 27.50 -29.00 54.09
N GLY B 471 26.33 -29.65 54.15
CA GLY B 471 26.06 -30.85 53.38
C GLY B 471 24.60 -30.93 53.00
N ASP B 472 23.93 -31.97 53.48
CA ASP B 472 22.50 -32.15 53.24
C ASP B 472 21.69 -31.61 54.41
N LEU B 473 20.96 -30.53 54.17
CA LEU B 473 20.26 -29.84 55.25
C LEU B 473 19.04 -30.62 55.75
N ASP B 474 18.52 -31.52 54.91
CA ASP B 474 17.32 -32.29 55.23
C ASP B 474 17.31 -33.63 54.50
N PRO B 475 18.11 -34.59 54.98
CA PRO B 475 18.23 -35.91 54.34
C PRO B 475 17.08 -36.87 54.67
N THR B 476 15.92 -36.33 55.05
CA THR B 476 14.72 -37.15 55.29
C THR B 476 13.54 -36.74 54.40
N GLY B 477 13.71 -35.65 53.64
CA GLY B 477 12.69 -35.18 52.71
C GLY B 477 11.52 -34.46 53.39
N LYS B 478 11.61 -34.36 54.71
CA LYS B 478 10.52 -33.82 55.51
C LYS B 478 10.27 -32.32 55.31
N PHE B 479 11.34 -31.55 55.18
CA PHE B 479 11.24 -30.10 55.30
C PHE B 479 11.55 -29.32 54.04
N ILE B 480 12.60 -29.71 53.31
CA ILE B 480 13.02 -28.96 52.13
C ILE B 480 12.56 -29.60 50.81
N VAL B 481 11.78 -28.85 50.04
CA VAL B 481 11.37 -29.28 48.71
C VAL B 481 12.57 -29.27 47.76
N SER B 482 13.25 -28.12 47.67
CA SER B 482 14.39 -27.97 46.77
C SER B 482 15.37 -26.89 47.21
N THR B 483 16.54 -26.90 46.59
CA THR B 483 17.63 -25.99 46.92
C THR B 483 18.21 -25.36 45.65
N ARG B 484 18.51 -24.08 45.73
CA ARG B 484 18.95 -23.30 44.58
C ARG B 484 20.00 -22.27 44.99
N VAL B 485 21.04 -22.11 44.18
CA VAL B 485 22.00 -21.02 44.35
C VAL B 485 22.32 -20.42 42.98
N ARG B 486 22.27 -19.10 42.89
CA ARG B 486 22.58 -18.41 41.63
C ARG B 486 23.52 -17.25 41.84
N VAL B 487 24.17 -16.80 40.76
CA VAL B 487 24.92 -15.55 40.74
C VAL B 487 24.62 -14.79 39.46
N GLY B 488 24.78 -13.46 39.49
CA GLY B 488 24.83 -12.67 38.27
C GLY B 488 26.27 -12.44 37.88
N ARG B 489 26.55 -12.31 36.58
CA ARG B 489 27.89 -11.93 36.09
C ARG B 489 27.75 -10.98 34.91
N SER B 490 28.68 -10.05 34.78
CA SER B 490 28.81 -9.20 33.60
C SER B 490 30.12 -9.52 32.93
N VAL B 491 30.10 -9.47 31.61
CA VAL B 491 31.26 -9.76 30.79
C VAL B 491 32.00 -8.45 30.49
N GLU B 492 33.31 -8.44 30.73
CA GLU B 492 34.09 -7.24 30.43
C GLU B 492 33.97 -6.86 28.97
N GLY B 493 33.96 -5.55 28.72
CA GLY B 493 33.96 -5.01 27.37
C GLY B 493 32.60 -4.80 26.73
N PHE B 494 31.52 -5.04 27.48
CA PHE B 494 30.18 -4.89 26.92
C PHE B 494 29.30 -3.97 27.75
N LEU B 495 28.52 -3.14 27.08
CA LEU B 495 27.41 -2.44 27.72
C LEU B 495 26.40 -3.43 28.30
N PHE B 496 25.74 -3.03 29.37
CA PHE B 496 24.75 -3.85 30.06
C PHE B 496 23.44 -3.99 29.26
N PRO B 497 22.60 -5.00 29.58
CA PRO B 497 21.39 -5.26 28.78
C PRO B 497 20.37 -4.12 28.74
N THR B 498 20.56 -3.11 29.59
CA THR B 498 19.74 -1.90 29.57
C THR B 498 19.93 -1.08 28.26
N ILE B 499 21.17 -0.64 27.98
CA ILE B 499 21.36 0.30 26.87
C ILE B 499 22.13 -0.23 25.67
N MET B 500 22.60 -1.45 25.74
CA MET B 500 23.46 -2.00 24.70
C MET B 500 22.72 -2.09 23.34
N SER B 501 23.48 -2.07 22.25
CA SER B 501 22.88 -2.17 20.92
C SER B 501 22.55 -3.59 20.52
N LYS B 502 21.76 -3.69 19.45
CA LYS B 502 21.42 -4.97 18.85
C LYS B 502 22.68 -5.78 18.51
N THR B 503 23.60 -5.10 17.85
CA THR B 503 24.89 -5.67 17.47
C THR B 503 25.72 -6.06 18.70
N ASP B 504 25.59 -5.30 19.79
CA ASP B 504 26.26 -5.68 21.02
C ASP B 504 25.69 -7.00 21.52
N ARG B 505 24.38 -7.18 21.37
CA ARG B 505 23.73 -8.40 21.87
C ARG B 505 24.13 -9.62 21.05
N ILE B 506 24.21 -9.43 19.75
CA ILE B 506 24.62 -10.51 18.86
C ILE B 506 26.02 -10.98 19.22
N LYS B 507 26.95 -10.04 19.31
CA LYS B 507 28.34 -10.36 19.63
C LYS B 507 28.46 -11.00 21.03
N LEU B 508 27.77 -10.45 22.03
CA LEU B 508 27.81 -10.99 23.39
C LEU B 508 27.26 -12.42 23.46
N GLU B 509 26.13 -12.66 22.82
CA GLU B 509 25.55 -14.00 22.69
C GLU B 509 26.52 -15.01 22.07
N GLN B 510 27.22 -14.61 21.01
CA GLN B 510 28.20 -15.52 20.39
C GLN B 510 29.31 -15.91 21.37
N VAL B 511 29.80 -14.95 22.17
CA VAL B 511 30.81 -15.21 23.22
C VAL B 511 30.28 -16.15 24.30
N ILE B 512 29.12 -15.84 24.87
CA ILE B 512 28.58 -16.66 25.94
C ILE B 512 28.11 -18.04 25.48
N SER B 513 27.35 -18.11 24.38
CA SER B 513 26.81 -19.40 23.96
C SER B 513 27.91 -20.34 23.48
N GLY B 514 29.01 -19.78 22.95
CA GLY B 514 30.12 -20.60 22.50
C GLY B 514 30.71 -21.38 23.66
N ALA B 515 30.81 -20.68 24.78
CA ALA B 515 31.32 -21.25 26.00
C ALA B 515 30.36 -22.30 26.57
N LEU B 516 29.06 -22.04 26.51
CA LEU B 516 28.05 -22.94 27.09
C LEU B 516 27.90 -24.23 26.30
N LYS B 517 28.00 -24.11 24.99
CA LYS B 517 27.97 -25.26 24.11
C LYS B 517 29.15 -26.23 24.35
N GLY B 518 30.24 -25.72 24.90
CA GLY B 518 31.41 -26.56 25.13
C GLY B 518 31.54 -27.07 26.55
N LEU B 519 30.53 -26.79 27.39
CA LEU B 519 30.54 -27.30 28.75
C LEU B 519 30.40 -28.81 28.74
N THR B 520 31.10 -29.48 29.65
CA THR B 520 31.15 -30.94 29.60
C THR B 520 30.70 -31.55 30.91
N GLY B 521 30.56 -32.88 30.91
CA GLY B 521 30.23 -33.60 32.13
C GLY B 521 28.83 -33.30 32.62
N GLU B 522 28.74 -32.99 33.90
CA GLU B 522 27.49 -32.65 34.58
C GLU B 522 26.89 -31.35 34.03
N HIS B 523 27.74 -30.52 33.43
CA HIS B 523 27.31 -29.22 32.95
C HIS B 523 26.96 -29.22 31.46
N ALA B 524 27.22 -30.34 30.77
CA ALA B 524 26.86 -30.48 29.36
C ALA B 524 25.35 -30.29 29.16
N GLY B 525 24.95 -29.56 28.14
CA GLY B 525 23.55 -29.31 27.94
C GLY B 525 23.30 -28.64 26.62
N THR B 526 22.18 -27.95 26.53
CA THR B 526 21.73 -27.38 25.26
C THR B 526 21.50 -25.88 25.40
N TYR B 527 21.97 -25.10 24.42
CA TYR B 527 21.62 -23.67 24.40
C TYR B 527 20.37 -23.38 23.55
N TYR B 528 19.35 -22.77 24.13
CA TYR B 528 18.13 -22.42 23.39
C TYR B 528 18.04 -20.91 23.09
N PRO B 529 18.46 -20.49 21.90
CA PRO B 529 18.27 -19.07 21.57
C PRO B 529 16.80 -18.70 21.51
N LEU B 530 16.44 -17.55 22.06
CA LEU B 530 15.05 -17.12 22.04
C LEU B 530 14.59 -16.71 20.64
N THR B 531 15.52 -16.31 19.78
CA THR B 531 15.10 -15.72 18.51
C THR B 531 14.33 -16.72 17.64
N ASP B 532 15.03 -17.65 17.02
CA ASP B 532 14.30 -18.64 16.23
C ASP B 532 14.08 -19.91 17.05
N MET B 533 13.17 -19.81 18.01
CA MET B 533 12.95 -20.92 18.92
C MET B 533 11.77 -21.76 18.46
N LYS B 534 12.00 -23.07 18.31
CA LYS B 534 10.90 -24.00 18.03
C LYS B 534 9.86 -23.92 19.14
N GLU B 535 8.59 -23.85 18.74
CA GLU B 535 7.47 -23.75 19.67
C GLU B 535 7.43 -24.90 20.68
N GLU B 536 7.83 -26.09 20.24
CA GLU B 536 7.91 -27.27 21.12
C GLU B 536 8.89 -27.03 22.27
N ASP B 537 10.09 -26.59 21.92
CA ASP B 537 11.11 -26.22 22.91
C ASP B 537 10.59 -25.14 23.85
N ARG B 538 9.81 -24.20 23.30
CA ARG B 538 9.28 -23.08 24.08
C ARG B 538 8.32 -23.54 25.17
N LYS B 539 7.33 -24.35 24.79
CA LYS B 539 6.32 -24.90 25.71
C LYS B 539 6.89 -25.80 26.83
N GLN B 540 7.92 -26.58 26.52
CA GLN B 540 8.57 -27.36 27.57
C GLN B 540 9.27 -26.42 28.56
N LEU B 541 10.04 -25.45 28.06
CA LEU B 541 10.69 -24.46 28.93
C LEU B 541 9.67 -23.72 29.80
N VAL B 542 8.52 -23.38 29.21
CA VAL B 542 7.47 -22.73 29.97
C VAL B 542 6.93 -23.67 31.05
N GLU B 543 6.57 -24.90 30.66
CA GLU B 543 6.09 -25.91 31.62
C GLU B 543 7.11 -26.19 32.73
N ASP B 544 8.39 -26.07 32.40
CA ASP B 544 9.47 -26.29 33.35
C ASP B 544 9.77 -25.09 34.27
N HIS B 545 8.97 -24.03 34.19
CA HIS B 545 9.26 -22.76 34.87
C HIS B 545 10.66 -22.24 34.60
N PHE B 546 11.05 -22.24 33.32
CA PHE B 546 12.43 -21.96 32.95
C PHE B 546 12.59 -20.78 31.99
N LEU B 547 11.57 -20.53 31.17
CA LEU B 547 11.66 -19.45 30.19
C LEU B 547 11.58 -18.07 30.87
N PHE B 548 12.30 -17.09 30.33
CA PHE B 548 11.97 -15.71 30.64
C PHE B 548 11.45 -15.01 29.38
N LYS B 549 10.61 -14.00 29.60
CA LYS B 549 9.94 -13.25 28.55
C LYS B 549 10.05 -11.75 28.85
N ASN B 550 9.49 -10.91 27.96
CA ASN B 550 9.57 -9.45 28.11
C ASN B 550 8.37 -8.82 28.83
N ASP B 551 8.15 -9.16 30.10
CA ASP B 551 6.90 -8.74 30.74
C ASP B 551 7.04 -7.95 32.04
N ASP B 552 8.26 -7.67 32.47
CA ASP B 552 8.49 -6.87 33.66
C ASP B 552 8.68 -5.40 33.28
N PRO B 553 7.74 -4.54 33.69
CA PRO B 553 7.76 -3.09 33.39
C PRO B 553 9.03 -2.37 33.85
N VAL B 554 9.58 -2.83 34.97
CA VAL B 554 10.74 -2.17 35.55
C VAL B 554 11.96 -2.43 34.67
N LEU B 555 12.21 -3.69 34.31
CA LEU B 555 13.31 -3.97 33.39
C LEU B 555 13.04 -3.37 32.01
N ARG B 556 11.77 -3.34 31.62
CA ARG B 556 11.37 -2.77 30.35
C ARG B 556 11.79 -1.30 30.24
N ASP B 557 11.44 -0.52 31.23
CA ASP B 557 11.68 0.91 31.16
C ASP B 557 13.15 1.27 31.32
N ALA B 558 13.95 0.31 31.80
CA ALA B 558 15.40 0.46 31.86
C ALA B 558 16.07 0.15 30.52
N GLY B 559 15.31 -0.41 29.59
CA GLY B 559 15.82 -0.75 28.28
C GLY B 559 16.07 -2.25 28.06
N GLY B 560 15.81 -3.05 29.08
CA GLY B 560 16.15 -4.46 29.02
C GLY B 560 15.52 -5.29 27.90
N TYR B 561 14.40 -4.83 27.32
CA TYR B 561 13.72 -5.63 26.32
C TYR B 561 13.80 -5.09 24.89
N ARG B 562 14.79 -4.26 24.60
CA ARG B 562 14.92 -3.65 23.27
C ARG B 562 15.51 -4.63 22.25
N ASP B 563 15.13 -4.45 20.99
CA ASP B 563 15.49 -5.37 19.91
C ASP B 563 15.22 -6.82 20.30
N TRP B 564 14.05 -7.03 20.88
CA TRP B 564 13.57 -8.32 21.34
C TRP B 564 13.35 -9.27 20.18
N PRO B 565 13.73 -10.56 20.35
CA PRO B 565 14.51 -11.10 21.47
C PRO B 565 15.96 -11.40 21.09
N VAL B 566 16.58 -10.54 20.28
CA VAL B 566 17.95 -10.77 19.78
C VAL B 566 18.97 -10.93 20.91
N GLY B 567 19.71 -12.03 20.86
CA GLY B 567 20.83 -12.24 21.76
C GLY B 567 20.44 -12.79 23.11
N ARG B 568 19.16 -13.11 23.27
CA ARG B 568 18.64 -13.70 24.53
C ARG B 568 18.59 -15.22 24.42
N GLY B 569 18.80 -15.92 25.53
CA GLY B 569 18.71 -17.37 25.51
C GLY B 569 18.65 -18.06 26.85
N ILE B 570 18.31 -19.34 26.80
CA ILE B 570 18.36 -20.22 27.96
C ILE B 570 19.28 -21.41 27.68
N PHE B 571 20.12 -21.73 28.65
CA PHE B 571 20.91 -22.93 28.60
C PHE B 571 20.57 -23.74 29.85
N HIS B 572 20.40 -25.05 29.70
CA HIS B 572 20.36 -25.93 30.85
C HIS B 572 21.09 -27.23 30.54
N ASN B 573 21.63 -27.88 31.55
CA ASN B 573 22.13 -29.22 31.32
C ASN B 573 20.94 -30.18 31.14
N ASN B 574 21.25 -31.43 30.85
CA ASN B 574 20.24 -32.41 30.52
C ASN B 574 19.34 -32.75 31.73
N SER B 575 19.90 -32.76 32.94
CA SER B 575 19.10 -33.12 34.13
C SER B 575 18.33 -31.94 34.70
N LYS B 576 18.54 -30.77 34.08
CA LYS B 576 17.89 -29.52 34.46
C LYS B 576 18.27 -29.08 35.88
N THR B 577 19.55 -29.27 36.22
CA THR B 577 20.06 -28.91 37.54
C THR B 577 21.07 -27.76 37.48
N PHE B 578 21.39 -27.33 36.26
CA PHE B 578 22.28 -26.21 36.01
C PHE B 578 21.69 -25.41 34.85
N LEU B 579 21.49 -24.11 35.05
CA LEU B 579 20.87 -23.26 34.03
C LEU B 579 21.54 -21.91 33.93
N VAL B 580 21.66 -21.40 32.72
CA VAL B 580 22.16 -20.05 32.50
C VAL B 580 21.15 -19.22 31.70
N TRP B 581 20.78 -18.06 32.22
CA TRP B 581 19.97 -17.10 31.47
C TRP B 581 20.90 -16.13 30.76
N VAL B 582 20.80 -16.02 29.43
CA VAL B 582 21.68 -15.12 28.71
C VAL B 582 21.00 -13.79 28.38
N CYS B 583 21.58 -12.72 28.91
CA CYS B 583 21.22 -11.33 28.59
C CYS B 583 19.78 -10.98 28.99
N GLU B 584 19.41 -11.31 30.23
CA GLU B 584 18.16 -10.82 30.78
C GLU B 584 18.44 -9.48 31.50
N GLU B 585 18.50 -9.46 32.84
CA GLU B 585 18.84 -8.22 33.56
C GLU B 585 20.34 -7.97 33.49
N ASP B 586 21.11 -9.01 33.82
CA ASP B 586 22.56 -9.00 33.66
C ASP B 586 23.00 -9.79 32.43
N HIS B 587 24.27 -9.68 32.05
CA HIS B 587 24.79 -10.46 30.94
C HIS B 587 24.52 -11.98 31.14
N MET B 588 24.71 -12.47 32.36
CA MET B 588 24.37 -13.86 32.68
C MET B 588 23.72 -14.01 34.05
N ARG B 589 22.72 -14.87 34.16
CA ARG B 589 22.35 -15.38 35.47
C ARG B 589 22.68 -16.88 35.47
N ILE B 590 23.48 -17.31 36.44
CA ILE B 590 24.03 -18.66 36.46
C ILE B 590 23.42 -19.41 37.64
N ILE B 591 22.72 -20.52 37.38
CA ILE B 591 21.86 -21.12 38.40
C ILE B 591 22.11 -22.60 38.61
N SER B 592 22.21 -23.00 39.87
CA SER B 592 22.25 -24.41 40.21
C SER B 592 21.08 -24.77 41.13
N MET B 593 20.40 -25.86 40.83
CA MET B 593 19.22 -26.23 41.60
C MET B 593 18.97 -27.73 41.52
N GLN B 594 18.24 -28.26 42.51
CA GLN B 594 17.77 -29.64 42.48
C GLN B 594 16.76 -29.86 43.60
N GLN B 595 15.97 -30.92 43.51
CA GLN B 595 15.03 -31.22 44.58
C GLN B 595 15.76 -31.81 45.78
N GLY B 596 15.18 -31.65 46.96
CA GLY B 596 15.81 -32.08 48.20
C GLY B 596 16.59 -30.96 48.87
N GLY B 597 17.46 -31.32 49.81
CA GLY B 597 18.20 -30.33 50.58
C GLY B 597 19.70 -30.47 50.58
N ASN B 598 20.25 -31.04 49.52
CA ASN B 598 21.71 -31.16 49.43
C ASN B 598 22.36 -29.88 48.93
N LEU B 599 22.50 -28.91 49.83
CA LEU B 599 23.10 -27.63 49.50
C LEU B 599 24.53 -27.81 49.01
N ALA B 600 25.24 -28.76 49.60
CA ALA B 600 26.62 -29.01 49.23
C ALA B 600 26.70 -29.29 47.74
N ALA B 601 25.87 -30.21 47.27
CA ALA B 601 25.88 -30.66 45.88
C ALA B 601 25.50 -29.54 44.91
N VAL B 602 24.46 -28.77 45.25
CA VAL B 602 24.00 -27.66 44.43
C VAL B 602 25.05 -26.57 44.30
N TYR B 603 25.63 -26.19 45.43
CA TYR B 603 26.69 -25.20 45.49
C TYR B 603 27.92 -25.63 44.71
N LYS B 604 28.26 -26.92 44.80
CA LYS B 604 29.46 -27.41 44.14
C LYS B 604 29.28 -27.35 42.63
N ARG B 605 28.11 -27.77 42.17
CA ARG B 605 27.79 -27.70 40.75
C ARG B 605 27.82 -26.24 40.26
N LEU B 606 27.31 -25.31 41.09
CA LEU B 606 27.36 -23.90 40.72
C LEU B 606 28.78 -23.40 40.48
N ILE B 607 29.70 -23.64 41.41
CA ILE B 607 31.04 -23.05 41.32
C ILE B 607 31.83 -23.61 40.12
N GLU B 608 31.83 -24.93 39.97
CA GLU B 608 32.41 -25.59 38.79
C GLU B 608 31.89 -24.98 37.50
N GLY B 609 30.57 -24.74 37.46
CA GLY B 609 29.96 -24.11 36.30
C GLY B 609 30.44 -22.69 36.04
N ILE B 610 30.48 -21.86 37.07
CA ILE B 610 30.97 -20.48 36.95
C ILE B 610 32.41 -20.46 36.46
N ASN B 611 33.26 -21.25 37.11
CA ASN B 611 34.68 -21.35 36.72
C ASN B 611 34.83 -21.78 35.27
N ALA B 612 34.09 -22.80 34.86
CA ALA B 612 34.17 -23.33 33.50
C ALA B 612 33.77 -22.27 32.46
N ILE B 613 32.75 -21.47 32.77
CA ILE B 613 32.31 -20.41 31.87
C ILE B 613 33.41 -19.38 31.83
N GLY B 614 34.03 -19.18 32.99
CA GLY B 614 35.08 -18.19 33.15
C GLY B 614 36.37 -18.39 32.36
N LYS B 615 36.60 -19.59 31.85
CA LYS B 615 37.80 -19.85 31.03
C LYS B 615 37.69 -19.08 29.74
N SER B 616 36.47 -18.76 29.31
CA SER B 616 36.29 -18.14 28.01
C SER B 616 36.13 -16.60 28.04
N MET B 617 36.06 -16.01 29.21
CA MET B 617 35.79 -14.58 29.29
C MET B 617 36.10 -14.03 30.66
N LYS B 618 36.35 -12.73 30.75
CA LYS B 618 36.58 -12.11 32.05
C LYS B 618 35.30 -11.48 32.61
N PHE B 619 35.02 -11.76 33.87
CA PHE B 619 33.89 -11.18 34.59
C PHE B 619 34.23 -9.79 35.14
N ALA B 620 33.31 -8.84 34.99
CA ALA B 620 33.56 -7.47 35.44
C ALA B 620 33.68 -7.42 36.96
N HIS B 621 34.76 -6.86 37.47
CA HIS B 621 35.02 -6.93 38.91
C HIS B 621 35.71 -5.64 39.38
N SER B 622 35.34 -5.14 40.57
CA SER B 622 36.05 -3.98 41.14
C SER B 622 36.57 -4.29 42.54
N ASP B 623 37.71 -3.68 42.86
CA ASP B 623 38.36 -3.84 44.15
C ASP B 623 37.43 -3.40 45.29
N LYS B 624 36.49 -2.51 44.97
CA LYS B 624 35.56 -1.97 45.97
C LYS B 624 34.21 -2.73 46.07
N TYR B 625 33.63 -3.12 44.94
CA TYR B 625 32.26 -3.66 44.96
C TYR B 625 32.14 -5.16 44.66
N GLY B 626 33.26 -5.79 44.33
CA GLY B 626 33.24 -7.20 43.96
C GLY B 626 32.75 -7.41 42.52
N TYR B 627 31.92 -8.43 42.33
CA TYR B 627 31.41 -8.68 41.00
C TYR B 627 30.42 -7.57 40.63
N ILE B 628 30.61 -6.99 39.45
CA ILE B 628 29.86 -5.82 39.03
C ILE B 628 28.55 -6.21 38.34
N THR B 629 27.43 -5.71 38.84
CA THR B 629 26.14 -6.04 38.25
C THR B 629 25.37 -4.81 37.78
N CYS B 630 24.40 -5.05 36.91
CA CYS B 630 23.54 -4.00 36.39
C CYS B 630 22.88 -3.19 37.53
N CYS B 631 22.22 -3.90 38.45
CA CYS B 631 21.58 -3.29 39.62
C CYS B 631 22.54 -3.32 40.80
N PRO B 632 22.68 -2.19 41.52
CA PRO B 632 23.63 -2.17 42.65
C PRO B 632 23.23 -3.12 43.79
N SER B 633 21.99 -3.61 43.79
CA SER B 633 21.53 -4.55 44.81
C SER B 633 22.17 -5.93 44.66
N ASN B 634 22.82 -6.16 43.52
CA ASN B 634 23.41 -7.47 43.26
C ASN B 634 24.93 -7.47 43.21
N LEU B 635 25.58 -6.53 43.86
CA LEU B 635 27.04 -6.46 43.80
C LEU B 635 27.71 -7.46 44.76
N GLY B 636 29.03 -7.59 44.67
CA GLY B 636 29.77 -8.38 45.65
C GLY B 636 29.97 -9.83 45.27
N THR B 637 29.27 -10.71 45.98
CA THR B 637 29.15 -12.12 45.56
C THR B 637 28.11 -12.25 44.44
N SER B 638 27.14 -11.35 44.47
CA SER B 638 25.95 -11.43 43.59
C SER B 638 25.21 -12.76 43.75
N MET B 639 25.28 -13.34 44.95
CA MET B 639 24.85 -14.70 45.16
C MET B 639 23.62 -14.80 46.04
N ARG B 640 22.64 -15.57 45.58
CA ARG B 640 21.44 -15.85 46.35
C ARG B 640 21.29 -17.35 46.50
N ALA B 641 21.42 -17.84 47.73
CA ALA B 641 21.23 -19.25 48.04
C ALA B 641 19.91 -19.47 48.78
N SER B 642 19.08 -20.36 48.25
CA SER B 642 17.70 -20.48 48.70
C SER B 642 17.23 -21.92 48.90
N VAL B 643 16.26 -22.11 49.78
CA VAL B 643 15.55 -23.37 49.86
C VAL B 643 14.05 -23.11 49.88
N LEU B 644 13.29 -24.06 49.35
CA LEU B 644 11.86 -24.06 49.58
C LEU B 644 11.61 -24.99 50.77
N LEU B 645 11.16 -24.40 51.87
CA LEU B 645 11.10 -25.10 53.14
C LEU B 645 9.67 -25.27 53.66
N LYS B 646 9.31 -26.50 53.99
CA LYS B 646 8.01 -26.80 54.60
C LYS B 646 8.09 -26.74 56.13
N ILE B 647 7.58 -25.65 56.71
CA ILE B 647 7.51 -25.49 58.16
C ILE B 647 6.15 -24.97 58.60
N PRO B 648 5.12 -25.83 58.58
CA PRO B 648 3.76 -25.43 58.93
C PRO B 648 3.63 -24.90 60.37
N LYS B 649 4.13 -25.64 61.34
CA LYS B 649 4.12 -25.18 62.73
C LYS B 649 4.74 -23.78 62.83
N LEU B 650 6.00 -23.63 62.39
CA LEU B 650 6.67 -22.34 62.49
C LEU B 650 6.45 -21.49 61.22
N SER B 651 5.24 -21.51 60.69
CA SER B 651 4.93 -20.68 59.53
C SER B 651 4.05 -19.51 59.89
N SER B 652 2.94 -19.79 60.57
CA SER B 652 1.94 -18.75 60.75
C SER B 652 2.17 -17.97 62.02
N GLN B 653 3.40 -17.52 62.21
CA GLN B 653 3.60 -16.52 63.23
C GLN B 653 4.08 -15.26 62.54
N PRO B 654 3.44 -14.13 62.86
CA PRO B 654 3.70 -12.90 62.14
C PRO B 654 5.18 -12.52 62.27
N LYS B 655 5.61 -12.33 63.51
CA LYS B 655 6.93 -11.82 63.79
C LYS B 655 7.73 -12.79 64.70
N LYS B 656 7.21 -13.99 64.93
CA LYS B 656 7.95 -15.03 65.68
C LYS B 656 8.81 -15.85 64.72
N LEU B 657 8.59 -15.62 63.44
CA LEU B 657 9.45 -16.12 62.37
C LEU B 657 10.52 -15.08 62.06
N ASP B 658 10.16 -13.81 62.26
CA ASP B 658 11.07 -12.69 62.00
C ASP B 658 12.30 -12.67 62.89
N GLU B 659 12.22 -13.32 64.05
CA GLU B 659 13.30 -13.22 65.02
C GLU B 659 14.49 -14.07 64.60
N ILE B 660 14.23 -15.21 63.97
CA ILE B 660 15.31 -16.07 63.49
C ILE B 660 15.85 -15.57 62.14
N CYS B 661 14.99 -14.93 61.35
CA CYS B 661 15.39 -14.28 60.11
C CYS B 661 16.25 -13.04 60.38
N ALA B 662 15.90 -12.30 61.44
CA ALA B 662 16.72 -11.18 61.86
C ALA B 662 18.09 -11.67 62.35
N LYS B 663 18.07 -12.77 63.09
CA LYS B 663 19.29 -13.34 63.69
C LYS B 663 20.32 -13.82 62.67
N TYR B 664 19.90 -14.69 61.76
CA TYR B 664 20.82 -15.26 60.78
C TYR B 664 20.86 -14.45 59.48
N MET B 665 20.23 -13.29 59.49
CA MET B 665 20.12 -12.43 58.31
C MET B 665 19.65 -13.19 57.08
N LEU B 666 18.51 -13.86 57.22
CA LEU B 666 17.83 -14.49 56.11
C LEU B 666 16.67 -13.61 55.67
N GLN B 667 16.21 -13.82 54.45
CA GLN B 667 15.00 -13.19 53.96
C GLN B 667 13.96 -14.29 53.70
N ALA B 668 12.67 -13.96 53.81
CA ALA B 668 11.62 -14.95 53.54
C ALA B 668 10.51 -14.39 52.64
N ARG B 669 10.08 -15.21 51.69
CA ARG B 669 8.96 -14.87 50.81
C ARG B 669 7.97 -16.04 50.71
N GLY B 670 6.74 -15.74 50.27
CA GLY B 670 5.71 -16.75 50.14
C GLY B 670 5.35 -17.06 48.69
N GLY B 681 2.21 -23.66 54.56
CA GLY B 681 3.26 -22.98 55.31
C GLY B 681 4.66 -23.17 54.75
N THR B 682 4.77 -23.15 53.43
CA THR B 682 6.05 -23.36 52.77
C THR B 682 6.70 -22.02 52.50
N TYR B 683 8.04 -21.98 52.54
CA TYR B 683 8.76 -20.72 52.44
C TYR B 683 10.03 -20.76 51.58
N ASP B 684 10.20 -19.72 50.78
CA ASP B 684 11.48 -19.49 50.13
C ASP B 684 12.40 -18.75 51.11
N ILE B 685 13.35 -19.48 51.69
CA ILE B 685 14.34 -18.91 52.60
C ILE B 685 15.66 -18.70 51.87
N SER B 686 16.21 -17.50 51.96
CA SER B 686 17.48 -17.20 51.30
C SER B 686 18.35 -16.30 52.19
N ASN B 687 19.63 -16.18 51.84
CA ASN B 687 20.49 -15.18 52.47
C ASN B 687 20.13 -13.76 52.02
N LYS B 688 20.11 -12.84 52.98
CA LYS B 688 19.81 -11.44 52.69
C LYS B 688 21.00 -10.68 52.08
N ARG B 689 22.20 -11.02 52.52
CA ARG B 689 23.39 -10.22 52.19
C ARG B 689 24.09 -10.63 50.89
N ARG B 690 24.66 -9.64 50.20
CA ARG B 690 25.33 -9.87 48.94
C ARG B 690 26.78 -9.39 48.95
N LEU B 691 26.99 -8.31 49.70
CA LEU B 691 28.17 -7.50 49.64
C LEU B 691 28.78 -7.47 51.03
N GLY B 692 30.08 -7.74 51.13
CA GLY B 692 30.76 -7.60 52.40
C GLY B 692 30.93 -8.93 53.12
N LEU B 693 30.70 -10.02 52.38
CA LEU B 693 31.01 -11.37 52.83
C LEU B 693 31.45 -12.22 51.63
N THR B 694 32.08 -13.36 51.90
CA THR B 694 32.51 -14.26 50.85
C THR B 694 31.33 -15.08 50.33
N GLU B 695 31.53 -15.74 49.20
CA GLU B 695 30.54 -16.66 48.66
C GLU B 695 30.25 -17.78 49.65
N LEU B 696 31.33 -18.34 50.20
CA LEU B 696 31.22 -19.39 51.19
C LEU B 696 30.37 -18.95 52.39
N GLN B 697 30.59 -17.73 52.88
CA GLN B 697 29.83 -17.25 54.02
C GLN B 697 28.34 -17.06 53.70
N ALA B 698 28.05 -16.52 52.52
CA ALA B 698 26.67 -16.40 52.05
C ALA B 698 25.91 -17.75 52.13
N ALA B 699 26.47 -18.78 51.50
CA ALA B 699 25.83 -20.09 51.46
C ALA B 699 25.72 -20.64 52.88
N HIS B 700 26.83 -20.53 53.62
CA HIS B 700 26.90 -21.01 54.99
C HIS B 700 25.88 -20.35 55.91
N GLU B 701 25.70 -19.03 55.76
CA GLU B 701 24.71 -18.30 56.54
C GLU B 701 23.31 -18.87 56.30
N MET B 702 22.98 -19.13 55.04
CA MET B 702 21.68 -19.69 54.71
C MET B 702 21.57 -21.07 55.36
N ALA B 703 22.61 -21.90 55.20
CA ALA B 703 22.60 -23.27 55.72
C ALA B 703 22.38 -23.32 57.24
N GLU B 704 23.06 -22.44 57.96
CA GLU B 704 22.97 -22.40 59.42
C GLU B 704 21.60 -21.93 59.88
N GLY B 705 21.13 -20.83 59.32
CA GLY B 705 19.82 -20.28 59.66
C GLY B 705 18.69 -21.23 59.32
N VAL B 706 18.86 -21.99 58.24
CA VAL B 706 17.83 -22.94 57.82
C VAL B 706 17.82 -24.20 58.70
N ALA B 707 19.00 -24.73 59.03
CA ALA B 707 19.07 -25.93 59.88
C ALA B 707 18.66 -25.61 61.32
N LYS B 708 18.80 -24.35 61.73
CA LYS B 708 18.24 -23.91 63.00
C LYS B 708 16.72 -23.83 62.86
N MET B 709 16.29 -23.34 61.71
CA MET B 709 14.87 -23.21 61.40
C MET B 709 14.18 -24.58 61.29
N ILE B 710 14.92 -25.63 60.93
CA ILE B 710 14.34 -26.98 60.86
C ILE B 710 14.27 -27.61 62.26
N GLU B 711 15.25 -27.27 63.10
CA GLU B 711 15.39 -27.88 64.40
C GLU B 711 14.29 -27.34 65.32
N ILE B 712 13.97 -26.07 65.14
CA ILE B 712 12.87 -25.42 65.86
C ILE B 712 11.50 -25.96 65.44
N GLU B 713 11.37 -26.33 64.16
CA GLU B 713 10.11 -26.83 63.63
C GLU B 713 9.65 -28.10 64.34
N LYS B 714 10.61 -28.95 64.68
CA LYS B 714 10.33 -30.16 65.45
C LYS B 714 9.88 -29.81 66.87
N GLY B 715 10.48 -28.77 67.42
CA GLY B 715 10.20 -28.34 68.78
C GLY B 715 8.74 -28.06 69.09
N LEU B 716 8.19 -27.03 68.46
CA LEU B 716 6.80 -26.63 68.72
C LEU B 716 5.81 -27.49 67.95
#